data_7ZGQ
#
_entry.id   7ZGQ
#
_cell.length_a   1.00
_cell.length_b   1.00
_cell.length_c   1.00
_cell.angle_alpha   90.00
_cell.angle_beta   90.00
_cell.angle_gamma   90.00
#
_symmetry.space_group_name_H-M   'P 1'
#
loop_
_entity.id
_entity.type
_entity.pdbx_description
1 polymer 'Cleavage factor two protein 2'
2 polymer 'Protein CFT1'
3 polymer "mRNA 3'-end-processing protein YTH1"
4 polymer 'Polyadenylation factor subunit 2'
#
loop_
_entity_poly.entity_id
_entity_poly.type
_entity_poly.pdbx_seq_one_letter_code
_entity_poly.pdbx_strand_id
1 'polypeptide(L)'
;MTYKYNCCDDGSGTTVGSVVRFDNVTLLIDPGWNPSKVSYEQCIKYWEKVIPEIDVIILSQPTIECLGAHSLLYYNFTSH
FISRIQVYATLPVINLGRVSTIDSYASAGVIGPYDTNKLDLEDIEISFDHIVPLKYSQLVDLRSRYDGLTLLAYNAGVCP
GGSIWCISTYSEKLVYAKRWNHTRDNILNAASILDATGKPLSTLMRPSAIITTLDRFGSSQPFKKRSKIFKDTLKKGLSS
DGSVIIPVDMSGKFLDLFTQVHELLFESTKINAHTQVPVLILSYARGRTLTYAKSMLEWLSPSLLKTWENRNNTSPFEIG
SRIKIIAPNELSKYPGSKICFVSEVGALINEVIIKVGNSEKTTLILTKPSFECASSLDKILEIVEQDERNWKTFPEDGKS
FLCDNYISIDTIKEEPLSKEETEAFKVQLKEKKRDRNKKILLVKRESKKLANGNAIIDDTNGERAMRNQDILVENVNGVP
PIDHIMGGDEDDDEEEENDNLLNLLKDNSEKSAAKKNTEVPVDIIIQPSAASKHKMFPFNPAKIKKDDYGTVVDFTMFLP
DDSDNVNQNSRKRPLKDGAKTTSPVNEEDNKNEEEDGYNMSDPISKRSKHRASRYSGFSGTGEAENFDNLDYLKIDKTLS
KRTISTVNVQLKCSVVILNLQSLVDQRSASIIWPSLKSRKIVLSAPKQIQNEEITAKLIKKNIEVVNMPLNKIVEFSTTI
;
C
2 'polypeptide(L)'
;MNVYDDVLDATVVSHSLATHFTTSDYEELLVVRTNILSVYRPTRDGKLYLTDEFKFHGLITDIGLIPQKDSPLSCLLLCT
GVAKISILKFNTLTNSIDTLSLHYYEGKFKGKSLVELAKISTLRMDPGSSCALLFNNDIIAFLPFHVNKNDDDEEEEDED
ENIDDSELIHSMNQKSQGTNTFNKRKRTKLGDKFTAPSVVLVASELYEGAKNIIDIQFLKNFTKPTIALLYQPKLVWAGN
TTISKLPTQYVILTLNIQPAESATKIESTTIAFVKELPWDLHTIVPVSNGAIIVGTNELAFLDNTGVLQSTVLLNSFADK
ELQKTKIINNSSLEIMFREKNTTSIWIPSSKSKNGGSNNDETLLLMDLKSNIYYIQMEAEGRLLIKFDIFKLPIVNDLLK
ENSNPKCITRLNATNSNKNMDLFIGFGSGNALVLRLNNLKSTIETREAHNPSSGTNSLMDINDDDDEEMDDLYADEAPEN
GLTTNDSKGTVETVQPFDIELLSSLRNVGPITSLTVGKVSSIDDVVKGLPNPNKNEYSLVATSGNGSGSHLTVIQTSVQP
EIELALKFISITQIWNLKIKGRDRYLITTDSTKSRSDIYESDNNFKLHKGGRLRRDATTVYISMFGEEKRIIQVTTNHLY
LYDTHFRRLTTIKFDYEVIHVSVMDPYILVTVSRGDIKIFELEEKNKRKLLKVDLPEILNEMVITSGLILKSNMCNEFLI
GLSKSQEEQLLFTFVTADNQIIFFTKDHNDRIFQLNGVDQLNESLYISTYQLGDEIVPDPSIKQVMINKLGHDNKEEYLT
ILTFGGEIYQYRKLPQRRSRFYRNVTRNDLAITGAPDNAYAKGVSSIERIMHYFPDYNGYSVIFVTGSVPYILIKEDDST
PKIFKFGNIPLVSVTPWSERSVMCVDDIKNARVYTLTTDNMYYGNKLPLKQIKISNVLDDYKTLQKLVYHERAQLFLVSY
CKRVPYEALGEDGEKVIGYDENVPHAEGFQSGILLINPKSWKVIDKIDFPKNSVVNEMRSSMIQINSKTKRKREYIIAGV
ANATTEDTPPTGAFHIYDVIEVVPEPGKPDTNYKLKEIFQEEVSGTVSTVCEVSGRFMISQSQKVLVRDIQEDNSVIPVA
FLDIPVFVTDSKSFGNLLIIGDAMQGFQFIGFDAEPYRMISLGRSMSKFQTMSLEFLVNGGDMYFAATDADRNVHVLKYA
PDEPNSLSGQRLVHCSSFTLHSTNSCMMLLPRNEEFGSPQVPSFQNVGGQVDGSVFKIVPLSEEKYRRLYVIQQQIIDRE
LQLGGLNPRMERLANDFYQMGHSMRPMLDFNVIRRFCGLAIDRRKSIAQKAGRHAHFEAWRDIINIEFSMRSLCQGK
;
A
3 'polypeptide(L)'
;MSLIHPDTAKYPFKFEPFLRQEYSFSLDPDRPICEFYNSREGPKSCPRGPLCPKKHVLPIFQNKIVCRHWLRGLCKKNDQ
CEYLHEYNLRKMPECVFFSKNGYCTQSPDCQYLHIDPASKIPKCENYEMGFCPLGSSCPRRHIKKVFCQRYMTGFCPLGK
DECDMEHPQFIIPDEGSKLRIKRDDEINTRKMDEEKERRLNAIINGEV
;
B
4 'polypeptide(L)'
;MDGHNQNQYQNQNQIQQSQQPPLKKYVTQRRSVDVSSPYINLYYNRRHGLPNLVVEPETSYTIDIMPPNAYRGRDRVINL
PSKFTHLSSNKVKHVIPAIQWTPEGRRLVVATYSGEFSLWNASSFTFETLMQAHDSAVTTMKYSHDSDWMISGDADGMIK
IWQPNFSMVKEIDAAHTESIRDMAFSSNDSKFVTCSDDNILKIWNFSNGKQERVLSGHHWDVKSCDWHPEMGLIASASKD
NLVKLWDPRSGNCISSILKFKHTVLKTRFQPTKGNLLMAISKDKSCRVFDIRYSMKELMCVRDETDYMTLEWHPINESMF
TLACYDGSLKHFDLLQNLNEPILTIPYAHDKCITSLSYNPVGHIFATAAKDRTIRFWTRARPIDPNAYDDPTYNNKKING
WFFGINNDINAVREKSEFGAAPPPPATLEPHALPNMNGFINKKPRQEIPGIDSNIKSSTLPGLSI
;
D
#
# COMPACT_ATOMS: atom_id res chain seq x y z
N ILE A 524 27.40 -12.68 0.12
CA ILE A 524 27.04 -14.09 0.06
C ILE A 524 27.19 -14.62 -1.36
N ILE A 525 26.75 -13.82 -2.33
CA ILE A 525 26.80 -14.20 -3.74
C ILE A 525 27.71 -13.23 -4.47
N ILE A 526 28.70 -13.74 -5.22
CA ILE A 526 29.50 -12.81 -6.07
C ILE A 526 28.90 -12.88 -7.48
N GLN A 527 28.67 -11.74 -8.13
CA GLN A 527 27.97 -11.74 -9.44
C GLN A 527 28.96 -11.76 -10.61
N PRO A 528 29.19 -12.91 -11.28
CA PRO A 528 30.03 -12.97 -12.46
C PRO A 528 29.16 -12.89 -13.73
N SER A 529 29.75 -12.54 -14.87
CA SER A 529 28.95 -12.37 -16.12
C SER A 529 28.99 -13.66 -16.95
N ALA A 530 28.14 -14.64 -16.61
CA ALA A 530 28.08 -15.88 -17.37
C ALA A 530 26.66 -16.39 -17.57
N ALA A 531 25.81 -16.28 -16.56
CA ALA A 531 24.46 -16.83 -16.60
C ALA A 531 23.46 -15.72 -16.91
N SER A 532 22.17 -16.06 -16.84
CA SER A 532 21.11 -15.07 -16.98
C SER A 532 20.24 -14.97 -15.74
N LYS A 533 19.67 -16.08 -15.28
CA LYS A 533 18.78 -16.10 -14.13
C LYS A 533 19.50 -16.33 -12.82
N HIS A 534 20.82 -16.49 -12.84
CA HIS A 534 21.59 -16.68 -11.62
C HIS A 534 22.16 -15.37 -11.08
N LYS A 535 21.89 -14.24 -11.74
CA LYS A 535 22.21 -12.93 -11.19
C LYS A 535 21.09 -12.38 -10.31
N MET A 536 20.23 -13.25 -9.81
CA MET A 536 19.07 -12.87 -9.01
C MET A 536 19.21 -13.41 -7.60
N PHE A 537 18.27 -13.02 -6.74
CA PHE A 537 18.12 -13.68 -5.45
C PHE A 537 17.38 -15.00 -5.63
N PRO A 538 17.94 -16.12 -5.20
CA PRO A 538 17.25 -17.41 -5.34
C PRO A 538 15.95 -17.41 -4.54
N PHE A 539 14.92 -18.05 -5.10
CA PHE A 539 13.63 -18.20 -4.43
C PHE A 539 13.03 -19.54 -4.83
N ASN A 540 13.15 -20.52 -3.93
CA ASN A 540 12.53 -21.84 -4.13
C ASN A 540 12.24 -22.46 -2.77
N PRO A 541 11.31 -21.87 -2.00
CA PRO A 541 10.97 -22.47 -0.71
C PRO A 541 10.29 -23.81 -0.90
N ALA A 542 10.82 -24.83 -0.23
CA ALA A 542 10.24 -26.16 -0.31
C ALA A 542 8.82 -26.15 0.22
N LYS A 543 7.91 -26.78 -0.54
CA LYS A 543 6.51 -26.85 -0.13
C LYS A 543 6.39 -27.63 1.18
N ILE A 544 5.96 -26.95 2.23
CA ILE A 544 5.83 -27.55 3.55
C ILE A 544 4.55 -28.37 3.58
N LYS A 545 4.69 -29.69 3.58
CA LYS A 545 3.53 -30.57 3.61
C LYS A 545 2.84 -30.44 4.97
N LYS A 546 1.54 -30.15 4.94
CA LYS A 546 0.77 -29.91 6.15
C LYS A 546 -0.53 -30.70 6.05
N ASP A 547 -0.73 -31.64 6.96
CA ASP A 547 -1.94 -32.43 7.05
C ASP A 547 -2.85 -31.84 8.13
N ASP A 548 -3.91 -32.59 8.47
CA ASP A 548 -4.86 -32.12 9.48
C ASP A 548 -4.19 -31.96 10.83
N TYR A 549 -3.31 -32.88 11.21
CA TYR A 549 -2.63 -32.82 12.49
C TYR A 549 -1.63 -31.67 12.57
N GLY A 550 -1.31 -31.04 11.45
CA GLY A 550 -0.31 -29.98 11.42
C GLY A 550 0.62 -30.14 10.23
N THR A 551 1.84 -29.64 10.34
CA THR A 551 2.84 -29.78 9.28
C THR A 551 3.76 -30.93 9.62
N VAL A 552 3.83 -31.93 8.73
CA VAL A 552 4.74 -33.04 8.93
C VAL A 552 6.16 -32.54 8.74
N VAL A 553 6.97 -32.66 9.79
CA VAL A 553 8.34 -32.16 9.80
C VAL A 553 9.27 -33.29 10.21
N ASP A 554 10.57 -33.03 10.14
CA ASP A 554 11.55 -33.98 10.64
C ASP A 554 11.36 -34.14 12.13
N PHE A 555 11.27 -35.39 12.59
CA PHE A 555 10.97 -35.67 13.98
C PHE A 555 12.20 -36.10 14.77
N THR A 556 13.39 -36.02 14.17
CA THR A 556 14.63 -36.28 14.88
C THR A 556 15.34 -35.00 15.30
N MET A 557 14.98 -33.86 14.70
CA MET A 557 15.62 -32.60 15.07
C MET A 557 15.19 -32.12 16.44
N PHE A 558 14.20 -32.75 17.05
CA PHE A 558 13.79 -32.43 18.41
C PHE A 558 14.54 -33.25 19.46
N LEU A 559 15.62 -33.92 19.08
CA LEU A 559 16.39 -34.70 20.02
C LEU A 559 16.97 -33.79 21.10
N PRO A 560 16.83 -34.15 22.39
CA PRO A 560 17.36 -33.28 23.45
C PRO A 560 18.86 -33.10 23.41
N ASP A 561 19.60 -34.00 22.76
CA ASP A 561 21.05 -33.92 22.64
C ASP A 561 21.73 -33.84 24.01
N MET B 1 -7.00 -16.28 -10.28
CA MET B 1 -6.88 -15.81 -11.66
C MET B 1 -7.03 -14.30 -11.75
N ASN B 2 -6.05 -13.59 -11.20
CA ASN B 2 -6.07 -12.13 -11.17
C ASN B 2 -4.70 -11.60 -11.57
N VAL B 3 -4.69 -10.36 -12.05
CA VAL B 3 -3.46 -9.68 -12.46
C VAL B 3 -3.40 -8.33 -11.75
N TYR B 4 -2.21 -7.94 -11.33
CA TYR B 4 -1.98 -6.70 -10.62
C TYR B 4 -1.27 -5.71 -11.53
N ASP B 5 -1.77 -4.49 -11.58
CA ASP B 5 -1.14 -3.43 -12.37
C ASP B 5 -1.12 -2.14 -11.56
N ASP B 6 -0.16 -1.30 -11.89
CA ASP B 6 -0.02 0.02 -11.26
C ASP B 6 -0.67 1.05 -12.17
N VAL B 7 -1.88 1.48 -11.81
CA VAL B 7 -2.53 2.56 -12.54
C VAL B 7 -1.74 3.84 -12.41
N LEU B 8 -1.27 4.15 -11.20
CA LEU B 8 -0.41 5.28 -10.93
C LEU B 8 0.91 4.79 -10.36
N ASP B 9 1.98 5.52 -10.64
CA ASP B 9 3.28 5.22 -10.06
C ASP B 9 3.41 5.92 -8.71
N ALA B 10 4.24 5.36 -7.84
CA ALA B 10 4.44 5.95 -6.53
C ALA B 10 5.07 7.34 -6.66
N THR B 11 4.71 8.23 -5.75
CA THR B 11 5.15 9.61 -5.84
C THR B 11 5.59 10.22 -4.51
N VAL B 12 5.62 9.45 -3.43
CA VAL B 12 6.17 9.92 -2.16
C VAL B 12 7.66 9.60 -2.14
N VAL B 13 8.48 10.62 -1.89
CA VAL B 13 9.93 10.43 -1.84
C VAL B 13 10.30 9.91 -0.47
N SER B 14 10.98 8.76 -0.43
CA SER B 14 11.38 8.12 0.82
C SER B 14 12.88 8.17 1.09
N HIS B 15 13.71 8.19 0.05
CA HIS B 15 15.16 8.23 0.21
C HIS B 15 15.75 9.16 -0.84
N SER B 16 16.90 9.74 -0.52
CA SER B 16 17.58 10.63 -1.45
C SER B 16 19.05 10.73 -1.07
N LEU B 17 19.89 10.87 -2.08
CA LEU B 17 21.33 11.00 -1.88
C LEU B 17 21.94 11.64 -3.12
N ALA B 18 23.14 12.19 -2.94
CA ALA B 18 23.88 12.84 -4.01
C ALA B 18 25.23 12.16 -4.18
N THR B 19 25.63 11.92 -5.42
CA THR B 19 26.87 11.22 -5.74
C THR B 19 27.12 11.34 -7.22
N HIS B 20 28.24 10.75 -7.66
CA HIS B 20 28.54 10.57 -9.08
C HIS B 20 28.25 9.11 -9.40
N PHE B 21 27.01 8.83 -9.78
CA PHE B 21 26.58 7.46 -10.06
C PHE B 21 26.54 7.14 -11.55
N THR B 22 25.84 7.94 -12.33
CA THR B 22 25.76 7.74 -13.77
C THR B 22 26.93 8.42 -14.50
N THR B 23 27.31 9.62 -14.06
CA THR B 23 28.41 10.34 -14.66
C THR B 23 29.20 11.04 -13.56
N SER B 24 30.44 11.43 -13.90
CA SER B 24 31.30 12.17 -12.99
C SER B 24 31.39 13.65 -13.33
N ASP B 25 30.62 14.12 -14.32
CA ASP B 25 30.71 15.51 -14.73
C ASP B 25 29.99 16.45 -13.76
N TYR B 26 28.89 16.02 -13.16
CA TYR B 26 28.11 16.87 -12.28
C TYR B 26 27.62 16.07 -11.09
N GLU B 27 27.21 16.80 -10.05
CA GLU B 27 26.70 16.20 -8.82
C GLU B 27 25.26 15.75 -9.05
N GLU B 28 25.05 14.44 -9.16
CA GLU B 28 23.74 13.89 -9.42
C GLU B 28 22.91 13.81 -8.14
N LEU B 29 21.61 13.63 -8.31
CA LEU B 29 20.69 13.41 -7.21
C LEU B 29 19.90 12.14 -7.49
N LEU B 30 19.91 11.21 -6.54
CA LEU B 30 19.17 9.95 -6.66
C LEU B 30 17.94 10.03 -5.77
N VAL B 31 16.77 9.79 -6.34
CA VAL B 31 15.50 9.88 -5.64
C VAL B 31 14.80 8.53 -5.73
N VAL B 32 14.40 8.00 -4.59
CA VAL B 32 13.68 6.73 -4.50
C VAL B 32 12.27 7.03 -4.02
N ARG B 33 11.27 6.72 -4.85
CA ARG B 33 9.88 6.98 -4.46
C ARG B 33 9.35 5.84 -3.60
N THR B 34 9.13 4.67 -4.21
CA THR B 34 8.90 3.46 -3.42
C THR B 34 9.69 2.30 -3.99
N ASN B 35 9.71 2.20 -5.32
CA ASN B 35 10.48 1.19 -6.03
C ASN B 35 11.12 1.77 -7.28
N ILE B 36 10.98 3.07 -7.53
CA ILE B 36 11.54 3.73 -8.70
C ILE B 36 12.71 4.58 -8.24
N LEU B 37 13.88 4.30 -8.78
CA LEU B 37 15.07 5.10 -8.52
C LEU B 37 15.27 6.05 -9.70
N SER B 38 15.22 7.34 -9.42
CA SER B 38 15.34 8.37 -10.45
C SER B 38 16.63 9.14 -10.27
N VAL B 39 17.33 9.37 -11.37
CA VAL B 39 18.57 10.12 -11.39
C VAL B 39 18.27 11.50 -11.95
N TYR B 40 18.53 12.54 -11.16
CA TYR B 40 18.22 13.90 -11.52
C TYR B 40 19.50 14.71 -11.65
N ARG B 41 19.46 15.73 -12.50
CA ARG B 41 20.54 16.70 -12.61
C ARG B 41 20.06 18.01 -12.04
N PRO B 42 20.40 18.36 -10.81
CA PRO B 42 19.96 19.65 -10.24
C PRO B 42 20.63 20.80 -10.97
N THR B 43 19.82 21.67 -11.56
CA THR B 43 20.34 22.80 -12.32
C THR B 43 20.86 23.87 -11.36
N ARG B 44 21.42 24.93 -11.94
CA ARG B 44 21.91 26.04 -11.13
C ARG B 44 20.78 26.73 -10.40
N ASP B 45 19.62 26.88 -11.05
CA ASP B 45 18.47 27.56 -10.46
C ASP B 45 17.57 26.60 -9.68
N GLY B 46 18.08 25.44 -9.29
CA GLY B 46 17.36 24.54 -8.41
C GLY B 46 16.38 23.60 -9.08
N LYS B 47 16.21 23.68 -10.39
CA LYS B 47 15.29 22.77 -11.07
C LYS B 47 15.88 21.35 -11.12
N LEU B 48 14.98 20.38 -11.24
CA LEU B 48 15.35 18.98 -11.32
C LEU B 48 15.03 18.48 -12.74
N TYR B 49 16.07 18.10 -13.47
CA TYR B 49 15.94 17.55 -14.81
C TYR B 49 16.29 16.08 -14.76
N LEU B 50 15.32 15.22 -15.08
CA LEU B 50 15.55 13.78 -15.03
C LEU B 50 16.45 13.35 -16.17
N THR B 51 17.48 12.58 -15.83
CA THR B 51 18.39 12.03 -16.83
C THR B 51 18.28 10.52 -16.99
N ASP B 52 17.81 9.83 -15.95
CA ASP B 52 17.66 8.38 -16.02
C ASP B 52 16.74 7.94 -14.90
N GLU B 53 15.81 7.04 -15.22
CA GLU B 53 14.85 6.54 -14.25
C GLU B 53 14.79 5.02 -14.36
N PHE B 54 14.77 4.35 -13.20
CA PHE B 54 14.77 2.90 -13.13
C PHE B 54 13.69 2.45 -12.16
N LYS B 55 13.08 1.31 -12.47
CA LYS B 55 12.03 0.73 -11.63
C LYS B 55 12.46 -0.65 -11.16
N PHE B 56 12.42 -0.86 -9.85
CA PHE B 56 12.77 -2.14 -9.24
C PHE B 56 11.50 -2.87 -8.84
N HIS B 57 11.62 -4.20 -8.71
CA HIS B 57 10.49 -5.04 -8.40
C HIS B 57 10.19 -5.15 -6.91
N GLY B 58 11.03 -4.55 -6.06
CA GLY B 58 10.81 -4.58 -4.64
C GLY B 58 10.86 -3.19 -4.06
N LEU B 59 10.31 -3.06 -2.85
CA LEU B 59 10.32 -1.78 -2.16
C LEU B 59 11.73 -1.49 -1.65
N ILE B 60 12.29 -0.38 -2.11
CA ILE B 60 13.63 0.02 -1.70
C ILE B 60 13.55 0.63 -0.30
N THR B 61 14.24 0.01 0.65
CA THR B 61 14.22 0.47 2.03
C THR B 61 15.42 1.35 2.40
N ASP B 62 16.54 1.20 1.71
CA ASP B 62 17.70 2.03 1.98
C ASP B 62 18.60 2.05 0.75
N ILE B 63 19.39 3.11 0.64
CA ILE B 63 20.39 3.27 -0.41
C ILE B 63 21.68 3.72 0.22
N GLY B 64 22.80 3.09 -0.17
CA GLY B 64 24.09 3.42 0.35
C GLY B 64 25.08 3.67 -0.76
N LEU B 65 26.19 4.30 -0.39
CA LEU B 65 27.24 4.68 -1.32
C LEU B 65 28.57 4.08 -0.89
N ILE B 66 29.32 3.57 -1.87
CA ILE B 66 30.69 3.12 -1.63
C ILE B 66 31.50 3.37 -2.91
N PRO B 67 32.72 3.90 -2.80
CA PRO B 67 33.52 4.17 -3.99
C PRO B 67 34.40 3.00 -4.39
N GLN B 68 34.46 2.75 -5.69
CA GLN B 68 35.30 1.71 -6.23
C GLN B 68 36.69 2.26 -6.56
N LYS B 69 37.68 1.37 -6.55
CA LYS B 69 39.06 1.77 -6.81
C LYS B 69 39.26 2.10 -8.28
N ASP B 70 40.03 3.16 -8.53
CA ASP B 70 40.38 3.60 -9.88
C ASP B 70 39.13 3.88 -10.72
N SER B 71 38.20 4.63 -10.13
CA SER B 71 36.97 5.00 -10.83
C SER B 71 36.33 6.17 -10.09
N PRO B 72 35.84 7.19 -10.81
CA PRO B 72 35.16 8.30 -10.14
C PRO B 72 33.68 8.05 -9.88
N LEU B 73 33.14 6.91 -10.30
CA LEU B 73 31.73 6.60 -10.13
C LEU B 73 31.55 5.75 -8.88
N SER B 74 30.71 6.22 -7.97
CA SER B 74 30.48 5.49 -6.72
C SER B 74 29.51 4.34 -6.96
N CYS B 75 29.81 3.19 -6.35
CA CYS B 75 28.93 2.03 -6.45
C CYS B 75 27.71 2.22 -5.55
N LEU B 76 26.57 1.79 -6.04
CA LEU B 76 25.31 1.99 -5.33
C LEU B 76 24.98 0.75 -4.49
N LEU B 77 24.68 0.99 -3.22
CA LEU B 77 24.30 -0.06 -2.29
C LEU B 77 22.79 0.00 -2.10
N LEU B 78 22.08 -0.99 -2.62
CA LEU B 78 20.63 -1.03 -2.56
C LEU B 78 20.18 -1.99 -1.47
N CYS B 79 19.27 -1.52 -0.61
CA CYS B 79 18.71 -2.34 0.47
C CYS B 79 17.20 -2.36 0.30
N THR B 80 16.66 -3.52 -0.06
CA THR B 80 15.24 -3.70 -0.32
C THR B 80 14.71 -4.82 0.56
N GLY B 81 13.38 -4.92 0.61
CA GLY B 81 12.74 -6.00 1.33
C GLY B 81 13.11 -6.03 2.80
N VAL B 82 13.41 -7.22 3.29
CA VAL B 82 13.83 -7.42 4.68
C VAL B 82 15.23 -8.02 4.65
N ALA B 83 16.19 -7.31 5.23
CA ALA B 83 17.56 -7.79 5.39
C ALA B 83 18.17 -8.23 4.04
N LYS B 84 18.27 -7.27 3.13
CA LYS B 84 18.85 -7.52 1.82
C LYS B 84 19.81 -6.39 1.47
N ILE B 85 20.92 -6.75 0.84
CA ILE B 85 21.90 -5.79 0.34
C ILE B 85 22.35 -6.23 -1.04
N SER B 86 22.23 -5.34 -2.01
CA SER B 86 22.67 -5.61 -3.38
C SER B 86 23.54 -4.46 -3.87
N ILE B 87 24.72 -4.79 -4.38
CA ILE B 87 25.66 -3.80 -4.88
C ILE B 87 25.30 -3.47 -6.32
N LEU B 88 25.12 -2.18 -6.61
CA LEU B 88 24.75 -1.71 -7.94
C LEU B 88 25.85 -0.84 -8.50
N LYS B 89 26.16 -1.06 -9.78
CA LYS B 89 27.14 -0.27 -10.51
C LYS B 89 26.55 0.19 -11.83
N PHE B 90 26.98 1.36 -12.27
CA PHE B 90 26.53 1.88 -13.55
C PHE B 90 27.54 1.50 -14.64
N ASN B 91 27.04 0.90 -15.72
CA ASN B 91 27.86 0.52 -16.86
C ASN B 91 27.58 1.53 -17.97
N THR B 92 28.44 2.54 -18.06
CA THR B 92 28.25 3.59 -19.06
C THR B 92 28.35 3.06 -20.49
N LEU B 93 28.99 1.91 -20.68
CA LEU B 93 29.02 1.31 -22.01
C LEU B 93 27.63 0.91 -22.47
N THR B 94 26.82 0.35 -21.56
CA THR B 94 25.44 -0.01 -21.87
C THR B 94 24.44 0.97 -21.30
N ASN B 95 24.89 1.97 -20.54
CA ASN B 95 24.03 2.98 -19.95
C ASN B 95 22.95 2.36 -19.06
N SER B 96 23.29 1.25 -18.41
CA SER B 96 22.36 0.55 -17.53
C SER B 96 23.09 0.11 -16.27
N ILE B 97 22.31 -0.07 -15.21
CA ILE B 97 22.85 -0.50 -13.93
C ILE B 97 22.99 -2.01 -13.92
N ASP B 98 24.13 -2.50 -13.44
CA ASP B 98 24.35 -3.92 -13.25
C ASP B 98 24.70 -4.21 -11.80
N THR B 99 24.56 -5.47 -11.41
CA THR B 99 24.73 -5.90 -10.03
C THR B 99 26.09 -6.57 -9.86
N LEU B 100 26.85 -6.13 -8.85
CA LEU B 100 28.17 -6.68 -8.59
C LEU B 100 28.17 -7.76 -7.52
N SER B 101 27.33 -7.66 -6.49
CA SER B 101 27.31 -8.64 -5.43
C SER B 101 25.95 -8.60 -4.73
N LEU B 102 25.51 -9.76 -4.25
CA LEU B 102 24.27 -9.89 -3.50
C LEU B 102 24.57 -10.38 -2.10
N HIS B 103 23.74 -9.95 -1.15
CA HIS B 103 23.90 -10.34 0.25
C HIS B 103 22.52 -10.50 0.87
N TYR B 104 22.20 -11.70 1.31
CA TYR B 104 20.88 -12.05 1.83
C TYR B 104 21.01 -12.39 3.31
N TYR B 105 20.69 -11.43 4.17
CA TYR B 105 20.83 -11.59 5.61
C TYR B 105 19.56 -12.05 6.30
N GLU B 106 18.46 -12.24 5.55
CA GLU B 106 17.19 -12.53 6.20
C GLU B 106 17.19 -13.89 6.89
N GLY B 107 17.63 -14.93 6.18
CA GLY B 107 17.64 -16.25 6.79
C GLY B 107 18.55 -16.36 7.99
N LYS B 108 19.72 -15.73 7.90
CA LYS B 108 20.65 -15.75 9.03
C LYS B 108 20.11 -14.92 10.19
N PHE B 109 19.36 -13.86 9.90
CA PHE B 109 18.72 -13.08 10.96
C PHE B 109 17.70 -13.93 11.71
N LYS B 110 16.88 -14.69 10.97
CA LYS B 110 15.87 -15.52 11.60
C LYS B 110 16.50 -16.66 12.40
N GLY B 111 17.70 -17.08 12.03
CA GLY B 111 18.36 -18.18 12.72
C GLY B 111 18.82 -17.86 14.11
N LYS B 112 18.94 -16.58 14.47
CA LYS B 112 19.33 -16.18 15.81
C LYS B 112 18.45 -15.04 16.30
N SER B 113 17.15 -15.14 16.04
CA SER B 113 16.17 -14.18 16.52
C SER B 113 15.13 -14.90 17.37
N LEU B 114 14.95 -14.44 18.61
CA LEU B 114 13.96 -15.06 19.48
C LEU B 114 12.54 -14.69 19.06
N VAL B 115 12.34 -13.49 18.54
CA VAL B 115 11.02 -13.01 18.15
C VAL B 115 11.00 -12.72 16.66
N GLU B 116 9.85 -12.28 16.16
CA GLU B 116 9.73 -11.95 14.75
C GLU B 116 10.58 -10.74 14.41
N LEU B 117 11.16 -10.76 13.21
CA LEU B 117 12.02 -9.67 12.77
C LEU B 117 11.20 -8.41 12.52
N ALA B 118 11.85 -7.26 12.63
CA ALA B 118 11.22 -6.01 12.24
C ALA B 118 10.99 -5.99 10.73
N LYS B 119 10.03 -5.16 10.31
CA LYS B 119 9.60 -5.16 8.92
C LYS B 119 10.73 -4.78 7.97
N ILE B 120 11.52 -3.76 8.35
CA ILE B 120 12.58 -3.25 7.50
C ILE B 120 13.86 -3.13 8.31
N SER B 121 14.96 -3.61 7.76
CA SER B 121 16.26 -3.44 8.38
C SER B 121 16.82 -2.06 8.06
N THR B 122 17.82 -1.64 8.84
CA THR B 122 18.42 -0.32 8.71
C THR B 122 19.89 -0.48 8.31
N LEU B 123 20.29 0.25 7.27
CA LEU B 123 21.65 0.19 6.74
C LEU B 123 22.45 1.38 7.25
N ARG B 124 23.69 1.11 7.70
CA ARG B 124 24.58 2.14 8.19
C ARG B 124 25.90 2.06 7.45
N MET B 125 26.41 3.21 7.00
CA MET B 125 27.64 3.28 6.24
C MET B 125 28.67 4.08 7.03
N ASP B 126 29.89 3.56 7.12
CA ASP B 126 30.93 4.28 7.83
C ASP B 126 31.47 5.42 6.96
N PRO B 127 31.90 6.52 7.58
CA PRO B 127 32.56 7.58 6.81
C PRO B 127 34.02 7.26 6.56
N GLY B 128 34.30 6.00 6.23
CA GLY B 128 35.65 5.56 5.89
C GLY B 128 35.61 4.62 4.71
N SER B 129 34.41 4.29 4.26
CA SER B 129 34.19 3.42 3.10
C SER B 129 34.89 2.07 3.26
N SER B 130 34.85 1.54 4.48
CA SER B 130 35.50 0.26 4.77
C SER B 130 34.53 -0.85 5.12
N CYS B 131 33.35 -0.55 5.65
CA CYS B 131 32.41 -1.58 6.04
C CYS B 131 31.00 -1.01 6.06
N ALA B 132 30.02 -1.90 6.01
CA ALA B 132 28.62 -1.53 6.12
C ALA B 132 27.92 -2.54 7.02
N LEU B 133 27.10 -2.04 7.94
CA LEU B 133 26.31 -2.88 8.81
C LEU B 133 24.83 -2.70 8.51
N LEU B 134 24.11 -3.82 8.43
CA LEU B 134 22.66 -3.82 8.22
C LEU B 134 22.05 -4.51 9.43
N PHE B 135 21.48 -3.74 10.35
CA PHE B 135 20.86 -4.27 11.55
C PHE B 135 19.35 -4.20 11.42
N ASN B 136 18.68 -5.30 11.74
CA ASN B 136 17.22 -5.34 11.77
C ASN B 136 16.71 -4.97 13.16
N ASN B 137 17.03 -5.80 14.14
CA ASN B 137 16.87 -5.47 15.55
C ASN B 137 17.65 -6.50 16.36
N ASP B 138 18.55 -6.02 17.23
CA ASP B 138 19.33 -6.87 18.13
C ASP B 138 20.36 -7.69 17.39
N ILE B 139 20.34 -7.67 16.05
CA ILE B 139 21.24 -8.46 15.22
C ILE B 139 21.82 -7.55 14.16
N ILE B 140 23.14 -7.57 14.01
CA ILE B 140 23.85 -6.70 13.08
C ILE B 140 24.62 -7.56 12.09
N ALA B 141 24.38 -7.36 10.81
CA ALA B 141 25.12 -8.02 9.75
C ALA B 141 26.13 -7.06 9.16
N PHE B 142 27.40 -7.48 9.11
CA PHE B 142 28.50 -6.62 8.73
C PHE B 142 28.97 -6.97 7.33
N LEU B 143 29.12 -5.94 6.48
CA LEU B 143 29.63 -6.10 5.13
C LEU B 143 30.92 -5.32 4.98
N PRO B 144 32.09 -5.96 5.14
CA PRO B 144 33.35 -5.26 4.93
C PRO B 144 33.62 -5.01 3.46
N PHE B 145 34.51 -4.05 3.21
CA PHE B 145 34.89 -3.65 1.87
C PHE B 145 36.40 -3.53 1.80
N HIS B 146 37.00 -4.08 0.75
CA HIS B 146 38.45 -4.05 0.61
C HIS B 146 38.94 -2.61 0.38
N VAL B 147 40.17 -2.36 0.78
CA VAL B 147 40.79 -1.05 0.59
C VAL B 147 41.69 -1.07 -0.64
N LYS B 193 41.36 -7.84 -6.77
CA LYS B 193 40.61 -8.94 -6.19
C LYS B 193 39.13 -8.62 -6.11
N PHE B 194 38.49 -9.06 -5.03
CA PHE B 194 37.08 -8.80 -4.83
C PHE B 194 36.89 -7.43 -4.19
N THR B 195 35.62 -6.99 -4.16
CA THR B 195 35.25 -5.69 -3.62
C THR B 195 34.55 -5.78 -2.28
N ALA B 196 34.15 -6.97 -1.84
CA ALA B 196 33.47 -7.14 -0.55
C ALA B 196 33.78 -8.54 -0.03
N PRO B 197 34.47 -8.69 1.13
CA PRO B 197 34.70 -10.00 1.72
C PRO B 197 33.41 -10.64 2.26
N SER B 198 33.48 -11.91 2.68
CA SER B 198 32.30 -12.61 3.18
C SER B 198 31.67 -11.82 4.32
N VAL B 199 30.39 -12.09 4.55
CA VAL B 199 29.60 -11.34 5.51
C VAL B 199 29.51 -12.11 6.83
N VAL B 200 29.71 -11.42 7.94
CA VAL B 200 29.61 -11.98 9.26
C VAL B 200 28.63 -11.15 10.07
N LEU B 201 27.75 -11.81 10.82
CA LEU B 201 26.76 -11.12 11.63
C LEU B 201 26.83 -11.62 13.07
N VAL B 202 26.66 -10.70 14.01
CA VAL B 202 26.66 -10.99 15.43
C VAL B 202 25.54 -10.20 16.09
N ALA B 203 24.97 -10.76 17.15
CA ALA B 203 23.83 -10.14 17.80
C ALA B 203 24.27 -9.23 18.94
N SER B 204 24.91 -9.81 19.96
CA SER B 204 25.46 -9.03 21.07
C SER B 204 26.86 -9.51 21.45
N GLU B 205 27.53 -10.26 20.58
CA GLU B 205 28.90 -10.69 20.85
C GLU B 205 29.87 -9.52 20.89
N LEU B 206 29.46 -8.36 20.35
CA LEU B 206 30.33 -7.19 20.38
C LEU B 206 30.49 -6.67 21.79
N TYR B 207 29.37 -6.51 22.50
CA TYR B 207 29.37 -6.02 23.87
C TYR B 207 28.32 -6.79 24.65
N GLU B 208 28.70 -7.29 25.83
CA GLU B 208 27.78 -8.12 26.60
C GLU B 208 26.56 -7.33 27.06
N GLY B 209 26.72 -6.04 27.29
CA GLY B 209 25.62 -5.24 27.81
C GLY B 209 24.47 -5.08 26.83
N ALA B 210 24.78 -4.98 25.54
CA ALA B 210 23.79 -4.68 24.52
C ALA B 210 22.64 -5.69 24.51
N LYS B 211 21.43 -5.24 24.86
CA LYS B 211 20.27 -6.13 24.95
C LYS B 211 19.16 -5.73 23.99
N ASN B 212 18.70 -4.49 24.01
CA ASN B 212 17.59 -4.03 23.16
C ASN B 212 18.07 -2.81 22.39
N ILE B 213 18.66 -3.04 21.22
CA ILE B 213 19.29 -1.97 20.46
C ILE B 213 18.23 -1.01 19.94
N ILE B 214 18.44 0.28 20.13
CA ILE B 214 17.57 1.31 19.60
C ILE B 214 18.14 1.94 18.34
N ASP B 215 19.45 2.20 18.32
CA ASP B 215 20.09 2.83 17.16
C ASP B 215 21.55 2.42 17.11
N ILE B 216 22.05 2.23 15.89
CA ILE B 216 23.45 1.93 15.63
C ILE B 216 23.96 2.95 14.61
N GLN B 217 25.11 3.54 14.89
CA GLN B 217 25.70 4.52 13.98
C GLN B 217 27.21 4.36 13.97
N PHE B 218 27.78 4.47 12.77
CA PHE B 218 29.22 4.56 12.64
C PHE B 218 29.70 5.93 13.11
N LEU B 219 30.84 5.95 13.78
CA LEU B 219 31.39 7.18 14.33
C LEU B 219 32.47 7.74 13.41
N LYS B 220 32.62 9.06 13.44
CA LYS B 220 33.57 9.75 12.58
C LYS B 220 34.90 9.94 13.30
N ASN B 221 35.92 10.31 12.52
CA ASN B 221 37.27 10.59 13.02
C ASN B 221 37.85 9.39 13.78
N PHE B 222 38.04 8.30 13.03
CA PHE B 222 38.63 7.09 13.58
C PHE B 222 39.35 6.35 12.48
N THR B 223 40.59 5.91 12.75
CA THR B 223 41.35 5.15 11.79
C THR B 223 40.81 3.74 11.58
N LYS B 224 39.89 3.29 12.42
CA LYS B 224 39.27 1.98 12.34
C LYS B 224 37.77 2.14 12.39
N PRO B 225 37.02 1.16 11.89
CA PRO B 225 35.56 1.26 11.95
C PRO B 225 35.05 1.15 13.37
N THR B 226 34.59 2.27 13.94
CA THR B 226 34.05 2.30 15.28
C THR B 226 32.57 2.67 15.22
N ILE B 227 31.74 1.89 15.92
CA ILE B 227 30.30 2.08 15.90
C ILE B 227 29.84 2.52 17.29
N ALA B 228 28.68 3.15 17.32
CA ALA B 228 28.03 3.58 18.55
C ALA B 228 26.70 2.87 18.68
N LEU B 229 26.42 2.33 19.86
CA LEU B 229 25.21 1.56 20.12
C LEU B 229 24.38 2.24 21.19
N LEU B 230 23.10 2.43 20.90
CA LEU B 230 22.13 2.91 21.88
C LEU B 230 21.15 1.79 22.15
N TYR B 231 21.02 1.39 23.41
CA TYR B 231 20.20 0.24 23.76
C TYR B 231 19.61 0.43 25.15
N GLN B 232 18.49 -0.25 25.37
CA GLN B 232 17.77 -0.22 26.65
C GLN B 232 17.68 -1.64 27.20
N PRO B 233 18.55 -2.02 28.15
CA PRO B 233 18.42 -3.35 28.75
C PRO B 233 17.08 -3.59 29.41
N LYS B 234 16.47 -2.56 30.00
CA LYS B 234 15.12 -2.62 30.54
C LYS B 234 14.25 -1.67 29.73
N LEU B 235 13.21 -2.20 29.10
CA LEU B 235 12.35 -1.40 28.23
C LEU B 235 11.42 -0.53 29.07
N VAL B 236 11.34 0.76 28.73
CA VAL B 236 10.56 1.72 29.48
C VAL B 236 9.73 2.55 28.49
N TRP B 237 8.44 2.68 28.79
CA TRP B 237 7.54 3.55 28.05
C TRP B 237 6.95 4.57 29.03
N ALA B 238 5.96 5.32 28.57
CA ALA B 238 5.37 6.39 29.39
C ALA B 238 4.78 5.87 30.70
N GLY B 239 4.44 4.59 30.77
CA GLY B 239 3.90 4.03 31.99
C GLY B 239 4.96 3.41 32.89
N ASN B 240 6.15 3.19 32.35
CA ASN B 240 7.25 2.59 33.10
C ASN B 240 8.21 3.64 33.67
N THR B 241 7.96 4.93 33.43
CA THR B 241 8.90 5.96 33.83
C THR B 241 9.01 6.12 35.34
N THR B 242 8.02 5.64 36.10
CA THR B 242 7.97 5.88 37.54
C THR B 242 8.45 4.69 38.35
N ILE B 243 9.06 3.69 37.72
CA ILE B 243 9.63 2.57 38.45
C ILE B 243 11.11 2.44 38.13
N SER B 244 11.45 2.51 36.85
CA SER B 244 12.83 2.45 36.38
C SER B 244 13.23 3.78 35.80
N LYS B 245 14.35 4.32 36.26
CA LYS B 245 14.81 5.66 35.89
C LYS B 245 16.10 5.55 35.10
N LEU B 246 16.19 6.29 34.00
CA LEU B 246 17.35 6.36 33.13
C LEU B 246 17.78 4.96 32.68
N PRO B 247 17.02 4.30 31.81
CA PRO B 247 17.34 2.94 31.40
C PRO B 247 18.17 2.81 30.13
N THR B 248 18.43 3.91 29.42
CA THR B 248 19.16 3.83 28.16
C THR B 248 20.67 3.81 28.40
N GLN B 249 21.37 2.98 27.64
CA GLN B 249 22.81 2.84 27.75
C GLN B 249 23.46 3.01 26.39
N TYR B 250 24.69 3.49 26.39
CA TYR B 250 25.41 3.85 25.19
C TYR B 250 26.83 3.33 25.27
N VAL B 251 27.31 2.75 24.18
CA VAL B 251 28.65 2.16 24.13
C VAL B 251 29.26 2.43 22.77
N ILE B 252 30.58 2.60 22.74
CA ILE B 252 31.34 2.80 21.51
C ILE B 252 32.32 1.64 21.38
N LEU B 253 32.28 0.96 20.23
CA LEU B 253 33.11 -0.21 19.99
C LEU B 253 33.98 0.01 18.78
N THR B 254 35.28 -0.22 18.93
CA THR B 254 36.22 -0.20 17.80
C THR B 254 36.29 -1.60 17.22
N LEU B 255 36.07 -1.72 15.92
CA LEU B 255 35.98 -3.01 15.26
C LEU B 255 37.29 -3.34 14.56
N ASN B 256 37.84 -4.51 14.86
CA ASN B 256 39.02 -5.03 14.17
C ASN B 256 38.52 -5.93 13.05
N ILE B 257 38.16 -5.31 11.92
CA ILE B 257 37.70 -6.08 10.76
C ILE B 257 38.86 -6.93 10.25
N GLN B 258 38.65 -8.25 10.24
CA GLN B 258 39.68 -9.21 9.84
C GLN B 258 39.11 -10.10 8.74
N PRO B 259 39.01 -9.59 7.51
CA PRO B 259 38.49 -10.42 6.42
C PRO B 259 39.43 -11.58 6.13
N ALA B 260 38.84 -12.71 5.75
CA ALA B 260 39.58 -13.92 5.41
C ALA B 260 39.01 -14.52 4.14
N GLU B 261 39.73 -15.50 3.60
CA GLU B 261 39.31 -16.12 2.34
C GLU B 261 38.02 -16.90 2.49
N SER B 262 37.79 -17.52 3.64
CA SER B 262 36.64 -18.39 3.84
C SER B 262 35.56 -17.77 4.72
N ALA B 263 35.89 -16.82 5.57
CA ALA B 263 34.94 -16.22 6.50
C ALA B 263 35.47 -14.84 6.88
N THR B 264 34.85 -14.22 7.88
CA THR B 264 35.28 -12.91 8.37
C THR B 264 35.07 -12.86 9.87
N LYS B 265 36.08 -12.41 10.59
CA LYS B 265 36.02 -12.29 12.05
C LYS B 265 36.24 -10.85 12.46
N ILE B 266 35.54 -10.42 13.51
CA ILE B 266 35.61 -9.05 14.01
C ILE B 266 35.88 -9.11 15.50
N GLU B 267 36.99 -8.51 15.93
CA GLU B 267 37.32 -8.40 17.34
C GLU B 267 37.00 -6.99 17.80
N SER B 268 36.01 -6.86 18.69
CA SER B 268 35.48 -5.57 19.10
C SER B 268 36.13 -5.15 20.42
N THR B 269 36.64 -3.92 20.45
CA THR B 269 37.17 -3.32 21.66
C THR B 269 36.31 -2.13 22.04
N THR B 270 35.86 -2.10 23.29
CA THR B 270 34.96 -1.06 23.76
C THR B 270 35.74 0.21 24.04
N ILE B 271 35.47 1.25 23.26
CA ILE B 271 36.15 2.53 23.47
C ILE B 271 35.69 3.17 24.78
N ALA B 272 34.38 3.20 25.01
CA ALA B 272 33.83 3.88 26.17
C ALA B 272 32.52 3.21 26.55
N PHE B 273 31.84 3.78 27.55
CA PHE B 273 30.60 3.22 28.06
C PHE B 273 29.84 4.24 28.89
N VAL B 274 28.54 4.38 28.63
CA VAL B 274 27.67 5.27 29.39
C VAL B 274 26.50 4.46 29.91
N LYS B 275 26.09 4.74 31.15
CA LYS B 275 25.11 3.93 31.86
C LYS B 275 23.74 4.59 31.94
N GLU B 276 23.66 5.82 32.44
CA GLU B 276 22.39 6.46 32.73
C GLU B 276 22.06 7.46 31.62
N LEU B 277 20.97 7.20 30.90
CA LEU B 277 20.50 8.07 29.83
C LEU B 277 18.97 8.02 29.82
N PRO B 278 18.30 9.08 29.36
CA PRO B 278 16.84 9.11 29.41
C PRO B 278 16.20 8.05 28.53
N TRP B 279 14.96 7.72 28.87
CA TRP B 279 14.27 6.60 28.25
C TRP B 279 13.87 6.88 26.81
N ASP B 280 13.58 8.14 26.48
CA ASP B 280 12.96 8.47 25.20
C ASP B 280 13.96 8.69 24.08
N LEU B 281 15.25 8.45 24.31
CA LEU B 281 16.24 8.58 23.26
C LEU B 281 16.03 7.51 22.20
N HIS B 282 16.01 7.93 20.93
CA HIS B 282 15.81 6.99 19.83
C HIS B 282 16.76 7.17 18.66
N THR B 283 17.38 8.33 18.48
CA THR B 283 18.18 8.61 17.30
C THR B 283 19.60 8.99 17.70
N ILE B 284 20.58 8.49 16.95
CA ILE B 284 21.98 8.85 17.09
C ILE B 284 22.41 9.63 15.85
N VAL B 285 22.94 10.82 16.05
CA VAL B 285 23.40 11.63 14.92
C VAL B 285 24.91 11.85 15.06
N PRO B 286 25.73 11.02 14.41
CA PRO B 286 27.18 11.20 14.52
C PRO B 286 27.63 12.54 13.97
N VAL B 287 28.64 13.12 14.61
CA VAL B 287 29.24 14.36 14.17
C VAL B 287 30.76 14.21 14.22
N SER B 288 31.48 15.29 13.94
CA SER B 288 32.93 15.21 13.89
C SER B 288 33.53 14.85 15.25
N ASN B 289 33.04 15.48 16.32
CA ASN B 289 33.61 15.29 17.64
C ASN B 289 32.90 14.22 18.46
N GLY B 290 31.81 13.64 17.95
CA GLY B 290 31.06 12.66 18.70
C GLY B 290 29.73 12.33 18.05
N ALA B 291 28.65 12.37 18.83
CA ALA B 291 27.33 12.09 18.30
C ALA B 291 26.29 12.88 19.09
N ILE B 292 25.14 13.07 18.46
CA ILE B 292 23.99 13.73 19.08
C ILE B 292 22.89 12.69 19.22
N ILE B 293 22.44 12.47 20.45
CA ILE B 293 21.39 11.50 20.73
C ILE B 293 20.07 12.27 20.80
N VAL B 294 19.30 12.20 19.72
CA VAL B 294 18.04 12.91 19.60
C VAL B 294 16.95 12.05 20.23
N GLY B 295 16.42 12.48 21.37
CA GLY B 295 15.31 11.82 22.00
C GLY B 295 14.01 12.56 21.75
N THR B 296 12.92 11.96 22.21
CA THR B 296 11.60 12.58 22.06
C THR B 296 11.54 13.92 22.78
N ASN B 297 12.30 14.07 23.87
CA ASN B 297 12.30 15.32 24.63
C ASN B 297 13.67 15.85 25.01
N GLU B 298 14.72 15.02 25.02
CA GLU B 298 16.08 15.49 25.29
C GLU B 298 16.96 15.32 24.05
N LEU B 299 17.91 16.22 23.91
CA LEU B 299 19.07 16.04 23.04
C LEU B 299 20.30 15.89 23.91
N ALA B 300 21.02 14.79 23.75
CA ALA B 300 22.20 14.49 24.55
C ALA B 300 23.42 14.45 23.65
N PHE B 301 24.44 15.23 23.99
CA PHE B 301 25.70 15.24 23.24
C PHE B 301 26.67 14.28 23.91
N LEU B 302 27.12 13.29 23.16
CA LEU B 302 28.10 12.31 23.64
C LEU B 302 29.27 12.31 22.68
N ASP B 303 30.46 12.56 23.20
CA ASP B 303 31.65 12.72 22.37
C ASP B 303 32.20 11.36 21.97
N ASN B 304 33.41 11.35 21.40
CA ASN B 304 34.06 10.10 21.02
C ASN B 304 34.69 9.39 22.20
N THR B 305 34.81 10.05 23.35
CA THR B 305 35.30 9.43 24.57
C THR B 305 34.18 8.90 25.45
N GLY B 306 32.94 8.97 24.97
CA GLY B 306 31.80 8.41 25.69
C GLY B 306 31.47 9.09 27.00
N VAL B 307 31.50 10.42 27.03
CA VAL B 307 31.08 11.19 28.20
C VAL B 307 30.00 12.17 27.77
N LEU B 308 28.89 12.18 28.50
CA LEU B 308 27.81 13.12 28.23
C LEU B 308 28.24 14.53 28.63
N GLN B 309 28.21 15.46 27.68
CA GLN B 309 28.66 16.82 27.91
C GLN B 309 27.51 17.74 28.31
N SER B 310 26.51 17.88 27.44
CA SER B 310 25.37 18.75 27.72
C SER B 310 24.10 18.09 27.23
N THR B 311 23.00 18.37 27.92
CA THR B 311 21.68 17.87 27.56
C THR B 311 20.74 19.05 27.42
N VAL B 312 19.96 19.05 26.34
CA VAL B 312 19.05 20.15 26.03
C VAL B 312 17.62 19.63 26.14
N LEU B 313 16.83 20.26 27.01
CA LEU B 313 15.42 19.93 27.14
C LEU B 313 14.60 20.71 26.11
N LEU B 314 13.52 20.10 25.65
CA LEU B 314 12.66 20.71 24.64
C LEU B 314 11.28 21.04 25.17
N ASN B 315 10.55 20.08 25.70
CA ASN B 315 9.17 20.28 26.12
C ASN B 315 9.07 20.24 27.64
N SER B 316 7.86 20.47 28.13
CA SER B 316 7.59 20.42 29.57
C SER B 316 7.23 19.00 29.97
N PHE B 317 7.71 18.02 29.20
CA PHE B 317 7.45 16.61 29.42
C PHE B 317 8.71 15.89 29.87
N ALA B 318 9.64 16.60 30.50
CA ALA B 318 10.93 16.04 30.85
C ALA B 318 11.40 16.62 32.18
N ASP B 319 12.26 15.86 32.85
CA ASP B 319 12.87 16.28 34.11
C ASP B 319 14.18 15.51 34.28
N LYS B 320 14.78 15.63 35.46
CA LYS B 320 16.02 14.95 35.77
C LYS B 320 15.78 13.46 36.02
N LYS B 326 26.40 16.83 33.91
CA LYS B 326 24.95 16.93 33.87
C LYS B 326 24.50 18.36 33.56
N ILE B 327 25.10 18.95 32.53
CA ILE B 327 24.74 20.31 32.12
C ILE B 327 23.41 20.22 31.36
N ILE B 328 22.36 20.74 31.97
CA ILE B 328 21.01 20.66 31.41
C ILE B 328 20.63 22.05 30.92
N ASN B 329 20.44 22.17 29.61
CA ASN B 329 19.98 23.42 29.01
C ASN B 329 18.46 23.34 28.83
N ASN B 330 17.74 24.27 29.44
CA ASN B 330 16.29 24.25 29.44
C ASN B 330 15.74 25.12 28.31
N SER B 331 14.70 24.64 27.65
CA SER B 331 14.00 25.39 26.63
C SER B 331 12.51 25.15 26.77
N SER B 332 11.72 26.21 26.67
CA SER B 332 10.27 26.12 26.79
C SER B 332 9.57 25.96 25.44
N LEU B 333 10.34 25.85 24.35
CA LEU B 333 9.76 25.65 23.03
C LEU B 333 9.18 24.24 22.95
N GLU B 334 7.86 24.14 22.96
CA GLU B 334 7.17 22.84 23.04
C GLU B 334 7.29 22.14 21.68
N ILE B 335 8.46 21.54 21.47
CA ILE B 335 8.72 20.73 20.28
C ILE B 335 8.84 19.28 20.72
N MET B 336 8.52 18.37 19.81
CA MET B 336 8.44 16.95 20.14
C MET B 336 8.91 16.12 18.97
N PHE B 337 9.85 15.22 19.22
CA PHE B 337 10.29 14.24 18.23
C PHE B 337 9.57 12.92 18.49
N ARG B 338 8.25 12.96 18.33
CA ARG B 338 7.40 11.81 18.64
C ARG B 338 7.56 10.66 17.67
N GLU B 339 8.26 10.87 16.55
CA GLU B 339 8.51 9.79 15.61
C GLU B 339 9.67 8.93 16.07
N LYS B 340 9.65 7.66 15.66
CA LYS B 340 10.74 6.75 16.03
C LYS B 340 12.06 7.21 15.44
N ASN B 341 12.04 7.67 14.19
CA ASN B 341 13.24 8.15 13.51
C ASN B 341 13.04 9.61 13.13
N THR B 342 14.04 10.43 13.42
CA THR B 342 14.02 11.85 13.10
C THR B 342 14.98 12.11 11.96
N THR B 343 14.46 12.59 10.83
CA THR B 343 15.29 12.87 9.68
C THR B 343 16.16 14.10 9.95
N SER B 344 17.41 14.04 9.53
CA SER B 344 18.34 15.13 9.75
C SER B 344 19.44 15.07 8.71
N ILE B 345 20.11 16.20 8.53
CA ILE B 345 21.22 16.32 7.60
C ILE B 345 22.42 16.89 8.35
N TRP B 346 23.54 16.19 8.29
CA TRP B 346 24.79 16.65 8.90
C TRP B 346 25.72 17.10 7.79
N ILE B 347 26.30 18.29 7.96
CA ILE B 347 27.15 18.87 6.93
C ILE B 347 28.53 19.16 7.51
N PRO B 348 29.59 18.55 6.98
CA PRO B 348 30.94 18.82 7.49
C PRO B 348 31.39 20.24 7.18
N SER B 349 32.46 20.65 7.85
CA SER B 349 33.00 21.99 7.66
C SER B 349 33.63 22.13 6.28
N SER B 350 33.78 23.38 5.85
CA SER B 350 34.35 23.70 4.55
C SER B 350 35.86 23.90 4.67
N LYS B 351 36.49 24.05 3.50
CA LYS B 351 37.94 24.24 3.40
C LYS B 351 38.70 23.10 4.07
N ASN B 358 38.96 27.33 8.46
CA ASN B 358 37.50 27.38 8.44
C ASN B 358 36.91 26.36 9.40
N ASN B 359 35.81 26.74 10.06
CA ASN B 359 35.13 25.84 10.98
C ASN B 359 33.65 26.20 10.96
N ASP B 360 32.86 25.44 10.19
CA ASP B 360 31.43 25.66 10.09
C ASP B 360 30.76 24.29 9.90
N GLU B 361 30.36 23.68 11.01
CA GLU B 361 29.66 22.40 10.99
C GLU B 361 28.23 22.64 11.47
N THR B 362 27.26 22.24 10.64
CA THR B 362 25.87 22.50 10.93
C THR B 362 25.08 21.20 10.92
N LEU B 363 24.04 21.15 11.75
CA LEU B 363 23.17 19.99 11.86
C LEU B 363 21.73 20.48 11.88
N LEU B 364 20.97 20.11 10.86
CA LEU B 364 19.56 20.50 10.75
C LEU B 364 18.67 19.33 11.11
N LEU B 365 17.82 19.52 12.10
CA LEU B 365 16.85 18.52 12.52
C LEU B 365 15.49 18.80 11.88
N MET B 366 14.60 17.82 11.96
CA MET B 366 13.32 17.91 11.29
C MET B 366 12.21 17.48 12.24
N ASP B 367 11.01 18.00 11.98
CA ASP B 367 9.82 17.73 12.77
C ASP B 367 8.75 17.13 11.87
N LEU B 368 7.84 16.37 12.48
CA LEU B 368 6.77 15.72 11.72
C LEU B 368 5.90 16.75 11.02
N LYS B 369 5.79 17.96 11.56
CA LYS B 369 5.09 19.05 10.92
C LYS B 369 6.00 19.86 9.98
N SER B 370 7.11 19.26 9.56
CA SER B 370 8.04 19.88 8.60
C SER B 370 8.63 21.18 9.16
N ASN B 371 9.11 21.11 10.39
CA ASN B 371 9.88 22.20 10.98
C ASN B 371 11.37 21.83 10.94
N ILE B 372 12.21 22.84 10.70
CA ILE B 372 13.65 22.66 10.63
C ILE B 372 14.27 23.32 11.86
N TYR B 373 15.15 22.59 12.53
CA TYR B 373 15.80 23.07 13.74
C TYR B 373 17.30 23.06 13.55
N TYR B 374 17.97 24.06 14.11
CA TYR B 374 19.42 24.23 13.97
C TYR B 374 20.09 23.93 15.30
N ILE B 375 21.09 23.05 15.26
CA ILE B 375 21.87 22.68 16.43
C ILE B 375 23.28 23.22 16.24
N GLN B 376 23.66 24.20 17.06
CA GLN B 376 25.01 24.74 16.97
C GLN B 376 25.97 23.90 17.80
N MET B 377 27.20 23.78 17.30
CA MET B 377 28.25 23.02 17.96
C MET B 377 29.57 23.74 17.77
N GLU B 378 30.13 24.24 18.86
CA GLU B 378 31.43 24.89 18.84
C GLU B 378 32.26 24.39 20.01
N ALA B 379 33.58 24.31 19.80
CA ALA B 379 34.47 23.76 20.82
C ALA B 379 35.83 24.40 20.70
N GLU B 380 36.62 24.28 21.76
CA GLU B 380 37.96 24.81 21.80
C GLU B 380 38.98 23.72 21.49
N LEU B 383 36.69 20.63 25.39
CA LEU B 383 35.29 20.40 25.72
C LEU B 383 34.38 21.30 24.88
N LEU B 384 33.29 20.72 24.36
CA LEU B 384 32.35 21.48 23.57
C LEU B 384 31.63 22.51 24.44
N ILE B 385 31.45 23.71 23.89
CA ILE B 385 30.78 24.80 24.59
C ILE B 385 29.62 25.30 23.74
N LYS B 386 28.65 25.92 24.40
CA LYS B 386 27.50 26.54 23.76
C LYS B 386 26.75 25.53 22.89
N PHE B 387 26.19 24.52 23.56
CA PHE B 387 25.35 23.52 22.91
C PHE B 387 23.90 23.89 23.14
N ASP B 388 23.17 24.13 22.06
CA ASP B 388 21.77 24.58 22.16
C ASP B 388 21.03 24.18 20.90
N ILE B 389 19.74 24.51 20.87
CA ILE B 389 18.86 24.20 19.76
C ILE B 389 18.14 25.49 19.34
N PHE B 390 18.08 25.74 18.04
CA PHE B 390 17.42 26.92 17.51
C PHE B 390 16.47 26.52 16.40
N LYS B 391 15.38 27.28 16.26
CA LYS B 391 14.38 27.06 15.23
C LYS B 391 14.52 28.13 14.15
N LEU B 392 14.61 27.69 12.90
CA LEU B 392 14.66 28.67 11.78
C LEU B 392 13.24 28.89 11.27
N PRO B 393 12.78 30.14 11.12
CA PRO B 393 11.39 30.42 10.75
C PRO B 393 11.14 30.26 9.26
N ILE B 394 9.87 30.03 8.92
CA ILE B 394 9.39 30.00 7.54
C ILE B 394 8.40 31.16 7.41
N VAL B 395 8.82 32.22 6.73
CA VAL B 395 8.01 33.44 6.66
C VAL B 395 6.77 33.22 5.79
N ASN B 396 6.95 32.58 4.63
CA ASN B 396 5.88 32.40 3.67
C ASN B 396 5.21 31.03 3.76
N ASP B 397 5.38 30.35 4.91
CA ASP B 397 4.74 29.06 5.22
C ASP B 397 4.63 28.15 4.00
N LEU B 398 5.71 28.02 3.25
CA LEU B 398 5.75 27.15 2.09
C LEU B 398 5.91 25.69 2.46
N LEU B 399 6.12 25.38 3.73
CA LEU B 399 6.10 24.02 4.23
C LEU B 399 4.79 23.66 4.90
N LYS B 400 3.77 24.51 4.74
CA LYS B 400 2.48 24.27 5.39
C LYS B 400 1.82 23.00 4.84
N GLU B 401 1.89 22.79 3.54
CA GLU B 401 1.26 21.63 2.91
C GLU B 401 2.10 20.37 3.00
N ASN B 402 3.31 20.44 3.54
CA ASN B 402 4.22 19.32 3.59
C ASN B 402 4.31 18.79 5.01
N SER B 403 4.17 17.47 5.16
CA SER B 403 4.23 16.83 6.46
C SER B 403 4.98 15.51 6.34
N ASN B 404 5.54 15.06 7.47
CA ASN B 404 6.29 13.81 7.59
C ASN B 404 7.45 13.76 6.61
N PRO B 405 8.48 14.57 6.82
CA PRO B 405 9.68 14.47 5.96
C PRO B 405 10.38 13.15 6.15
N LYS B 406 11.01 12.67 5.08
CA LYS B 406 11.63 11.35 5.07
C LYS B 406 13.13 11.37 4.78
N CYS B 407 13.63 12.36 4.04
CA CYS B 407 15.05 12.41 3.73
C CYS B 407 15.42 13.85 3.40
N ILE B 408 16.69 14.18 3.65
CA ILE B 408 17.25 15.49 3.32
C ILE B 408 18.58 15.28 2.61
N THR B 409 18.80 16.01 1.52
CA THR B 409 20.01 15.88 0.74
C THR B 409 20.50 17.25 0.31
N ARG B 410 21.79 17.52 0.51
CA ARG B 410 22.40 18.73 -0.01
C ARG B 410 22.62 18.58 -1.51
N LEU B 411 22.25 19.60 -2.28
CA LEU B 411 22.28 19.51 -3.74
C LEU B 411 23.59 20.05 -4.32
N ASN B 412 23.89 21.32 -4.07
CA ASN B 412 25.06 21.97 -4.64
C ASN B 412 26.10 22.21 -3.55
N ALA B 413 27.37 21.99 -3.92
CA ALA B 413 28.45 22.12 -2.95
C ALA B 413 28.58 23.55 -2.44
N THR B 414 28.89 24.48 -3.34
CA THR B 414 29.09 25.91 -3.08
C THR B 414 30.33 26.16 -2.23
N ASN B 415 31.06 25.12 -1.81
CA ASN B 415 32.31 25.24 -1.05
C ASN B 415 32.10 25.99 0.28
N SER B 416 30.87 25.97 0.80
CA SER B 416 30.56 26.65 2.05
C SER B 416 29.30 26.03 2.63
N ASN B 417 29.08 26.30 3.91
CA ASN B 417 27.87 25.85 4.60
C ASN B 417 26.78 26.91 4.62
N LYS B 418 27.01 28.05 3.97
CA LYS B 418 25.98 29.03 3.71
C LYS B 418 25.54 28.93 2.24
N ASN B 419 24.35 29.45 1.97
CA ASN B 419 23.73 29.38 0.65
C ASN B 419 23.62 27.92 0.20
N MET B 420 22.83 27.16 0.97
CA MET B 420 22.65 25.73 0.77
C MET B 420 21.53 25.45 -0.21
N ASP B 421 21.54 24.24 -0.76
CA ASP B 421 20.46 23.73 -1.61
C ASP B 421 20.05 22.37 -1.09
N LEU B 422 18.88 22.28 -0.47
CA LEU B 422 18.42 21.06 0.18
C LEU B 422 17.29 20.44 -0.62
N PHE B 423 17.40 19.14 -0.88
CA PHE B 423 16.29 18.35 -1.41
C PHE B 423 15.71 17.53 -0.26
N ILE B 424 14.42 17.72 0.00
CA ILE B 424 13.74 17.07 1.11
C ILE B 424 12.56 16.28 0.58
N GLY B 425 12.51 14.99 0.90
CA GLY B 425 11.36 14.17 0.57
C GLY B 425 10.33 14.23 1.70
N PHE B 426 9.06 14.19 1.31
CA PHE B 426 7.96 14.33 2.26
C PHE B 426 6.96 13.20 2.05
N GLY B 427 6.09 13.02 3.04
CA GLY B 427 5.11 11.96 2.99
C GLY B 427 3.74 12.41 2.50
N SER B 428 3.35 13.64 2.82
CA SER B 428 2.05 14.17 2.43
C SER B 428 2.16 15.18 1.30
N GLY B 429 2.93 16.24 1.48
CA GLY B 429 3.12 17.23 0.45
C GLY B 429 4.12 16.78 -0.60
N ASN B 430 4.30 17.64 -1.60
CA ASN B 430 5.25 17.35 -2.67
C ASN B 430 6.68 17.57 -2.20
N ALA B 431 7.59 16.79 -2.77
CA ALA B 431 9.00 16.97 -2.47
C ALA B 431 9.47 18.34 -2.94
N LEU B 432 10.25 19.00 -2.11
CA LEU B 432 10.66 20.37 -2.36
C LEU B 432 12.18 20.50 -2.37
N VAL B 433 12.68 21.27 -3.32
CA VAL B 433 14.08 21.67 -3.35
C VAL B 433 14.16 23.07 -2.75
N LEU B 434 14.85 23.18 -1.62
CA LEU B 434 14.88 24.41 -0.84
C LEU B 434 16.28 25.02 -0.85
N ARG B 435 16.31 26.35 -0.86
CA ARG B 435 17.56 27.11 -0.79
C ARG B 435 17.60 27.87 0.54
N LEU B 436 18.63 27.61 1.33
CA LEU B 436 18.85 28.27 2.61
C LEU B 436 20.09 29.14 2.47
N ASN B 437 19.90 30.46 2.50
CA ASN B 437 20.97 31.37 2.10
C ASN B 437 21.96 31.62 3.25
N ASN B 438 21.48 32.20 4.34
CA ASN B 438 22.34 32.55 5.47
C ASN B 438 21.86 31.86 6.73
N LEU B 439 22.76 31.14 7.39
CA LEU B 439 22.45 30.41 8.61
C LEU B 439 22.97 31.18 9.82
N LYS B 440 22.09 31.47 10.77
CA LYS B 440 22.41 32.28 11.92
C LYS B 440 21.75 31.70 13.17
N SER B 441 22.26 32.11 14.32
CA SER B 441 21.72 31.66 15.60
C SER B 441 20.92 32.77 16.28
N PRO B 496 20.10 38.20 6.06
CA PRO B 496 19.45 37.38 7.08
C PRO B 496 19.02 36.03 6.54
N PHE B 497 18.52 35.16 7.41
CA PHE B 497 18.02 33.86 6.95
C PHE B 497 16.76 34.03 6.13
N ASP B 498 16.65 33.23 5.07
CA ASP B 498 15.44 33.16 4.26
C ASP B 498 15.44 31.83 3.53
N ILE B 499 14.24 31.41 3.13
CA ILE B 499 14.05 30.19 2.36
C ILE B 499 13.21 30.49 1.13
N GLU B 500 13.33 29.61 0.13
CA GLU B 500 12.62 29.80 -1.12
C GLU B 500 12.42 28.44 -1.80
N LEU B 501 11.41 28.38 -2.66
CA LEU B 501 11.07 27.17 -3.40
C LEU B 501 11.68 27.24 -4.79
N LEU B 502 12.55 26.29 -5.11
CA LEU B 502 13.21 26.23 -6.41
C LEU B 502 12.56 25.24 -7.36
N SER B 503 12.16 24.08 -6.86
CA SER B 503 11.54 23.06 -7.69
C SER B 503 10.61 22.21 -6.82
N SER B 504 9.88 21.31 -7.46
CA SER B 504 8.94 20.47 -6.74
C SER B 504 8.66 19.22 -7.55
N LEU B 505 8.60 18.08 -6.87
CA LEU B 505 8.19 16.82 -7.47
C LEU B 505 6.77 16.52 -7.00
N ARG B 506 5.83 16.48 -7.95
CA ARG B 506 4.42 16.36 -7.62
C ARG B 506 4.16 15.09 -6.83
N ASN B 507 3.63 15.25 -5.62
CA ASN B 507 3.25 14.14 -4.76
C ASN B 507 1.77 14.23 -4.48
N VAL B 508 1.05 13.13 -4.70
CA VAL B 508 -0.39 13.08 -4.44
C VAL B 508 -0.60 12.53 -3.04
N GLY B 509 0.46 12.55 -2.23
CA GLY B 509 0.40 12.14 -0.85
C GLY B 509 -0.10 10.71 -0.72
N PRO B 510 -0.70 10.40 0.43
CA PRO B 510 -1.42 9.12 0.55
C PRO B 510 -2.83 9.26 -0.02
N ILE B 511 -3.17 8.38 -0.96
CA ILE B 511 -4.51 8.37 -1.54
C ILE B 511 -5.28 7.71 -0.39
N THR B 512 -6.31 8.39 0.10
CA THR B 512 -7.03 7.95 1.28
C THR B 512 -8.43 7.53 0.87
N SER B 513 -8.92 8.01 -0.28
CA SER B 513 -10.24 7.64 -0.75
C SER B 513 -10.24 7.66 -2.27
N LEU B 514 -11.20 6.94 -2.86
CA LEU B 514 -11.35 6.86 -4.30
C LEU B 514 -12.83 6.77 -4.65
N THR B 515 -13.23 7.53 -5.67
CA THR B 515 -14.57 7.38 -6.22
C THR B 515 -14.54 7.87 -7.67
N VAL B 516 -15.54 7.43 -8.42
CA VAL B 516 -15.72 7.82 -9.80
C VAL B 516 -16.78 8.91 -9.85
N GLY B 517 -16.61 9.86 -10.75
CA GLY B 517 -17.59 10.92 -10.91
C GLY B 517 -17.44 11.63 -12.22
N LYS B 518 -18.00 12.84 -12.27
CA LYS B 518 -17.94 13.69 -13.45
C LYS B 518 -17.14 14.94 -13.11
N VAL B 519 -15.94 15.04 -13.66
CA VAL B 519 -15.16 16.27 -13.61
C VAL B 519 -15.21 16.98 -14.95
N SER B 520 -14.77 16.33 -16.02
CA SER B 520 -15.13 16.73 -17.37
C SER B 520 -16.46 16.08 -17.71
N SER B 521 -16.92 16.25 -18.94
CA SER B 521 -18.19 15.70 -19.42
C SER B 521 -19.40 16.22 -18.64
N ILE B 522 -19.21 17.22 -17.79
CA ILE B 522 -20.32 17.78 -17.04
C ILE B 522 -21.30 18.48 -17.98
N ASP B 523 -20.77 19.29 -18.90
CA ASP B 523 -21.59 19.98 -19.88
C ASP B 523 -21.72 19.13 -21.13
N ASP B 524 -22.94 18.98 -21.62
CA ASP B 524 -23.16 18.20 -22.85
C ASP B 524 -22.55 18.91 -24.06
N VAL B 525 -22.65 20.24 -24.10
CA VAL B 525 -22.12 21.04 -25.20
C VAL B 525 -21.25 22.15 -24.62
N VAL B 526 -20.15 22.44 -25.29
CA VAL B 526 -19.23 23.50 -24.90
C VAL B 526 -18.94 24.37 -26.12
N LYS B 527 -19.05 25.68 -25.94
CA LYS B 527 -18.80 26.65 -27.01
C LYS B 527 -19.68 26.40 -28.23
N GLY B 528 -20.90 25.92 -28.02
CA GLY B 528 -21.82 25.65 -29.10
C GLY B 528 -21.61 24.35 -29.83
N LEU B 529 -20.66 23.53 -29.40
CA LEU B 529 -20.35 22.24 -30.01
C LEU B 529 -20.36 21.17 -28.95
N PRO B 530 -20.57 19.91 -29.33
CA PRO B 530 -20.58 18.82 -28.35
C PRO B 530 -19.25 18.73 -27.60
N ASN B 531 -19.35 18.31 -26.34
CA ASN B 531 -18.16 18.22 -25.50
C ASN B 531 -17.17 17.22 -26.08
N PRO B 532 -15.91 17.60 -26.26
CA PRO B 532 -14.93 16.65 -26.81
C PRO B 532 -14.66 15.45 -25.92
N ASN B 533 -15.01 15.52 -24.65
CA ASN B 533 -14.86 14.42 -23.72
C ASN B 533 -16.19 14.12 -23.03
N LYS B 534 -17.25 14.04 -23.84
CA LYS B 534 -18.58 13.75 -23.33
C LYS B 534 -18.70 12.28 -22.92
N ASN B 535 -19.60 12.02 -21.97
CA ASN B 535 -19.85 10.68 -21.45
C ASN B 535 -18.59 10.07 -20.83
N GLU B 536 -17.71 10.92 -20.29
CA GLU B 536 -16.44 10.47 -19.72
C GLU B 536 -16.44 10.70 -18.23
N TYR B 537 -16.17 9.64 -17.47
CA TYR B 537 -16.00 9.72 -16.03
C TYR B 537 -14.52 9.65 -15.68
N SER B 538 -14.18 10.13 -14.49
CA SER B 538 -12.80 10.18 -14.04
C SER B 538 -12.69 9.69 -12.61
N LEU B 539 -11.51 9.18 -12.27
CA LEU B 539 -11.21 8.77 -10.90
C LEU B 539 -10.78 9.98 -10.10
N VAL B 540 -11.48 10.24 -9.00
CA VAL B 540 -11.18 11.35 -8.11
C VAL B 540 -10.77 10.78 -6.77
N ALA B 541 -9.62 11.22 -6.27
CA ALA B 541 -9.05 10.70 -5.03
C ALA B 541 -8.70 11.84 -4.10
N THR B 542 -8.91 11.61 -2.80
CA THR B 542 -8.42 12.54 -1.79
C THR B 542 -6.93 12.30 -1.58
N SER B 543 -6.18 13.38 -1.42
CA SER B 543 -4.73 13.33 -1.39
C SER B 543 -4.22 14.09 -0.18
N GLY B 544 -3.12 13.59 0.39
CA GLY B 544 -2.42 14.28 1.45
C GLY B 544 -3.09 14.15 2.80
N ASN B 545 -2.37 14.62 3.83
CA ASN B 545 -2.87 14.65 5.21
C ASN B 545 -2.65 16.07 5.73
N GLY B 546 -3.70 16.68 6.24
CA GLY B 546 -3.57 17.96 6.92
C GLY B 546 -3.86 19.16 6.04
N SER B 547 -3.08 20.23 6.24
CA SER B 547 -3.37 21.50 5.58
C SER B 547 -3.31 21.37 4.06
N GLY B 548 -2.36 20.59 3.56
CA GLY B 548 -2.20 20.46 2.11
C GLY B 548 -3.11 19.47 1.45
N SER B 549 -4.01 18.84 2.21
CA SER B 549 -4.89 17.83 1.64
C SER B 549 -5.81 18.45 0.60
N HIS B 550 -6.03 17.72 -0.50
CA HIS B 550 -6.72 18.25 -1.65
C HIS B 550 -7.40 17.10 -2.38
N LEU B 551 -7.96 17.40 -3.55
CA LEU B 551 -8.55 16.39 -4.42
C LEU B 551 -7.66 16.22 -5.65
N THR B 552 -7.32 14.97 -5.94
CA THR B 552 -6.52 14.62 -7.12
C THR B 552 -7.41 13.90 -8.11
N VAL B 553 -7.60 14.48 -9.28
CA VAL B 553 -8.40 13.87 -10.34
C VAL B 553 -7.48 13.07 -11.24
N ILE B 554 -7.71 11.77 -11.32
CA ILE B 554 -6.91 10.88 -12.15
C ILE B 554 -7.64 10.78 -13.48
N GLN B 555 -7.27 11.64 -14.42
CA GLN B 555 -7.97 11.71 -15.70
C GLN B 555 -7.65 10.51 -16.58
N THR B 556 -8.69 9.90 -17.12
CA THR B 556 -8.50 8.81 -18.08
C THR B 556 -8.00 9.32 -19.42
N SER B 557 -8.15 10.62 -19.69
CA SER B 557 -7.71 11.20 -20.95
C SER B 557 -7.41 12.67 -20.72
N VAL B 558 -6.69 13.27 -21.67
CA VAL B 558 -6.35 14.68 -21.60
C VAL B 558 -7.57 15.50 -21.98
N GLN B 559 -8.01 16.37 -21.07
CA GLN B 559 -9.14 17.26 -21.35
C GLN B 559 -8.60 18.55 -21.92
N PRO B 560 -8.88 18.88 -23.18
CA PRO B 560 -8.34 20.10 -23.78
C PRO B 560 -9.26 21.29 -23.58
N GLU B 561 -8.65 22.44 -23.27
CA GLU B 561 -9.41 23.68 -23.14
C GLU B 561 -9.84 24.16 -24.52
N ILE B 562 -11.07 24.66 -24.59
CA ILE B 562 -11.68 25.08 -25.86
C ILE B 562 -11.60 26.60 -25.96
N GLU B 563 -11.12 27.09 -27.10
CA GLU B 563 -11.11 28.52 -27.39
C GLU B 563 -11.89 28.92 -28.63
N LEU B 564 -12.19 27.97 -29.52
CA LEU B 564 -12.99 28.26 -30.70
C LEU B 564 -13.59 26.95 -31.19
N ALA B 565 -14.88 26.98 -31.54
CA ALA B 565 -15.63 25.78 -31.91
C ALA B 565 -16.45 26.04 -33.16
N LEU B 566 -15.80 26.58 -34.19
CA LEU B 566 -16.47 26.80 -35.46
C LEU B 566 -16.84 25.47 -36.10
N LYS B 567 -17.87 25.49 -36.94
CA LYS B 567 -18.51 24.29 -37.45
C LYS B 567 -18.32 24.15 -38.96
N PHE B 568 -17.98 22.94 -39.39
CA PHE B 568 -17.99 22.55 -40.80
C PHE B 568 -17.07 23.44 -41.65
N ILE B 569 -15.78 23.35 -41.36
CA ILE B 569 -14.77 23.95 -42.22
C ILE B 569 -13.90 22.89 -42.91
N SER B 570 -13.84 21.68 -42.39
CA SER B 570 -13.02 20.62 -42.96
C SER B 570 -13.89 19.46 -43.42
N ILE B 571 -13.39 18.75 -44.43
CA ILE B 571 -13.98 17.51 -44.90
C ILE B 571 -13.07 16.32 -44.61
N THR B 572 -11.81 16.40 -45.02
CA THR B 572 -10.85 15.33 -44.79
C THR B 572 -9.66 15.78 -43.97
N GLN B 573 -9.03 16.90 -44.32
CA GLN B 573 -7.84 17.35 -43.63
C GLN B 573 -7.65 18.84 -43.86
N ILE B 574 -7.12 19.52 -42.85
CA ILE B 574 -6.92 20.96 -42.90
C ILE B 574 -5.42 21.26 -42.87
N TRP B 575 -5.09 22.50 -43.24
CA TRP B 575 -3.74 23.04 -43.11
C TRP B 575 -3.85 24.51 -42.75
N ASN B 576 -3.18 24.91 -41.68
CA ASN B 576 -3.18 26.30 -41.26
C ASN B 576 -1.83 26.93 -41.62
N LEU B 577 -1.87 27.97 -42.44
CA LEU B 577 -0.67 28.67 -42.87
C LEU B 577 -0.43 29.90 -42.00
N LYS B 578 0.82 30.39 -42.04
CA LYS B 578 1.23 31.55 -41.25
C LYS B 578 2.13 32.41 -42.13
N ILE B 579 1.57 33.49 -42.69
CA ILE B 579 2.37 34.40 -43.49
C ILE B 579 3.43 35.07 -42.63
N LYS B 580 3.04 35.55 -41.45
CA LYS B 580 3.97 36.10 -40.47
C LYS B 580 3.57 35.63 -39.08
N GLY B 581 3.12 34.38 -38.98
CA GLY B 581 2.52 33.90 -37.75
C GLY B 581 1.23 34.61 -37.41
N ARG B 582 0.38 34.84 -38.41
CA ARG B 582 -0.84 35.60 -38.22
C ARG B 582 -2.10 34.81 -38.56
N ASP B 583 -1.99 33.48 -38.73
CA ASP B 583 -3.13 32.61 -38.93
C ASP B 583 -3.96 33.02 -40.15
N ARG B 584 -3.34 32.86 -41.31
CA ARG B 584 -4.00 33.12 -42.59
C ARG B 584 -4.08 31.84 -43.40
N TYR B 585 -5.13 31.73 -44.23
CA TYR B 585 -5.27 30.68 -45.24
C TYR B 585 -5.26 29.29 -44.60
N LEU B 586 -6.35 29.00 -43.88
CA LEU B 586 -6.57 27.65 -43.37
C LEU B 586 -7.09 26.80 -44.51
N ILE B 587 -6.17 26.17 -45.25
CA ILE B 587 -6.55 25.36 -46.40
C ILE B 587 -7.16 24.05 -45.92
N THR B 588 -8.27 23.66 -46.54
CA THR B 588 -8.91 22.37 -46.31
C THR B 588 -8.91 21.57 -47.61
N THR B 589 -9.40 20.33 -47.52
CA THR B 589 -9.42 19.46 -48.68
C THR B 589 -10.56 18.45 -48.55
N ASP B 590 -10.89 17.81 -49.66
CA ASP B 590 -11.94 16.81 -49.73
C ASP B 590 -11.39 15.61 -50.50
N SER B 591 -10.92 14.59 -49.77
CA SER B 591 -10.38 13.40 -50.40
C SER B 591 -11.44 12.57 -51.11
N THR B 592 -12.73 12.84 -50.84
CA THR B 592 -13.81 12.09 -51.47
C THR B 592 -14.27 12.74 -52.77
N LYS B 593 -14.56 14.04 -52.73
CA LYS B 593 -15.03 14.76 -53.90
C LYS B 593 -13.90 15.40 -54.70
N SER B 594 -12.65 15.19 -54.30
CA SER B 594 -11.48 15.73 -54.99
C SER B 594 -11.58 17.25 -55.14
N ARG B 595 -11.96 17.92 -54.06
CA ARG B 595 -12.08 19.37 -54.04
C ARG B 595 -11.27 19.94 -52.90
N SER B 596 -10.76 21.15 -53.09
CA SER B 596 -9.99 21.85 -52.07
C SER B 596 -10.46 23.29 -52.00
N ASP B 597 -10.48 23.83 -50.78
CA ASP B 597 -10.88 25.21 -50.55
C ASP B 597 -9.81 25.92 -49.74
N ILE B 598 -9.84 27.25 -49.79
CA ILE B 598 -8.78 28.06 -49.21
C ILE B 598 -9.17 28.59 -47.85
N TYR B 599 -10.28 29.35 -47.78
CA TYR B 599 -10.77 29.99 -46.56
C TYR B 599 -9.81 31.03 -46.02
N GLU B 600 -10.33 32.01 -45.29
CA GLU B 600 -9.53 33.05 -44.68
C GLU B 600 -9.74 33.00 -43.18
N SER B 601 -8.65 32.81 -42.43
CA SER B 601 -8.72 32.68 -40.99
C SER B 601 -8.68 34.01 -40.27
N ASP B 602 -8.60 35.12 -40.99
CA ASP B 602 -8.65 36.45 -40.38
C ASP B 602 -10.09 36.97 -40.29
N ASN B 603 -10.98 36.12 -39.76
CA ASN B 603 -12.39 36.45 -39.56
C ASN B 603 -13.03 36.93 -40.86
N ASN B 604 -12.64 36.32 -41.97
CA ASN B 604 -13.23 36.62 -43.27
C ASN B 604 -13.96 35.43 -43.86
N PHE B 605 -13.30 34.28 -43.97
CA PHE B 605 -13.90 33.02 -44.40
C PHE B 605 -14.52 33.21 -45.79
N LYS B 606 -15.53 32.39 -46.12
CA LYS B 606 -16.21 32.43 -47.41
C LYS B 606 -15.20 32.29 -48.55
N LEU B 607 -14.18 31.46 -48.31
CA LEU B 607 -13.09 31.23 -49.26
C LEU B 607 -12.37 32.54 -49.62
N HIS B 608 -11.43 32.46 -50.55
CA HIS B 608 -10.73 33.65 -51.04
C HIS B 608 -11.34 34.21 -52.31
N LYS B 609 -12.42 33.59 -52.81
CA LYS B 609 -13.09 33.99 -54.05
C LYS B 609 -12.15 33.96 -55.25
N GLY B 610 -11.16 33.08 -55.23
CA GLY B 610 -10.20 32.99 -56.31
C GLY B 610 -8.80 33.40 -55.89
N GLY B 611 -7.89 32.43 -55.85
CA GLY B 611 -6.51 32.69 -55.45
C GLY B 611 -5.51 31.86 -56.23
N ARG B 612 -5.93 31.37 -57.39
CA ARG B 612 -5.11 30.57 -58.30
C ARG B 612 -4.72 29.22 -57.70
N LEU B 613 -5.39 28.78 -56.64
CA LEU B 613 -5.26 27.39 -56.21
C LEU B 613 -5.82 26.43 -57.24
N ARG B 614 -5.39 25.18 -57.14
CA ARG B 614 -5.96 24.12 -57.96
C ARG B 614 -7.46 23.99 -57.70
N ARG B 615 -7.81 23.65 -56.46
CA ARG B 615 -9.18 23.59 -55.94
C ARG B 615 -10.01 22.48 -56.57
N ASP B 616 -9.47 21.74 -57.54
CA ASP B 616 -10.21 20.67 -58.20
C ASP B 616 -9.50 19.33 -58.07
N ALA B 617 -8.62 19.19 -57.08
CA ALA B 617 -7.93 17.94 -56.83
C ALA B 617 -7.68 17.81 -55.33
N THR B 618 -7.49 16.56 -54.89
CA THR B 618 -7.21 16.31 -53.48
C THR B 618 -5.84 16.87 -53.11
N THR B 619 -5.82 17.95 -52.35
CA THR B 619 -4.56 18.50 -51.88
C THR B 619 -3.92 17.55 -50.88
N VAL B 620 -2.64 17.25 -51.08
CA VAL B 620 -1.91 16.33 -50.22
C VAL B 620 -1.10 17.08 -49.17
N TYR B 621 -0.50 18.21 -49.54
CA TYR B 621 0.25 19.02 -48.60
C TYR B 621 0.32 20.44 -49.09
N ILE B 622 0.37 21.38 -48.14
CA ILE B 622 0.56 22.79 -48.45
C ILE B 622 1.12 23.49 -47.21
N SER B 623 2.16 24.29 -47.40
CA SER B 623 2.79 24.99 -46.28
C SER B 623 3.61 26.15 -46.81
N MET B 624 4.02 27.02 -45.90
CA MET B 624 4.92 28.11 -46.26
C MET B 624 6.27 27.56 -46.71
N PHE B 625 6.90 28.27 -47.64
CA PHE B 625 8.15 27.83 -48.22
C PHE B 625 9.10 29.01 -48.37
N GLY B 626 10.39 28.74 -48.28
CA GLY B 626 11.42 29.74 -48.48
C GLY B 626 11.30 30.96 -47.59
N GLU B 627 11.46 30.76 -46.28
CA GLU B 627 11.34 31.84 -45.30
C GLU B 627 9.98 32.51 -45.39
N GLU B 628 8.94 31.71 -45.60
CA GLU B 628 7.55 32.17 -45.71
C GLU B 628 7.33 33.13 -46.87
N LYS B 629 8.28 33.21 -47.80
CA LYS B 629 8.14 34.03 -48.99
C LYS B 629 7.51 33.27 -50.16
N ARG B 630 7.25 31.97 -49.98
CA ARG B 630 6.62 31.16 -51.00
C ARG B 630 5.60 30.24 -50.35
N ILE B 631 4.62 29.81 -51.15
CA ILE B 631 3.63 28.83 -50.74
C ILE B 631 3.68 27.69 -51.74
N ILE B 632 3.90 26.47 -51.25
CA ILE B 632 4.00 25.28 -52.09
C ILE B 632 2.85 24.37 -51.75
N GLN B 633 2.09 23.97 -52.78
CA GLN B 633 0.95 23.06 -52.62
C GLN B 633 1.19 21.86 -53.51
N VAL B 634 1.18 20.67 -52.90
CA VAL B 634 1.36 19.43 -53.62
C VAL B 634 0.00 18.74 -53.68
N THR B 635 -0.64 18.77 -54.84
CA THR B 635 -1.92 18.11 -55.02
C THR B 635 -1.67 16.63 -55.26
N THR B 636 -2.71 15.89 -55.68
CA THR B 636 -2.56 14.46 -55.88
C THR B 636 -1.54 14.15 -56.98
N ASN B 637 -1.58 14.91 -58.08
CA ASN B 637 -0.71 14.63 -59.21
C ASN B 637 0.10 15.83 -59.67
N HIS B 638 -0.04 16.99 -59.04
CA HIS B 638 0.68 18.19 -59.45
C HIS B 638 1.34 18.85 -58.25
N LEU B 639 2.45 19.53 -58.53
CA LEU B 639 3.16 20.33 -57.54
C LEU B 639 3.14 21.78 -57.98
N TYR B 640 2.82 22.69 -57.06
CA TYR B 640 2.71 24.10 -57.37
C TYR B 640 3.55 24.91 -56.38
N LEU B 641 3.92 26.11 -56.81
CA LEU B 641 4.72 27.02 -55.99
C LEU B 641 4.14 28.41 -56.15
N TYR B 642 3.30 28.82 -55.21
CA TYR B 642 2.69 30.14 -55.22
C TYR B 642 3.55 31.12 -54.41
N ASP B 643 3.01 32.30 -54.13
CA ASP B 643 3.66 33.28 -53.29
C ASP B 643 2.72 33.72 -52.18
N THR B 644 3.10 34.76 -51.44
CA THR B 644 2.24 35.27 -50.37
C THR B 644 0.92 35.80 -50.92
N HIS B 645 0.94 36.40 -52.10
CA HIS B 645 -0.26 36.86 -52.78
C HIS B 645 -0.87 35.78 -53.65
N PHE B 646 -0.29 34.57 -53.62
CA PHE B 646 -0.90 33.34 -54.13
C PHE B 646 -0.91 33.30 -55.66
N ARG B 647 0.07 33.93 -56.30
CA ARG B 647 0.20 33.86 -57.75
C ARG B 647 1.09 32.69 -58.12
N ARG B 648 0.57 31.76 -58.92
CA ARG B 648 1.30 30.56 -59.26
C ARG B 648 2.54 30.90 -60.08
N LEU B 649 3.68 30.32 -59.70
CA LEU B 649 4.96 30.59 -60.34
C LEU B 649 5.51 29.40 -61.09
N THR B 650 5.61 28.25 -60.44
CA THR B 650 6.16 27.05 -61.05
C THR B 650 5.21 25.88 -60.83
N THR B 651 5.15 24.99 -61.82
CA THR B 651 4.35 23.79 -61.75
C THR B 651 5.20 22.60 -62.20
N ILE B 652 5.19 21.54 -61.41
CA ILE B 652 5.88 20.30 -61.77
C ILE B 652 4.84 19.20 -61.87
N LYS B 653 4.66 18.67 -63.07
CA LYS B 653 3.69 17.60 -63.28
C LYS B 653 4.26 16.31 -62.71
N PHE B 654 3.49 15.67 -61.83
CA PHE B 654 3.84 14.36 -61.29
C PHE B 654 3.01 13.33 -62.05
N ASP B 655 3.69 12.55 -62.89
CA ASP B 655 3.02 11.47 -63.61
C ASP B 655 2.50 10.40 -62.66
N TYR B 656 3.05 10.32 -61.45
CA TYR B 656 2.59 9.41 -60.41
C TYR B 656 2.04 10.24 -59.24
N GLU B 657 0.99 9.73 -58.60
CA GLU B 657 0.38 10.44 -57.49
C GLU B 657 1.28 10.40 -56.26
N VAL B 658 1.27 11.51 -55.51
CA VAL B 658 2.13 11.62 -54.34
C VAL B 658 1.43 11.01 -53.13
N ILE B 659 2.22 10.44 -52.21
CA ILE B 659 1.66 9.79 -51.03
C ILE B 659 2.36 10.27 -49.78
N HIS B 660 3.42 11.07 -49.93
CA HIS B 660 4.11 11.67 -48.80
C HIS B 660 4.83 12.93 -49.25
N VAL B 661 4.71 13.98 -48.43
CA VAL B 661 5.41 15.25 -48.67
C VAL B 661 5.99 15.72 -47.34
N SER B 662 7.29 16.00 -47.33
CA SER B 662 7.96 16.61 -46.19
C SER B 662 8.72 17.85 -46.65
N VAL B 663 8.64 18.91 -45.87
CA VAL B 663 9.15 20.22 -46.29
C VAL B 663 10.00 20.80 -45.17
N MET B 664 11.24 21.13 -45.49
CA MET B 664 12.06 22.07 -44.74
C MET B 664 12.28 23.32 -45.60
N ASP B 665 13.05 24.27 -45.05
CA ASP B 665 13.20 25.55 -45.73
C ASP B 665 13.82 25.43 -47.11
N PRO B 666 14.99 24.80 -47.31
CA PRO B 666 15.54 24.71 -48.67
C PRO B 666 14.84 23.66 -49.53
N TYR B 667 14.56 22.50 -48.96
CA TYR B 667 14.17 21.32 -49.73
C TYR B 667 12.75 20.89 -49.42
N ILE B 668 12.16 20.19 -50.40
CA ILE B 668 10.89 19.50 -50.23
C ILE B 668 11.07 18.09 -50.77
N LEU B 669 10.64 17.09 -49.99
CA LEU B 669 10.75 15.69 -50.38
C LEU B 669 9.36 15.18 -50.76
N VAL B 670 9.26 14.55 -51.92
CA VAL B 670 8.00 14.05 -52.46
C VAL B 670 8.16 12.57 -52.78
N THR B 671 7.22 11.76 -52.28
CA THR B 671 7.22 10.32 -52.50
C THR B 671 5.97 9.93 -53.29
N VAL B 672 6.15 9.08 -54.31
CA VAL B 672 5.08 8.74 -55.24
C VAL B 672 4.68 7.27 -55.13
N SER B 673 3.72 6.86 -55.96
CA SER B 673 3.10 5.54 -55.81
C SER B 673 4.09 4.40 -55.98
N ARG B 674 4.95 4.47 -57.01
CA ARG B 674 5.95 3.42 -57.13
C ARG B 674 7.05 3.56 -56.10
N GLY B 675 7.02 4.60 -55.27
CA GLY B 675 8.05 4.80 -54.28
C GLY B 675 9.26 5.59 -54.75
N ASP B 676 9.13 6.34 -55.85
CA ASP B 676 10.24 7.14 -56.31
C ASP B 676 10.51 8.27 -55.32
N ILE B 677 11.79 8.51 -55.04
CA ILE B 677 12.22 9.58 -54.14
C ILE B 677 12.59 10.77 -54.99
N LYS B 678 11.89 11.89 -54.78
CA LYS B 678 12.17 13.14 -55.48
C LYS B 678 12.36 14.23 -54.43
N ILE B 679 13.53 14.88 -54.48
CA ILE B 679 13.87 15.95 -53.56
C ILE B 679 14.21 17.18 -54.39
N PHE B 680 13.45 18.24 -54.22
CA PHE B 680 13.66 19.49 -54.94
C PHE B 680 14.16 20.56 -53.97
N GLU B 681 15.03 21.44 -54.48
CA GLU B 681 15.61 22.51 -53.69
C GLU B 681 15.22 23.85 -54.28
N LEU B 682 14.71 24.73 -53.41
CA LEU B 682 14.41 26.09 -53.83
C LEU B 682 15.70 26.85 -54.14
N GLU B 683 15.66 27.66 -55.19
CA GLU B 683 16.79 28.50 -55.57
C GLU B 683 16.77 29.77 -54.72
N GLU B 684 17.81 29.95 -53.90
CA GLU B 684 17.84 31.09 -53.00
C GLU B 684 17.97 32.42 -53.73
N LYS B 685 18.36 32.41 -55.01
CA LYS B 685 18.57 33.66 -55.73
C LYS B 685 17.25 34.32 -56.10
N ASN B 686 16.44 33.65 -56.92
CA ASN B 686 15.17 34.23 -57.38
C ASN B 686 14.01 33.25 -57.31
N LYS B 687 14.17 32.12 -56.61
CA LYS B 687 13.12 31.12 -56.46
C LYS B 687 12.61 30.64 -57.82
N ARG B 688 11.38 30.11 -57.85
CA ARG B 688 10.69 29.68 -59.07
C ARG B 688 11.46 28.61 -59.84
N LYS B 689 12.56 28.12 -59.29
CA LYS B 689 13.38 27.13 -59.99
C LYS B 689 13.05 25.70 -59.57
N LEU B 690 13.19 25.41 -58.26
CA LEU B 690 12.97 24.06 -57.71
C LEU B 690 13.88 23.04 -58.40
N LEU B 691 15.18 23.23 -58.20
CA LEU B 691 16.18 22.35 -58.78
C LEU B 691 16.15 20.99 -58.11
N LYS B 692 16.47 19.96 -58.89
CA LYS B 692 16.54 18.60 -58.37
C LYS B 692 17.81 18.41 -57.55
N VAL B 693 17.71 17.57 -56.52
CA VAL B 693 18.83 17.24 -55.65
C VAL B 693 19.24 15.81 -55.91
N ASP B 694 20.55 15.59 -56.09
CA ASP B 694 21.06 14.26 -56.40
C ASP B 694 20.88 13.33 -55.20
N LEU B 695 20.70 12.04 -55.50
CA LEU B 695 20.47 11.02 -54.49
C LEU B 695 21.46 9.88 -54.69
N PRO B 696 21.78 9.15 -53.61
CA PRO B 696 22.61 7.95 -53.75
C PRO B 696 21.93 6.92 -54.64
N GLU B 697 22.74 6.16 -55.38
CA GLU B 697 22.19 5.21 -56.35
C GLU B 697 21.51 4.04 -55.64
N ILE B 698 21.88 3.78 -54.39
CA ILE B 698 21.29 2.68 -53.62
C ILE B 698 19.82 2.98 -53.37
N LEU B 699 19.46 4.27 -53.32
CA LEU B 699 18.07 4.64 -53.08
C LEU B 699 17.14 4.09 -54.15
N ASN B 700 17.61 4.01 -55.39
CA ASN B 700 16.78 3.45 -56.45
C ASN B 700 16.50 1.97 -56.21
N GLU B 701 17.49 1.24 -55.69
CA GLU B 701 17.31 -0.20 -55.47
C GLU B 701 16.35 -0.47 -54.33
N MET B 702 16.52 0.23 -53.21
CA MET B 702 15.69 -0.03 -52.04
C MET B 702 14.28 0.49 -52.25
N VAL B 703 13.33 -0.10 -51.51
CA VAL B 703 11.94 0.33 -51.51
C VAL B 703 11.67 1.08 -50.21
N ILE B 704 10.98 2.22 -50.33
CA ILE B 704 10.77 3.13 -49.21
C ILE B 704 9.27 3.22 -48.94
N THR B 705 8.89 3.07 -47.67
CA THR B 705 7.49 3.18 -47.27
C THR B 705 7.11 4.62 -46.94
N SER B 706 7.98 5.34 -46.23
CA SER B 706 7.72 6.72 -45.85
C SER B 706 9.06 7.44 -45.70
N GLY B 707 9.01 8.76 -45.69
CA GLY B 707 10.21 9.55 -45.58
C GLY B 707 9.92 10.92 -45.02
N LEU B 708 10.97 11.57 -44.55
CA LEU B 708 10.89 12.92 -44.02
C LEU B 708 12.27 13.53 -44.00
N ILE B 709 12.33 14.83 -44.08
CA ILE B 709 13.58 15.56 -43.90
C ILE B 709 13.78 15.79 -42.42
N LEU B 710 15.02 15.71 -41.97
CA LEU B 710 15.32 15.62 -40.55
C LEU B 710 16.47 16.56 -40.21
N LYS B 711 16.53 16.94 -38.94
CA LYS B 711 17.57 17.85 -38.43
C LYS B 711 18.10 17.27 -37.12
N SER B 712 19.31 16.74 -37.14
CA SER B 712 19.90 16.15 -35.96
C SER B 712 21.42 16.18 -36.07
N ASN B 713 22.08 16.05 -34.92
CA ASN B 713 23.53 15.98 -34.85
C ASN B 713 24.03 14.56 -34.57
N MET B 714 23.18 13.55 -34.74
CA MET B 714 23.56 12.18 -34.47
C MET B 714 24.63 11.65 -35.42
N CYS B 715 24.88 12.34 -36.52
CA CYS B 715 25.88 11.92 -37.50
C CYS B 715 27.11 12.82 -37.46
N ASN B 716 27.19 13.72 -36.48
CA ASN B 716 28.28 14.68 -36.38
C ASN B 716 29.60 14.05 -35.96
N GLU B 717 29.67 12.72 -35.87
CA GLU B 717 30.93 12.03 -35.61
C GLU B 717 31.44 11.22 -36.79
N PHE B 718 30.59 10.86 -37.75
CA PHE B 718 31.02 10.19 -38.97
C PHE B 718 31.20 11.16 -40.14
N LEU B 719 30.48 12.26 -40.14
CA LEU B 719 30.61 13.24 -41.22
C LEU B 719 31.96 13.95 -41.13
N ILE B 720 32.55 14.20 -42.29
CA ILE B 720 33.88 14.80 -42.35
C ILE B 720 33.76 16.31 -42.16
N GLY B 721 34.62 16.87 -41.32
CA GLY B 721 34.72 18.31 -41.15
C GLY B 721 34.13 18.83 -39.85
N LEU B 722 33.40 18.01 -39.09
CA LEU B 722 32.80 18.48 -37.85
C LEU B 722 32.72 17.33 -36.86
N SER B 723 33.05 17.63 -35.61
CA SER B 723 32.88 16.69 -34.49
C SER B 723 32.34 17.44 -33.28
N LYS B 724 31.44 18.39 -33.51
CA LYS B 724 30.89 19.23 -32.46
C LYS B 724 29.45 18.83 -32.18
N SER B 725 29.08 18.84 -30.90
CA SER B 725 27.73 18.46 -30.50
C SER B 725 26.69 19.40 -31.09
N GLN B 726 27.05 20.67 -31.31
CA GLN B 726 26.13 21.63 -31.89
C GLN B 726 26.07 21.43 -33.40
N GLU B 727 25.38 22.33 -34.09
CA GLU B 727 25.27 22.32 -35.56
C GLU B 727 24.68 21.00 -36.05
N GLU B 728 23.43 20.79 -35.68
CA GLU B 728 22.70 19.62 -36.18
C GLU B 728 22.58 19.68 -37.70
N GLN B 729 22.80 18.54 -38.34
CA GLN B 729 22.85 18.48 -39.80
C GLN B 729 21.49 18.13 -40.37
N LEU B 730 21.17 18.75 -41.51
CA LEU B 730 19.95 18.40 -42.23
C LEU B 730 20.11 17.01 -42.85
N LEU B 731 19.16 16.13 -42.55
CA LEU B 731 19.23 14.75 -43.00
C LEU B 731 17.94 14.37 -43.71
N PHE B 732 18.07 13.49 -44.71
CA PHE B 732 16.93 12.97 -45.46
C PHE B 732 16.66 11.55 -44.94
N THR B 733 15.66 11.42 -44.08
CA THR B 733 15.37 10.16 -43.41
C THR B 733 14.31 9.40 -44.18
N PHE B 734 14.57 8.11 -44.41
CA PHE B 734 13.64 7.25 -45.13
C PHE B 734 13.49 5.92 -44.40
N VAL B 735 12.26 5.44 -44.33
CA VAL B 735 11.95 4.16 -43.69
C VAL B 735 11.75 3.13 -44.79
N THR B 736 12.54 2.06 -44.75
CA THR B 736 12.46 1.00 -45.74
C THR B 736 11.35 0.01 -45.39
N ALA B 737 11.06 -0.88 -46.34
CA ALA B 737 10.07 -1.93 -46.10
C ALA B 737 10.60 -3.02 -45.17
N ASP B 738 11.91 -3.05 -44.91
CA ASP B 738 12.48 -3.94 -43.92
C ASP B 738 12.70 -3.25 -42.57
N ASN B 739 11.92 -2.19 -42.30
CA ASN B 739 11.93 -1.49 -41.01
C ASN B 739 13.31 -0.94 -40.67
N GLN B 740 14.06 -0.51 -41.67
CA GLN B 740 15.38 0.08 -41.45
C GLN B 740 15.29 1.58 -41.68
N ILE B 741 15.82 2.35 -40.73
CA ILE B 741 15.86 3.80 -40.83
C ILE B 741 17.22 4.21 -41.38
N ILE B 742 17.22 4.88 -42.52
CA ILE B 742 18.43 5.33 -43.18
C ILE B 742 18.31 6.82 -43.43
N PHE B 743 19.46 7.47 -43.58
CA PHE B 743 19.50 8.91 -43.75
C PHE B 743 20.86 9.33 -44.30
N PHE B 744 20.87 10.50 -44.94
CA PHE B 744 22.09 11.07 -45.50
C PHE B 744 21.94 12.59 -45.52
N THR B 745 23.09 13.26 -45.62
CA THR B 745 23.12 14.72 -45.63
C THR B 745 23.03 15.23 -47.08
N LYS B 746 23.09 16.56 -47.23
CA LYS B 746 23.06 17.18 -48.54
C LYS B 746 24.27 16.76 -49.36
N ASP B 747 25.46 17.11 -48.88
CA ASP B 747 26.69 16.62 -49.49
C ASP B 747 26.94 15.18 -49.03
N HIS B 748 26.07 14.26 -49.47
CA HIS B 748 26.12 12.89 -48.97
C HIS B 748 27.42 12.20 -49.39
N ASN B 749 27.89 12.49 -50.61
CA ASN B 749 29.03 11.78 -51.20
C ASN B 749 28.76 10.27 -51.23
N ASP B 750 27.50 9.91 -51.45
CA ASP B 750 26.98 8.54 -51.56
C ASP B 750 27.09 7.79 -50.25
N ARG B 751 27.43 8.44 -49.14
CA ARG B 751 27.51 7.77 -47.84
C ARG B 751 26.11 7.69 -47.24
N ILE B 752 25.64 6.47 -47.02
CA ILE B 752 24.32 6.23 -46.44
C ILE B 752 24.52 5.65 -45.04
N PHE B 753 23.94 6.30 -44.05
CA PHE B 753 24.01 5.84 -42.68
C PHE B 753 22.71 5.14 -42.29
N GLN B 754 22.70 4.57 -41.08
CA GLN B 754 21.52 3.87 -40.58
C GLN B 754 21.60 3.78 -39.07
N LEU B 755 20.42 3.70 -38.45
CA LEU B 755 20.32 3.45 -37.01
C LEU B 755 20.21 1.94 -36.82
N ASN B 756 21.31 1.32 -36.39
CA ASN B 756 21.33 -0.14 -36.27
C ASN B 756 20.39 -0.62 -35.17
N GLY B 757 19.56 -1.60 -35.50
CA GLY B 757 18.69 -2.24 -34.54
C GLY B 757 17.22 -1.87 -34.65
N VAL B 758 16.87 -0.85 -35.43
CA VAL B 758 15.48 -0.41 -35.52
C VAL B 758 14.60 -1.51 -36.08
N ASP B 759 15.15 -2.35 -36.98
CA ASP B 759 14.36 -3.42 -37.58
C ASP B 759 13.87 -4.38 -36.52
N GLN B 760 14.72 -4.74 -35.56
CA GLN B 760 14.32 -5.58 -34.44
C GLN B 760 13.88 -4.78 -33.22
N LEU B 761 13.90 -3.44 -33.31
CA LEU B 761 13.53 -2.57 -32.19
C LEU B 761 14.35 -2.92 -30.95
N ASN B 762 15.66 -2.90 -31.09
CA ASN B 762 16.56 -3.25 -30.00
C ASN B 762 16.48 -2.22 -28.89
N GLU B 763 16.93 -2.63 -27.70
CA GLU B 763 16.95 -1.72 -26.55
C GLU B 763 17.92 -0.56 -26.75
N SER B 764 18.92 -0.73 -27.61
CA SER B 764 19.90 0.31 -27.88
C SER B 764 20.09 0.44 -29.39
N LEU B 765 20.37 1.67 -29.82
CA LEU B 765 20.58 1.95 -31.24
C LEU B 765 21.82 2.82 -31.38
N TYR B 766 22.47 2.72 -32.55
CA TYR B 766 23.64 3.53 -32.81
C TYR B 766 23.77 3.78 -34.31
N ILE B 767 24.50 4.82 -34.66
CA ILE B 767 24.73 5.19 -36.06
C ILE B 767 25.82 4.31 -36.64
N SER B 768 25.61 3.86 -37.87
CA SER B 768 26.59 3.06 -38.59
C SER B 768 26.45 3.36 -40.08
N THR B 769 27.07 2.53 -40.91
CA THR B 769 26.95 2.64 -42.36
C THR B 769 26.02 1.55 -42.86
N TYR B 770 25.06 1.93 -43.71
CA TYR B 770 24.05 0.99 -44.16
C TYR B 770 24.68 -0.12 -45.00
N GLN B 771 24.22 -1.34 -44.78
CA GLN B 771 24.65 -2.50 -45.55
C GLN B 771 23.41 -3.17 -46.15
N LEU B 772 23.49 -3.48 -47.44
CA LEU B 772 22.36 -4.08 -48.13
C LEU B 772 22.18 -5.55 -47.72
N VAL B 777 13.50 -9.19 -47.42
CA VAL B 777 12.57 -9.53 -46.36
C VAL B 777 11.74 -8.31 -45.97
N PRO B 778 10.77 -7.94 -46.80
CA PRO B 778 9.94 -6.77 -46.49
C PRO B 778 8.80 -7.07 -45.55
N ASP B 779 8.87 -6.55 -44.33
CA ASP B 779 7.79 -6.62 -43.35
C ASP B 779 7.63 -5.22 -42.77
N PRO B 780 6.95 -4.32 -43.48
CA PRO B 780 6.92 -2.91 -43.07
C PRO B 780 6.08 -2.68 -41.83
N SER B 781 6.65 -2.97 -40.65
CA SER B 781 5.97 -2.62 -39.41
C SER B 781 6.00 -1.11 -39.16
N ILE B 782 7.17 -0.49 -39.37
CA ILE B 782 7.31 0.93 -39.11
C ILE B 782 6.50 1.72 -40.12
N LYS B 783 5.71 2.68 -39.63
CA LYS B 783 4.88 3.51 -40.48
C LYS B 783 5.32 4.97 -40.50
N GLN B 784 5.81 5.50 -39.40
CA GLN B 784 6.27 6.88 -39.33
C GLN B 784 7.33 7.00 -38.25
N VAL B 785 8.36 7.80 -38.53
CA VAL B 785 9.41 8.09 -37.57
C VAL B 785 9.57 9.59 -37.46
N MET B 786 10.03 10.03 -36.28
CA MET B 786 10.19 11.44 -35.99
C MET B 786 11.32 11.62 -34.99
N ILE B 787 12.23 12.53 -35.28
CA ILE B 787 13.31 12.89 -34.37
C ILE B 787 13.19 14.37 -34.10
N ASN B 788 12.89 14.73 -32.86
CA ASN B 788 12.65 16.11 -32.49
C ASN B 788 12.79 16.24 -30.98
N LYS B 789 12.86 17.49 -30.53
CA LYS B 789 13.02 17.77 -29.12
C LYS B 789 11.67 17.64 -28.40
N LEU B 790 11.65 16.88 -27.31
CA LEU B 790 10.49 16.72 -26.47
C LEU B 790 10.80 17.17 -25.05
N GLY B 791 9.84 17.81 -24.41
CA GLY B 791 10.04 18.32 -23.07
C GLY B 791 9.39 19.67 -22.87
N HIS B 792 9.38 20.16 -21.63
CA HIS B 792 8.75 21.44 -21.32
C HIS B 792 9.77 22.58 -21.39
N ASP B 793 10.80 22.52 -20.55
CA ASP B 793 11.88 23.50 -20.57
C ASP B 793 13.23 22.90 -20.90
N ASN B 794 13.43 21.62 -20.60
CA ASN B 794 14.65 20.90 -20.96
C ASN B 794 14.28 19.96 -22.10
N LYS B 795 14.49 20.42 -23.33
CA LYS B 795 14.10 19.68 -24.52
C LYS B 795 15.22 18.71 -24.91
N GLU B 796 14.86 17.44 -25.09
CA GLU B 796 15.80 16.39 -25.43
C GLU B 796 15.37 15.72 -26.73
N GLU B 797 16.35 15.35 -27.55
CA GLU B 797 16.04 14.67 -28.80
C GLU B 797 15.51 13.28 -28.54
N TYR B 798 14.40 12.93 -29.18
CA TYR B 798 13.80 11.62 -29.06
C TYR B 798 13.48 11.08 -30.44
N LEU B 799 13.60 9.77 -30.58
CA LEU B 799 13.23 9.08 -31.81
C LEU B 799 11.91 8.35 -31.56
N THR B 800 10.83 8.86 -32.14
CA THR B 800 9.51 8.28 -31.98
C THR B 800 9.17 7.47 -33.22
N ILE B 801 8.69 6.25 -33.02
CA ILE B 801 8.37 5.33 -34.11
C ILE B 801 6.91 4.94 -34.00
N LEU B 802 6.18 5.11 -35.10
CA LEU B 802 4.79 4.68 -35.19
C LEU B 802 4.72 3.41 -36.03
N THR B 803 4.03 2.40 -35.51
CA THR B 803 3.84 1.13 -36.19
C THR B 803 2.48 1.11 -36.86
N PHE B 804 2.35 0.26 -37.89
CA PHE B 804 1.07 0.09 -38.55
C PHE B 804 0.02 -0.48 -37.61
N GLY B 805 0.43 -1.11 -36.51
CA GLY B 805 -0.47 -1.56 -35.49
C GLY B 805 -0.92 -0.50 -34.51
N GLY B 806 -0.39 0.72 -34.64
CA GLY B 806 -0.76 1.82 -33.79
C GLY B 806 0.09 2.00 -32.54
N GLU B 807 1.00 1.08 -32.26
CA GLU B 807 1.85 1.20 -31.09
C GLU B 807 2.94 2.23 -31.32
N ILE B 808 3.38 2.86 -30.23
CA ILE B 808 4.37 3.93 -30.27
C ILE B 808 5.59 3.47 -29.49
N TYR B 809 6.74 3.50 -30.15
CA TYR B 809 8.02 3.20 -29.53
C TYR B 809 8.89 4.44 -29.53
N GLN B 810 9.64 4.65 -28.45
CA GLN B 810 10.44 5.85 -28.29
C GLN B 810 11.86 5.48 -27.87
N TYR B 811 12.81 6.31 -28.28
CA TYR B 811 14.21 6.15 -27.91
C TYR B 811 14.78 7.50 -27.52
N ARG B 812 15.79 7.48 -26.65
CA ARG B 812 16.40 8.68 -26.11
C ARG B 812 17.85 8.76 -26.59
N LYS B 813 18.24 9.93 -27.10
CA LYS B 813 19.61 10.18 -27.49
C LYS B 813 20.38 10.75 -26.29
N LEU B 814 21.46 10.08 -25.90
CA LEU B 814 22.25 10.58 -24.80
C LEU B 814 22.96 11.86 -25.20
N PRO B 815 22.97 12.89 -24.35
CA PRO B 815 23.70 14.12 -24.70
C PRO B 815 25.18 13.88 -25.01
N GLN B 816 25.82 12.97 -24.27
CA GLN B 816 27.14 12.49 -24.62
C GLN B 816 27.01 11.26 -25.52
N ARG B 817 27.94 11.13 -26.46
CA ARG B 817 27.89 10.07 -27.46
C ARG B 817 26.56 10.11 -28.22
N ARG B 818 26.36 11.21 -28.95
CA ARG B 818 25.08 11.52 -29.58
C ARG B 818 24.71 10.57 -30.70
N SER B 819 25.62 9.71 -31.13
CA SER B 819 25.31 8.76 -32.20
C SER B 819 24.57 7.53 -31.69
N ARG B 820 24.24 7.47 -30.40
CA ARG B 820 23.63 6.29 -29.81
C ARG B 820 22.26 6.64 -29.23
N PHE B 821 21.33 5.69 -29.36
CA PHE B 821 19.99 5.81 -28.81
C PHE B 821 19.71 4.61 -27.93
N TYR B 822 19.12 4.85 -26.75
CA TYR B 822 18.80 3.79 -25.81
C TYR B 822 17.33 3.88 -25.39
N ARG B 823 16.81 2.74 -24.97
CA ARG B 823 15.45 2.61 -24.48
C ARG B 823 15.47 1.90 -23.13
N ASN B 824 14.55 2.29 -22.25
CA ASN B 824 14.42 1.68 -20.93
C ASN B 824 13.30 0.66 -20.95
N VAL B 825 13.61 -0.57 -20.58
CA VAL B 825 12.62 -1.65 -20.56
C VAL B 825 12.18 -1.91 -19.13
N THR B 826 13.09 -1.72 -18.18
CA THR B 826 12.72 -1.88 -16.77
C THR B 826 11.71 -0.83 -16.35
N ARG B 827 11.87 0.40 -16.83
CA ARG B 827 10.92 1.47 -16.56
C ARG B 827 9.70 1.28 -17.46
N ASN B 828 8.54 1.01 -16.85
CA ASN B 828 7.30 0.81 -17.59
C ASN B 828 6.53 2.13 -17.57
N ASP B 829 6.99 3.05 -18.42
CA ASP B 829 6.44 4.39 -18.47
C ASP B 829 5.70 4.71 -19.76
N LEU B 830 5.95 3.97 -20.84
CA LEU B 830 5.29 4.21 -22.11
C LEU B 830 4.02 3.37 -22.18
N ALA B 831 2.87 4.04 -22.22
CA ALA B 831 1.61 3.34 -22.31
C ALA B 831 1.49 2.59 -23.62
N ILE B 832 0.86 1.42 -23.57
CA ILE B 832 0.66 0.61 -24.78
C ILE B 832 -0.55 1.12 -25.52
N THR B 833 -0.37 1.42 -26.81
CA THR B 833 -1.46 1.94 -27.64
C THR B 833 -1.82 1.03 -28.80
N GLY B 834 -0.99 0.06 -29.14
CA GLY B 834 -1.27 -0.82 -30.26
C GLY B 834 -0.52 -2.13 -30.13
N ALA B 835 -0.76 -3.00 -31.10
CA ALA B 835 -0.14 -4.31 -31.14
C ALA B 835 0.42 -4.58 -32.53
N PRO B 836 1.55 -5.30 -32.62
CA PRO B 836 2.22 -5.48 -33.92
C PRO B 836 1.43 -6.29 -34.94
N ASP B 837 1.07 -7.53 -34.59
CA ASP B 837 0.56 -8.48 -35.59
C ASP B 837 -0.96 -8.37 -35.73
N ASN B 838 -1.41 -7.18 -36.11
CA ASN B 838 -2.79 -6.87 -36.43
C ASN B 838 -3.74 -7.07 -35.25
N ALA B 839 -3.22 -7.36 -34.06
CA ALA B 839 -4.06 -7.38 -32.87
C ALA B 839 -4.44 -5.94 -32.50
N TYR B 840 -5.62 -5.80 -31.91
CA TYR B 840 -6.22 -4.48 -31.66
C TYR B 840 -6.30 -3.68 -32.95
N ALA B 841 -6.83 -4.33 -33.99
CA ALA B 841 -6.97 -3.68 -35.29
C ALA B 841 -8.03 -2.58 -35.27
N LYS B 842 -8.89 -2.56 -34.25
CA LYS B 842 -9.94 -1.56 -34.18
C LYS B 842 -9.43 -0.17 -33.84
N GLY B 843 -8.16 -0.03 -33.48
CA GLY B 843 -7.60 1.26 -33.15
C GLY B 843 -7.04 2.02 -34.33
N VAL B 844 -6.80 1.31 -35.44
CA VAL B 844 -6.20 1.91 -36.63
C VAL B 844 -7.05 1.73 -37.88
N SER B 845 -8.12 0.95 -37.83
CA SER B 845 -8.90 0.68 -39.03
C SER B 845 -9.75 1.87 -39.45
N SER B 846 -10.39 2.54 -38.49
CA SER B 846 -11.36 3.58 -38.83
C SER B 846 -10.67 4.85 -39.32
N ILE B 847 -9.76 5.41 -38.54
CA ILE B 847 -9.06 6.64 -38.87
C ILE B 847 -7.57 6.36 -38.90
N GLU B 848 -6.90 6.82 -39.96
CA GLU B 848 -5.47 6.60 -40.10
C GLU B 848 -4.71 7.37 -39.02
N ARG B 849 -3.73 6.72 -38.41
CA ARG B 849 -2.94 7.31 -37.33
C ARG B 849 -1.73 8.02 -37.92
N ILE B 850 -1.62 9.33 -37.67
CA ILE B 850 -0.50 10.14 -38.12
C ILE B 850 0.03 10.92 -36.92
N MET B 851 1.34 10.88 -36.72
CA MET B 851 1.97 11.65 -35.65
C MET B 851 2.32 13.04 -36.17
N HIS B 852 1.78 14.06 -35.51
CA HIS B 852 2.07 15.45 -35.83
C HIS B 852 2.84 16.05 -34.66
N TYR B 853 3.98 16.68 -34.96
CA TYR B 853 4.85 17.25 -33.95
C TYR B 853 4.58 18.75 -33.82
N PHE B 854 4.47 19.22 -32.59
CA PHE B 854 4.26 20.64 -32.30
C PHE B 854 5.26 21.09 -31.25
N PRO B 855 6.27 21.88 -31.64
CA PRO B 855 7.27 22.32 -30.66
C PRO B 855 6.70 23.20 -29.56
N ASP B 856 5.53 23.80 -29.75
CA ASP B 856 4.94 24.70 -28.76
C ASP B 856 3.43 24.45 -28.73
N TYR B 857 3.00 23.61 -27.80
CA TYR B 857 1.58 23.42 -27.54
C TYR B 857 1.10 24.38 -26.44
N ASN B 858 1.77 24.36 -25.29
CA ASN B 858 1.59 25.38 -24.27
C ASN B 858 2.92 25.73 -23.62
N GLY B 859 4.00 25.67 -24.38
CA GLY B 859 5.34 25.60 -23.84
C GLY B 859 5.90 24.20 -23.82
N TYR B 860 5.08 23.20 -24.11
CA TYR B 860 5.50 21.81 -24.22
C TYR B 860 5.69 21.46 -25.69
N SER B 861 6.71 20.65 -25.97
CA SER B 861 6.93 20.10 -27.30
C SER B 861 6.28 18.72 -27.32
N VAL B 862 5.11 18.63 -27.95
CA VAL B 862 4.28 17.44 -27.87
C VAL B 862 4.21 16.78 -29.25
N ILE B 863 3.71 15.54 -29.25
CA ILE B 863 3.44 14.80 -30.47
C ILE B 863 1.98 14.37 -30.42
N PHE B 864 1.22 14.77 -31.43
CA PHE B 864 -0.19 14.41 -31.55
C PHE B 864 -0.33 13.21 -32.47
N VAL B 865 -1.01 12.17 -32.00
CA VAL B 865 -1.30 10.99 -32.80
C VAL B 865 -2.81 10.97 -33.05
N THR B 866 -3.20 11.15 -34.31
CA THR B 866 -4.60 11.20 -34.67
C THR B 866 -5.17 9.79 -34.78
N GLY B 867 -6.49 9.71 -34.89
CA GLY B 867 -7.17 8.43 -35.00
C GLY B 867 -8.50 8.48 -34.28
N SER B 868 -9.17 7.32 -34.28
CA SER B 868 -10.41 7.20 -33.54
C SER B 868 -10.19 7.44 -32.05
N VAL B 869 -9.10 6.93 -31.51
CA VAL B 869 -8.67 7.27 -30.15
C VAL B 869 -7.40 8.10 -30.26
N PRO B 870 -7.49 9.42 -30.13
CA PRO B 870 -6.31 10.27 -30.28
C PRO B 870 -5.37 10.13 -29.08
N TYR B 871 -4.10 10.41 -29.33
CA TYR B 871 -3.07 10.37 -28.29
C TYR B 871 -2.18 11.59 -28.39
N ILE B 872 -1.62 11.99 -27.26
CA ILE B 872 -0.68 13.09 -27.18
C ILE B 872 0.51 12.66 -26.33
N LEU B 873 1.71 12.95 -26.80
CA LEU B 873 2.95 12.61 -26.10
C LEU B 873 3.49 13.86 -25.43
N ILE B 874 3.47 13.87 -24.10
CA ILE B 874 3.93 14.99 -23.30
C ILE B 874 5.04 14.52 -22.38
N LYS B 875 6.14 15.28 -22.34
CA LYS B 875 7.27 14.96 -21.47
C LYS B 875 7.50 16.13 -20.52
N GLU B 876 7.42 15.87 -19.23
CA GLU B 876 7.78 16.86 -18.23
C GLU B 876 9.28 16.90 -18.03
N ASP B 877 9.76 18.00 -17.44
CA ASP B 877 11.20 18.14 -17.22
C ASP B 877 11.72 17.12 -16.22
N ASP B 878 10.88 16.69 -15.29
CA ASP B 878 11.28 15.76 -14.24
C ASP B 878 10.78 14.34 -14.49
N SER B 879 10.41 14.01 -15.72
CA SER B 879 9.87 12.69 -16.00
C SER B 879 10.12 12.34 -17.46
N THR B 880 9.97 11.06 -17.77
CA THR B 880 10.07 10.57 -19.14
C THR B 880 8.83 10.94 -19.93
N PRO B 881 8.91 10.92 -21.25
CA PRO B 881 7.71 11.17 -22.07
C PRO B 881 6.61 10.15 -21.78
N LYS B 882 5.37 10.61 -21.77
CA LYS B 882 4.21 9.78 -21.49
C LYS B 882 3.20 9.92 -22.61
N ILE B 883 2.55 8.81 -22.96
CA ILE B 883 1.50 8.78 -23.97
C ILE B 883 0.16 8.85 -23.25
N PHE B 884 -0.60 9.90 -23.55
CA PHE B 884 -1.89 10.13 -22.90
C PHE B 884 -3.00 10.08 -23.94
N LYS B 885 -4.14 9.52 -23.53
CA LYS B 885 -5.35 9.60 -24.34
C LYS B 885 -5.79 11.06 -24.43
N PHE B 886 -6.14 11.50 -25.62
CA PHE B 886 -6.49 12.90 -25.86
C PHE B 886 -7.99 12.99 -26.16
N GLY B 887 -8.74 13.50 -25.20
CA GLY B 887 -10.17 13.65 -25.37
C GLY B 887 -10.90 12.33 -25.42
N ASN B 888 -12.20 12.43 -25.73
CA ASN B 888 -13.05 11.25 -25.87
C ASN B 888 -13.80 11.26 -27.20
N ILE B 889 -13.28 11.96 -28.20
CA ILE B 889 -13.88 11.98 -29.53
C ILE B 889 -12.77 11.72 -30.55
N PRO B 890 -13.12 11.16 -31.71
CA PRO B 890 -12.10 10.89 -32.72
C PRO B 890 -11.46 12.16 -33.23
N LEU B 891 -10.20 12.03 -33.66
CA LEU B 891 -9.45 13.13 -34.24
C LEU B 891 -8.96 12.73 -35.62
N VAL B 892 -9.25 13.57 -36.61
CA VAL B 892 -8.86 13.31 -37.99
C VAL B 892 -7.63 14.10 -38.38
N SER B 893 -7.67 15.42 -38.20
CA SER B 893 -6.55 16.28 -38.57
C SER B 893 -6.29 17.29 -37.47
N VAL B 894 -5.02 17.57 -37.24
CA VAL B 894 -4.58 18.57 -36.27
C VAL B 894 -3.51 19.44 -36.91
N THR B 895 -3.65 20.76 -36.77
CA THR B 895 -2.71 21.72 -37.33
C THR B 895 -2.38 22.74 -36.26
N PRO B 896 -1.19 23.34 -36.31
CA PRO B 896 -0.87 24.43 -35.36
C PRO B 896 -1.83 25.60 -35.55
N TRP B 897 -2.20 26.21 -34.44
CA TRP B 897 -3.10 27.35 -34.44
C TRP B 897 -2.56 28.44 -33.55
N SER B 898 -2.58 29.68 -34.05
CA SER B 898 -2.03 30.84 -33.34
C SER B 898 -0.63 30.52 -32.83
N GLU B 899 -0.33 30.96 -31.61
CA GLU B 899 0.87 30.54 -30.92
C GLU B 899 0.46 29.71 -29.70
N ARG B 900 1.12 28.56 -29.51
CA ARG B 900 0.82 27.62 -28.44
C ARG B 900 -0.67 27.23 -28.45
N SER B 901 -1.12 26.72 -29.59
CA SER B 901 -2.47 26.17 -29.71
C SER B 901 -2.52 25.29 -30.95
N VAL B 902 -3.57 24.48 -31.03
CA VAL B 902 -3.81 23.62 -32.19
C VAL B 902 -5.30 23.67 -32.55
N MET B 903 -5.59 23.31 -33.79
CA MET B 903 -6.96 23.12 -34.26
C MET B 903 -7.17 21.66 -34.61
N CYS B 904 -8.22 21.06 -34.06
CA CYS B 904 -8.51 19.65 -34.23
C CYS B 904 -9.88 19.49 -34.88
N VAL B 905 -9.97 18.61 -35.87
CA VAL B 905 -11.21 18.32 -36.58
C VAL B 905 -11.55 16.85 -36.35
N ASP B 906 -12.75 16.57 -35.88
CA ASP B 906 -13.19 15.22 -35.58
C ASP B 906 -13.81 14.58 -36.82
N ASP B 907 -14.43 13.43 -36.64
CA ASP B 907 -15.02 12.68 -37.76
C ASP B 907 -16.40 13.17 -38.14
N ILE B 908 -16.98 14.12 -37.41
CA ILE B 908 -18.30 14.66 -37.73
C ILE B 908 -18.19 16.08 -38.28
N LYS B 909 -17.05 16.42 -38.86
CA LYS B 909 -16.76 17.69 -39.54
C LYS B 909 -16.66 18.88 -38.58
N ASN B 910 -16.77 18.65 -37.27
CA ASN B 910 -16.63 19.74 -36.32
C ASN B 910 -15.17 20.19 -36.22
N ALA B 911 -14.98 21.47 -35.94
CA ALA B 911 -13.65 22.05 -35.77
C ALA B 911 -13.55 22.68 -34.39
N ARG B 912 -12.42 22.45 -33.73
CA ARG B 912 -12.19 22.96 -32.38
C ARG B 912 -10.75 23.41 -32.23
N VAL B 913 -10.55 24.52 -31.53
CA VAL B 913 -9.22 25.02 -31.21
C VAL B 913 -8.91 24.62 -29.78
N TYR B 914 -7.76 23.98 -29.58
CA TYR B 914 -7.40 23.38 -28.31
C TYR B 914 -6.22 24.10 -27.68
N THR B 915 -6.19 24.09 -26.35
CA THR B 915 -5.05 24.55 -25.58
C THR B 915 -4.80 23.57 -24.45
N LEU B 916 -3.53 23.44 -24.06
CA LEU B 916 -3.13 22.49 -23.02
C LEU B 916 -3.27 23.14 -21.66
N THR B 917 -4.04 22.52 -20.78
CA THR B 917 -4.18 23.01 -19.41
C THR B 917 -2.88 22.74 -18.64
N THR B 918 -2.49 23.73 -17.84
CA THR B 918 -1.22 23.66 -17.11
C THR B 918 -1.36 24.04 -15.64
N ASP B 919 -2.43 24.73 -15.25
CA ASP B 919 -2.53 25.34 -13.93
C ASP B 919 -2.29 24.32 -12.82
N ASN B 920 -3.16 23.32 -12.73
CA ASN B 920 -3.07 22.29 -11.70
C ASN B 920 -2.97 20.90 -12.31
N MET B 921 -2.25 20.80 -13.43
CA MET B 921 -2.14 19.55 -14.17
C MET B 921 -0.70 19.09 -14.19
N TYR B 922 -0.49 17.81 -13.86
CA TYR B 922 0.82 17.17 -13.95
C TYR B 922 0.73 16.08 -15.01
N TYR B 923 1.67 16.08 -15.95
CA TYR B 923 1.62 15.19 -17.09
C TYR B 923 2.67 14.07 -17.03
N GLY B 924 3.06 13.68 -15.83
CA GLY B 924 3.80 12.46 -15.61
C GLY B 924 2.93 11.39 -14.99
N ASN B 925 3.58 10.42 -14.35
CA ASN B 925 2.91 9.46 -13.49
C ASN B 925 1.91 8.58 -14.24
N LYS B 926 2.15 8.36 -15.54
CA LYS B 926 1.42 7.40 -16.37
C LYS B 926 -0.02 7.79 -16.64
N LEU B 927 -0.52 8.87 -16.05
CA LEU B 927 -1.89 9.33 -16.21
C LEU B 927 -1.98 10.78 -15.75
N PRO B 928 -2.60 11.66 -16.53
CA PRO B 928 -2.66 13.07 -16.13
C PRO B 928 -3.36 13.24 -14.78
N LEU B 929 -2.81 14.11 -13.96
CA LEU B 929 -3.30 14.34 -12.60
C LEU B 929 -3.72 15.79 -12.46
N LYS B 930 -4.97 16.00 -12.07
CA LYS B 930 -5.52 17.33 -11.82
C LYS B 930 -5.64 17.54 -10.32
N GLN B 931 -5.02 18.59 -9.82
CA GLN B 931 -5.03 18.91 -8.40
C GLN B 931 -6.17 19.90 -8.13
N ILE B 932 -7.18 19.45 -7.41
CA ILE B 932 -8.32 20.28 -7.04
C ILE B 932 -8.12 20.72 -5.61
N LYS B 933 -7.88 22.02 -5.40
CA LYS B 933 -7.69 22.58 -4.07
C LYS B 933 -9.04 23.07 -3.57
N ILE B 934 -9.62 22.36 -2.61
CA ILE B 934 -10.90 22.76 -2.05
C ILE B 934 -10.73 23.76 -0.90
N SER B 935 -9.65 23.64 -0.14
CA SER B 935 -9.37 24.56 0.96
C SER B 935 -8.58 25.75 0.43
N ASN B 936 -9.14 26.95 0.63
CA ASN B 936 -8.49 28.19 0.24
C ASN B 936 -7.90 28.87 1.47
N VAL B 937 -7.41 30.10 1.30
CA VAL B 937 -6.88 30.86 2.42
C VAL B 937 -7.97 31.19 3.43
N LEU B 938 -9.23 31.32 2.99
CA LEU B 938 -10.31 31.69 3.90
C LEU B 938 -10.58 30.56 4.89
N ASP B 939 -10.98 29.39 4.39
CA ASP B 939 -11.29 28.25 5.23
C ASP B 939 -10.40 27.07 4.86
N ASP B 940 -9.80 26.44 5.86
CA ASP B 940 -8.92 25.29 5.67
C ASP B 940 -9.62 24.07 6.26
N TYR B 941 -10.02 23.14 5.40
CA TYR B 941 -10.72 21.94 5.83
C TYR B 941 -9.78 20.84 6.28
N LYS B 942 -8.48 21.05 6.19
CA LYS B 942 -7.47 20.08 6.63
C LYS B 942 -7.64 18.79 5.81
N THR B 943 -7.32 17.64 6.40
CA THR B 943 -7.34 16.39 5.66
C THR B 943 -8.75 16.03 5.22
N LEU B 944 -8.86 15.59 3.97
CA LEU B 944 -10.13 15.21 3.36
C LEU B 944 -10.15 13.71 3.11
N GLN B 945 -11.30 13.10 3.30
CA GLN B 945 -11.42 11.65 3.18
C GLN B 945 -12.87 11.27 2.88
N LYS B 946 -13.04 10.03 2.44
CA LYS B 946 -14.35 9.43 2.19
C LYS B 946 -15.15 10.24 1.17
N LEU B 947 -14.48 10.63 0.09
CA LEU B 947 -15.14 11.40 -0.96
C LEU B 947 -16.06 10.51 -1.78
N VAL B 948 -17.28 10.99 -2.04
CA VAL B 948 -18.28 10.28 -2.81
C VAL B 948 -18.87 11.22 -3.85
N TYR B 949 -19.52 10.63 -4.85
CA TYR B 949 -20.16 11.38 -5.92
C TYR B 949 -21.65 11.03 -5.94
N HIS B 950 -22.49 12.05 -5.86
CA HIS B 950 -23.94 11.87 -5.98
C HIS B 950 -24.29 11.82 -7.47
N GLU B 951 -24.75 10.66 -7.93
CA GLU B 951 -24.98 10.48 -9.36
C GLU B 951 -26.15 11.32 -9.85
N ARG B 952 -27.28 11.27 -9.15
CA ARG B 952 -28.47 11.98 -9.61
C ARG B 952 -28.26 13.48 -9.59
N ALA B 953 -27.65 14.01 -8.53
CA ALA B 953 -27.43 15.44 -8.38
C ALA B 953 -26.17 15.92 -9.08
N GLN B 954 -25.35 15.02 -9.63
CA GLN B 954 -24.09 15.36 -10.26
C GLN B 954 -23.20 16.18 -9.34
N LEU B 955 -23.11 15.72 -8.09
CA LEU B 955 -22.40 16.44 -7.04
C LEU B 955 -21.39 15.54 -6.36
N PHE B 956 -20.35 16.16 -5.79
CA PHE B 956 -19.32 15.46 -5.06
C PHE B 956 -19.43 15.82 -3.58
N LEU B 957 -19.39 14.81 -2.72
CA LEU B 957 -19.44 15.00 -1.27
C LEU B 957 -18.17 14.45 -0.64
N VAL B 958 -17.59 15.23 0.26
CA VAL B 958 -16.34 14.87 0.94
C VAL B 958 -16.51 15.13 2.43
N SER B 959 -15.61 14.56 3.22
CA SER B 959 -15.60 14.74 4.66
C SER B 959 -14.24 15.29 5.09
N TYR B 960 -14.26 16.38 5.84
CA TYR B 960 -13.04 16.95 6.40
C TYR B 960 -12.78 16.38 7.78
N CYS B 961 -11.52 16.36 8.18
CA CYS B 961 -11.08 15.69 9.41
C CYS B 961 -10.10 16.58 10.18
N LYS B 962 -10.51 17.83 10.42
CA LYS B 962 -9.66 18.76 11.16
C LYS B 962 -9.25 18.18 12.51
N ARG B 963 -7.96 18.29 12.82
CA ARG B 963 -7.43 17.79 14.08
C ARG B 963 -7.48 18.87 15.15
N VAL B 964 -7.80 18.46 16.36
CA VAL B 964 -7.90 19.36 17.51
C VAL B 964 -7.26 18.69 18.72
N PRO B 965 -6.82 19.43 19.74
CA PRO B 965 -6.35 18.79 20.96
C PRO B 965 -7.47 17.98 21.62
N TYR B 966 -7.09 16.83 22.18
CA TYR B 966 -8.05 15.90 22.76
C TYR B 966 -8.13 16.09 24.26
N GLU B 967 -9.36 16.19 24.78
CA GLU B 967 -9.63 16.28 26.20
C GLU B 967 -10.30 15.00 26.65
N ALA B 968 -9.63 14.24 27.53
CA ALA B 968 -10.12 12.95 27.95
C ALA B 968 -11.18 13.15 29.03
N LEU B 969 -12.44 13.04 28.64
CA LEU B 969 -13.56 13.19 29.56
C LEU B 969 -14.09 11.83 29.98
N GLY B 970 -14.60 11.77 31.21
CA GLY B 970 -15.24 10.57 31.70
C GLY B 970 -16.61 10.38 31.09
N GLU B 971 -17.29 9.33 31.57
CA GLU B 971 -18.64 9.06 31.09
C GLU B 971 -19.62 10.16 31.47
N ASP B 972 -19.35 10.89 32.54
CA ASP B 972 -20.14 12.06 32.90
C ASP B 972 -19.50 13.30 32.27
N GLY B 973 -19.92 14.49 32.70
CA GLY B 973 -19.40 15.71 32.10
C GLY B 973 -17.97 16.03 32.49
N GLU B 974 -17.49 15.52 33.62
CA GLU B 974 -16.16 15.86 34.08
C GLU B 974 -15.10 15.10 33.27
N LYS B 975 -13.87 15.62 33.33
CA LYS B 975 -12.73 14.96 32.72
C LYS B 975 -12.05 14.03 33.73
N VAL B 976 -11.22 13.14 33.20
CA VAL B 976 -10.48 12.23 34.07
C VAL B 976 -9.43 13.00 34.85
N ILE B 977 -8.90 12.37 35.91
CA ILE B 977 -8.13 13.09 36.92
C ILE B 977 -6.81 13.61 36.33
N GLY B 978 -6.08 12.75 35.64
CA GLY B 978 -4.70 13.05 35.31
C GLY B 978 -4.45 14.01 34.17
N TYR B 979 -5.39 14.93 33.91
CA TYR B 979 -5.23 15.89 32.83
C TYR B 979 -4.38 17.07 33.28
N ASP B 980 -3.48 17.51 32.41
CA ASP B 980 -2.59 18.64 32.67
C ASP B 980 -2.91 19.76 31.70
N GLU B 981 -3.23 20.93 32.24
CA GLU B 981 -3.55 22.10 31.42
C GLU B 981 -2.33 22.93 31.07
N ASN B 982 -1.17 22.63 31.64
CA ASN B 982 0.07 23.34 31.37
C ASN B 982 0.95 22.59 30.38
N VAL B 983 0.41 21.56 29.73
CA VAL B 983 1.21 20.64 28.92
C VAL B 983 0.57 20.49 27.55
N PRO B 984 1.35 20.22 26.49
CA PRO B 984 0.73 19.93 25.19
C PRO B 984 0.02 18.59 25.21
N HIS B 985 -1.08 18.52 24.44
CA HIS B 985 -1.96 17.38 24.44
C HIS B 985 -1.87 16.64 23.11
N ALA B 986 -2.46 15.44 23.09
CA ALA B 986 -2.56 14.65 21.88
C ALA B 986 -3.70 15.18 21.00
N GLU B 987 -3.74 14.68 19.77
CA GLU B 987 -4.67 15.19 18.77
C GLU B 987 -5.98 14.42 18.78
N GLY B 988 -7.09 15.15 18.69
CA GLY B 988 -8.40 14.59 18.57
C GLY B 988 -8.94 14.66 17.16
N PHE B 989 -10.26 14.63 17.05
CA PHE B 989 -10.92 14.65 15.75
C PHE B 989 -12.12 15.59 15.78
N GLN B 990 -12.45 16.13 14.60
CA GLN B 990 -13.65 16.93 14.42
C GLN B 990 -13.96 16.92 12.93
N SER B 991 -15.04 16.25 12.54
CA SER B 991 -15.33 15.96 11.14
C SER B 991 -16.59 16.68 10.68
N GLY B 992 -16.88 16.51 9.40
CA GLY B 992 -18.07 17.09 8.80
C GLY B 992 -18.27 16.53 7.42
N ILE B 993 -19.20 17.13 6.69
CA ILE B 993 -19.48 16.74 5.31
C ILE B 993 -19.58 17.99 4.45
N LEU B 994 -18.89 18.00 3.32
CA LEU B 994 -18.90 19.11 2.39
C LEU B 994 -19.63 18.71 1.11
N LEU B 995 -20.41 19.63 0.56
CA LEU B 995 -21.09 19.46 -0.72
C LEU B 995 -20.34 20.30 -1.74
N ILE B 996 -19.73 19.64 -2.72
CA ILE B 996 -18.89 20.31 -3.71
C ILE B 996 -19.47 20.04 -5.09
N ASN B 997 -19.72 21.10 -5.84
CA ASN B 997 -20.18 20.98 -7.22
C ASN B 997 -18.97 20.84 -8.14
N PRO B 998 -18.86 19.76 -8.91
CA PRO B 998 -17.73 19.62 -9.84
C PRO B 998 -17.73 20.67 -10.95
N LYS B 999 -18.84 21.37 -11.18
CA LYS B 999 -18.86 22.42 -12.19
C LYS B 999 -17.89 23.54 -11.85
N SER B 1000 -17.84 23.95 -10.59
CA SER B 1000 -16.95 25.00 -10.15
C SER B 1000 -15.94 24.54 -9.10
N TRP B 1001 -16.05 23.30 -8.61
CA TRP B 1001 -15.18 22.79 -7.55
C TRP B 1001 -15.21 23.71 -6.33
N LYS B 1002 -16.41 24.09 -5.93
CA LYS B 1002 -16.62 24.96 -4.79
C LYS B 1002 -17.59 24.30 -3.81
N VAL B 1003 -17.43 24.63 -2.54
CA VAL B 1003 -18.26 24.05 -1.49
C VAL B 1003 -19.58 24.81 -1.45
N ILE B 1004 -20.68 24.11 -1.71
CA ILE B 1004 -22.00 24.72 -1.63
C ILE B 1004 -22.49 24.75 -0.17
N ASP B 1005 -22.60 23.58 0.45
CA ASP B 1005 -23.12 23.44 1.80
C ASP B 1005 -22.13 22.67 2.66
N LYS B 1006 -22.13 23.00 3.94
CA LYS B 1006 -21.26 22.33 4.91
C LYS B 1006 -22.05 22.07 6.18
N ILE B 1007 -21.84 20.88 6.75
CA ILE B 1007 -22.46 20.49 8.02
C ILE B 1007 -21.37 20.04 8.97
N ASP B 1008 -21.41 20.56 10.19
CA ASP B 1008 -20.40 20.26 11.20
C ASP B 1008 -20.86 19.13 12.11
N PHE B 1009 -19.91 18.56 12.83
CA PHE B 1009 -20.15 17.47 13.77
C PHE B 1009 -19.50 17.79 15.10
N PRO B 1010 -20.03 17.25 16.20
CA PRO B 1010 -19.46 17.57 17.52
C PRO B 1010 -18.04 17.04 17.71
N LYS B 1011 -17.47 17.34 18.88
CA LYS B 1011 -16.07 17.02 19.14
C LYS B 1011 -15.85 15.51 19.16
N ASN B 1012 -14.64 15.10 18.81
CA ASN B 1012 -14.15 13.72 18.80
C ASN B 1012 -14.85 12.84 17.78
N SER B 1013 -15.72 13.39 16.95
CA SER B 1013 -16.48 12.61 15.98
C SER B 1013 -15.74 12.59 14.65
N VAL B 1014 -15.43 11.40 14.15
CA VAL B 1014 -14.72 11.23 12.89
C VAL B 1014 -15.59 10.41 11.95
N VAL B 1015 -15.82 10.93 10.75
CA VAL B 1015 -16.55 10.20 9.73
C VAL B 1015 -15.66 9.05 9.24
N ASN B 1016 -16.05 7.83 9.57
CA ASN B 1016 -15.25 6.67 9.17
C ASN B 1016 -15.65 6.13 7.81
N GLU B 1017 -16.83 6.49 7.30
CA GLU B 1017 -17.26 6.03 5.99
C GLU B 1017 -18.49 6.81 5.50
N MET B 1018 -18.43 7.31 4.28
CA MET B 1018 -19.58 7.88 3.59
C MET B 1018 -19.85 7.08 2.33
N ARG B 1019 -21.13 6.96 1.99
CA ARG B 1019 -21.51 6.14 0.82
C ARG B 1019 -22.85 6.64 0.31
N SER B 1020 -22.84 7.29 -0.85
CA SER B 1020 -24.08 7.55 -1.57
C SER B 1020 -24.71 6.23 -1.96
N SER B 1021 -25.90 5.96 -1.44
CA SER B 1021 -26.48 4.63 -1.52
C SER B 1021 -27.85 4.68 -2.20
N MET B 1022 -28.18 3.61 -2.90
CA MET B 1022 -29.50 3.45 -3.53
C MET B 1022 -30.42 2.79 -2.51
N ILE B 1023 -31.21 3.61 -1.83
CA ILE B 1023 -32.09 3.15 -0.76
C ILE B 1023 -33.48 2.88 -1.33
N GLN B 1024 -33.98 1.67 -1.12
CA GLN B 1024 -35.32 1.28 -1.57
C GLN B 1024 -36.33 1.75 -0.53
N ILE B 1025 -37.07 2.82 -0.86
CA ILE B 1025 -38.02 3.38 0.08
C ILE B 1025 -39.23 2.47 0.25
N ASN B 1026 -39.74 1.92 -0.85
CA ASN B 1026 -40.96 1.13 -0.85
C ASN B 1026 -40.65 -0.31 -1.20
N SER B 1027 -41.12 -1.23 -0.36
CA SER B 1027 -40.91 -2.65 -0.65
C SER B 1027 -41.83 -3.13 -1.76
N LYS B 1028 -42.98 -2.48 -1.94
CA LYS B 1028 -43.94 -2.92 -2.95
C LYS B 1028 -43.60 -2.36 -4.33
N THR B 1029 -43.47 -1.05 -4.45
CA THR B 1029 -43.18 -0.42 -5.73
C THR B 1029 -41.69 -0.38 -6.06
N LYS B 1030 -40.84 -0.78 -5.12
CA LYS B 1030 -39.38 -0.85 -5.34
C LYS B 1030 -38.81 0.48 -5.80
N ARG B 1031 -39.28 1.57 -5.17
CA ARG B 1031 -38.76 2.89 -5.47
C ARG B 1031 -37.46 3.14 -4.71
N LYS B 1032 -36.51 3.79 -5.37
CA LYS B 1032 -35.19 4.02 -4.81
C LYS B 1032 -34.82 5.49 -4.92
N ARG B 1033 -34.20 6.01 -3.86
CA ARG B 1033 -33.68 7.37 -3.83
C ARG B 1033 -32.24 7.33 -3.35
N GLU B 1034 -31.38 8.13 -3.97
CA GLU B 1034 -29.94 8.11 -3.69
C GLU B 1034 -29.64 9.05 -2.52
N TYR B 1035 -29.84 8.54 -1.31
CA TYR B 1035 -29.49 9.28 -0.11
C TYR B 1035 -28.00 9.14 0.20
N ILE B 1036 -27.51 10.03 1.05
CA ILE B 1036 -26.13 10.00 1.52
C ILE B 1036 -26.13 9.56 2.97
N ILE B 1037 -25.35 8.54 3.28
CA ILE B 1037 -25.27 7.98 4.63
C ILE B 1037 -23.83 8.10 5.11
N ALA B 1038 -23.65 8.69 6.29
CA ALA B 1038 -22.34 8.89 6.89
C ALA B 1038 -22.25 8.12 8.20
N GLY B 1039 -21.17 7.38 8.36
CA GLY B 1039 -20.90 6.68 9.61
C GLY B 1039 -19.97 7.45 10.50
N VAL B 1040 -20.52 8.05 11.55
CA VAL B 1040 -19.75 8.90 12.46
C VAL B 1040 -19.41 8.10 13.71
N ALA B 1041 -18.13 8.02 14.03
CA ALA B 1041 -17.65 7.38 15.24
C ALA B 1041 -16.98 8.41 16.13
N ASN B 1042 -17.30 8.37 17.42
CA ASN B 1042 -16.69 9.28 18.38
C ASN B 1042 -15.34 8.70 18.79
N ALA B 1043 -14.27 9.37 18.38
CA ALA B 1043 -12.91 8.89 18.65
C ALA B 1043 -12.51 9.31 20.05
N THR B 1044 -12.55 8.36 20.98
CA THR B 1044 -12.17 8.60 22.37
C THR B 1044 -11.13 7.60 22.82
N THR B 1045 -10.85 7.54 24.12
CA THR B 1045 -9.89 6.60 24.65
C THR B 1045 -10.54 5.24 24.91
N GLU B 1046 -9.74 4.28 25.36
CA GLU B 1046 -10.23 2.93 25.63
C GLU B 1046 -11.03 2.84 26.92
N ASP B 1047 -10.95 3.86 27.78
CA ASP B 1047 -11.56 3.81 29.10
C ASP B 1047 -12.99 4.36 29.11
N THR B 1048 -13.54 4.71 27.94
CA THR B 1048 -14.91 5.19 27.86
C THR B 1048 -15.72 4.31 26.91
N PRO B 1049 -17.01 4.09 27.20
CA PRO B 1049 -17.83 3.25 26.32
C PRO B 1049 -17.91 3.83 24.92
N PRO B 1050 -17.88 2.98 23.90
CA PRO B 1050 -17.94 3.49 22.53
C PRO B 1050 -19.31 4.04 22.19
N THR B 1051 -19.32 5.18 21.50
CA THR B 1051 -20.54 5.82 21.06
C THR B 1051 -20.34 6.38 19.66
N GLY B 1052 -21.44 6.53 18.94
CA GLY B 1052 -21.38 7.04 17.59
C GLY B 1052 -22.75 7.41 17.09
N ALA B 1053 -22.80 7.81 15.82
CA ALA B 1053 -24.05 8.19 15.19
C ALA B 1053 -23.98 7.91 13.71
N PHE B 1054 -25.15 7.79 13.10
CA PHE B 1054 -25.29 7.65 11.66
C PHE B 1054 -26.30 8.67 11.16
N HIS B 1055 -26.02 9.26 10.01
CA HIS B 1055 -26.89 10.29 9.44
C HIS B 1055 -27.26 9.89 8.01
N ILE B 1056 -28.47 10.25 7.61
CA ILE B 1056 -28.96 10.03 6.26
C ILE B 1056 -29.36 11.39 5.68
N TYR B 1057 -28.85 11.71 4.50
CA TYR B 1057 -29.05 13.02 3.90
C TYR B 1057 -29.67 12.89 2.52
N ASP B 1058 -30.51 13.86 2.18
CA ASP B 1058 -31.07 14.00 0.85
C ASP B 1058 -30.43 15.21 0.17
N VAL B 1059 -30.32 15.14 -1.15
CA VAL B 1059 -29.86 16.25 -1.96
C VAL B 1059 -31.05 16.73 -2.78
N ILE B 1060 -31.54 17.93 -2.47
CA ILE B 1060 -32.76 18.47 -3.05
C ILE B 1060 -32.44 19.79 -3.72
N GLU B 1061 -32.91 19.97 -4.95
CA GLU B 1061 -32.71 21.22 -5.67
C GLU B 1061 -33.38 22.38 -4.94
N VAL B 1062 -32.65 23.48 -4.78
CA VAL B 1062 -33.15 24.70 -4.15
C VAL B 1062 -32.88 25.88 -5.08
N VAL B 1063 -33.37 27.03 -4.69
CA VAL B 1063 -33.13 28.27 -5.45
C VAL B 1063 -31.72 28.76 -5.15
N PRO B 1064 -30.89 29.00 -6.16
CA PRO B 1064 -29.50 29.41 -5.91
C PRO B 1064 -29.42 30.84 -5.40
N GLU B 1065 -28.25 31.18 -4.88
CA GLU B 1065 -28.00 32.53 -4.40
C GLU B 1065 -28.00 33.52 -5.58
N PRO B 1066 -28.50 34.74 -5.36
CA PRO B 1066 -28.54 35.75 -6.43
C PRO B 1066 -27.16 36.28 -6.79
N LYS B 1068 -25.23 33.81 -7.19
CA LYS B 1068 -24.18 32.82 -7.47
C LYS B 1068 -24.78 31.52 -7.98
N PRO B 1069 -24.37 31.10 -9.17
CA PRO B 1069 -24.84 29.82 -9.71
C PRO B 1069 -24.31 28.64 -8.91
N ASP B 1070 -24.68 27.42 -9.34
CA ASP B 1070 -24.23 26.16 -8.75
C ASP B 1070 -24.47 26.09 -7.25
N THR B 1071 -25.30 26.99 -6.71
CA THR B 1071 -25.68 26.98 -5.31
C THR B 1071 -27.13 26.53 -5.16
N ASN B 1072 -27.63 25.77 -6.13
CA ASN B 1072 -29.01 25.34 -6.18
C ASN B 1072 -29.26 24.01 -5.49
N TYR B 1073 -28.24 23.43 -4.86
CA TYR B 1073 -28.36 22.15 -4.19
C TYR B 1073 -28.06 22.29 -2.71
N LYS B 1074 -28.79 21.56 -1.88
CA LYS B 1074 -28.66 21.63 -0.44
C LYS B 1074 -28.65 20.24 0.15
N LEU B 1075 -28.07 20.12 1.34
CA LEU B 1075 -28.02 18.87 2.08
C LEU B 1075 -29.10 18.88 3.15
N LYS B 1076 -30.12 18.04 2.98
CA LYS B 1076 -31.23 17.94 3.90
C LYS B 1076 -31.16 16.62 4.65
N GLU B 1077 -31.20 16.68 5.97
CA GLU B 1077 -31.15 15.46 6.78
C GLU B 1077 -32.43 14.65 6.59
N ILE B 1078 -32.28 13.37 6.32
CA ILE B 1078 -33.42 12.46 6.22
C ILE B 1078 -33.68 11.77 7.56
N PHE B 1079 -32.63 11.20 8.15
CA PHE B 1079 -32.72 10.58 9.46
C PHE B 1079 -31.42 10.85 10.22
N GLN B 1080 -31.51 10.82 11.55
CA GLN B 1080 -30.34 11.06 12.38
C GLN B 1080 -30.55 10.37 13.71
N GLU B 1081 -29.56 9.61 14.16
CA GLU B 1081 -29.66 8.88 15.41
C GLU B 1081 -28.27 8.62 15.95
N GLU B 1082 -28.11 8.78 17.26
CA GLU B 1082 -26.88 8.44 17.95
C GLU B 1082 -27.01 7.05 18.54
N VAL B 1083 -26.04 6.19 18.24
CA VAL B 1083 -26.11 4.77 18.62
C VAL B 1083 -24.97 4.47 19.59
N SER B 1084 -25.07 3.30 20.22
CA SER B 1084 -24.06 2.83 21.16
C SER B 1084 -23.01 2.03 20.40
N GLY B 1085 -21.75 2.44 20.51
CA GLY B 1085 -20.68 1.82 19.77
C GLY B 1085 -20.21 2.67 18.61
N THR B 1086 -18.91 2.67 18.34
CA THR B 1086 -18.38 3.45 17.24
C THR B 1086 -18.89 2.90 15.91
N VAL B 1087 -19.33 3.81 15.03
CA VAL B 1087 -19.77 3.46 13.69
C VAL B 1087 -18.55 3.55 12.78
N SER B 1088 -17.99 2.40 12.43
CA SER B 1088 -16.76 2.35 11.65
C SER B 1088 -16.98 2.12 10.17
N THR B 1089 -18.17 1.66 9.76
CA THR B 1089 -18.42 1.38 8.37
C THR B 1089 -19.90 1.61 8.06
N VAL B 1090 -20.18 1.85 6.78
CA VAL B 1090 -21.52 2.00 6.26
C VAL B 1090 -21.60 1.26 4.93
N CYS B 1091 -22.66 0.49 4.74
CA CYS B 1091 -22.86 -0.24 3.50
C CYS B 1091 -24.35 -0.44 3.28
N GLU B 1092 -24.77 -0.33 2.02
CA GLU B 1092 -26.16 -0.56 1.65
C GLU B 1092 -26.33 -1.96 1.08
N VAL B 1093 -27.35 -2.67 1.55
CA VAL B 1093 -27.62 -4.04 1.13
C VAL B 1093 -29.05 -4.07 0.60
N SER B 1094 -29.19 -4.12 -0.73
CA SER B 1094 -30.48 -4.30 -1.39
C SER B 1094 -31.50 -3.25 -0.94
N GLY B 1095 -31.07 -1.99 -0.94
CA GLY B 1095 -31.94 -0.89 -0.59
C GLY B 1095 -31.99 -0.57 0.89
N ARG B 1096 -31.38 -1.38 1.74
CA ARG B 1096 -31.29 -1.13 3.17
C ARG B 1096 -29.83 -1.00 3.56
N PHE B 1097 -29.54 -0.04 4.43
CA PHE B 1097 -28.17 0.31 4.77
C PHE B 1097 -27.75 -0.41 6.04
N MET B 1098 -26.57 -1.03 5.98
CA MET B 1098 -26.00 -1.74 7.11
C MET B 1098 -24.83 -0.94 7.67
N ILE B 1099 -24.86 -0.69 8.98
CA ILE B 1099 -23.78 0.01 9.65
C ILE B 1099 -23.22 -0.89 10.73
N SER B 1100 -21.99 -0.61 11.14
CA SER B 1100 -21.28 -1.41 12.12
C SER B 1100 -21.20 -0.66 13.44
N GLN B 1101 -21.68 -1.28 14.51
CA GLN B 1101 -21.48 -0.79 15.86
C GLN B 1101 -20.30 -1.54 16.47
N SER B 1102 -20.04 -1.27 17.75
CA SER B 1102 -18.96 -1.98 18.43
C SER B 1102 -19.29 -3.45 18.55
N GLN B 1103 -18.60 -4.28 17.75
CA GLN B 1103 -18.79 -5.72 17.69
C GLN B 1103 -20.17 -6.12 17.17
N LYS B 1104 -20.85 -5.24 16.45
CA LYS B 1104 -22.14 -5.55 15.86
C LYS B 1104 -22.29 -4.85 14.51
N VAL B 1105 -23.12 -5.43 13.65
CA VAL B 1105 -23.53 -4.82 12.39
C VAL B 1105 -25.05 -4.86 12.32
N LEU B 1106 -25.66 -3.74 11.98
CA LEU B 1106 -27.11 -3.58 12.01
C LEU B 1106 -27.63 -3.12 10.66
N VAL B 1107 -28.70 -3.76 10.18
CA VAL B 1107 -29.37 -3.39 8.94
C VAL B 1107 -30.68 -2.70 9.30
N ARG B 1108 -30.92 -1.54 8.69
CA ARG B 1108 -32.13 -0.77 8.93
C ARG B 1108 -32.83 -0.49 7.60
N ASP B 1109 -34.15 -0.49 7.64
CA ASP B 1109 -34.96 -0.23 6.46
C ASP B 1109 -35.36 1.25 6.39
N ILE B 1110 -36.07 1.60 5.33
CA ILE B 1110 -36.52 2.97 5.08
C ILE B 1110 -37.97 2.95 4.64
N GLN B 1111 -38.77 3.83 5.23
CA GLN B 1111 -40.14 4.06 4.80
C GLN B 1111 -40.27 5.47 4.26
N GLU B 1112 -41.44 5.78 3.70
CA GLU B 1112 -41.65 7.08 3.09
C GLU B 1112 -41.64 8.21 4.12
N ASP B 1113 -42.02 7.91 5.37
CA ASP B 1113 -42.04 8.92 6.42
C ASP B 1113 -40.70 9.09 7.11
N ASN B 1114 -39.60 8.69 6.45
CA ASN B 1114 -38.26 8.80 7.02
C ASN B 1114 -38.15 8.06 8.36
N SER B 1115 -38.81 6.92 8.45
CA SER B 1115 -38.76 6.08 9.64
C SER B 1115 -37.69 5.01 9.46
N VAL B 1116 -36.76 4.95 10.41
CA VAL B 1116 -35.63 4.03 10.35
C VAL B 1116 -35.74 3.05 11.51
N ILE B 1117 -35.80 1.77 11.19
CA ILE B 1117 -35.88 0.72 12.21
C ILE B 1117 -34.95 -0.41 11.83
N PRO B 1118 -34.13 -0.91 12.77
CA PRO B 1118 -33.29 -2.08 12.48
C PRO B 1118 -34.15 -3.30 12.17
N VAL B 1119 -33.65 -4.15 11.29
CA VAL B 1119 -34.36 -5.36 10.90
C VAL B 1119 -33.53 -6.63 11.12
N ALA B 1120 -32.21 -6.54 11.17
CA ALA B 1120 -31.37 -7.71 11.42
C ALA B 1120 -30.05 -7.24 11.99
N PHE B 1121 -29.32 -8.17 12.60
CA PHE B 1121 -28.04 -7.85 13.20
C PHE B 1121 -27.13 -9.07 13.21
N LEU B 1122 -25.85 -8.83 13.40
CA LEU B 1122 -24.85 -9.87 13.53
C LEU B 1122 -23.72 -9.38 14.41
N ASP B 1123 -22.97 -10.32 14.97
CA ASP B 1123 -21.85 -10.04 15.86
C ASP B 1123 -20.54 -10.28 15.12
N ILE B 1124 -19.62 -9.31 15.22
CA ILE B 1124 -18.32 -9.42 14.57
C ILE B 1124 -17.25 -9.56 15.65
N PRO B 1125 -16.10 -10.19 15.34
CA PRO B 1125 -15.13 -10.51 16.40
C PRO B 1125 -14.57 -9.32 17.16
N VAL B 1126 -13.87 -8.41 16.48
CA VAL B 1126 -13.13 -7.37 17.19
C VAL B 1126 -13.55 -5.98 16.71
N PHE B 1127 -13.34 -5.70 15.43
CA PHE B 1127 -13.53 -4.36 14.92
C PHE B 1127 -13.75 -4.42 13.42
N VAL B 1128 -14.73 -3.68 12.92
CA VAL B 1128 -15.05 -3.65 11.50
C VAL B 1128 -14.15 -2.62 10.83
N THR B 1129 -13.27 -3.08 9.95
CA THR B 1129 -12.37 -2.19 9.24
C THR B 1129 -12.92 -1.74 7.90
N ASP B 1130 -13.65 -2.60 7.20
CA ASP B 1130 -14.23 -2.26 5.91
C ASP B 1130 -15.43 -3.16 5.66
N SER B 1131 -16.31 -2.70 4.77
CA SER B 1131 -17.49 -3.47 4.41
C SER B 1131 -17.92 -3.11 3.00
N LYS B 1132 -18.22 -4.14 2.21
CA LYS B 1132 -18.70 -3.98 0.85
C LYS B 1132 -19.89 -4.91 0.64
N SER B 1133 -20.76 -4.53 -0.30
CA SER B 1133 -21.95 -5.32 -0.62
C SER B 1133 -22.02 -5.55 -2.12
N PHE B 1134 -22.39 -6.77 -2.50
CA PHE B 1134 -22.63 -7.14 -3.89
C PHE B 1134 -24.04 -7.74 -3.94
N GLY B 1135 -25.04 -6.89 -4.10
CA GLY B 1135 -26.41 -7.32 -3.98
C GLY B 1135 -26.82 -7.46 -2.53
N ASN B 1136 -27.23 -8.65 -2.12
CA ASN B 1136 -27.57 -8.91 -0.73
C ASN B 1136 -26.44 -9.65 0.01
N LEU B 1137 -25.27 -9.77 -0.61
CA LEU B 1137 -24.11 -10.36 0.02
C LEU B 1137 -23.23 -9.27 0.61
N LEU B 1138 -22.57 -9.59 1.73
CA LEU B 1138 -21.74 -8.62 2.43
C LEU B 1138 -20.42 -9.27 2.83
N ILE B 1139 -19.39 -8.45 2.94
CA ILE B 1139 -18.11 -8.87 3.51
C ILE B 1139 -17.70 -7.83 4.55
N ILE B 1140 -17.34 -8.31 5.74
CA ILE B 1140 -17.04 -7.45 6.88
C ILE B 1140 -15.64 -7.78 7.36
N GLY B 1141 -14.73 -6.83 7.25
CA GLY B 1141 -13.34 -7.04 7.63
C GLY B 1141 -13.13 -6.84 9.12
N ASP B 1142 -12.27 -7.66 9.70
CA ASP B 1142 -11.96 -7.62 11.11
C ASP B 1142 -10.50 -7.25 11.33
N ALA B 1143 -10.24 -6.41 12.33
CA ALA B 1143 -8.91 -5.89 12.57
C ALA B 1143 -7.92 -6.95 13.03
N MET B 1144 -8.39 -8.16 13.38
CA MET B 1144 -7.47 -9.18 13.88
C MET B 1144 -7.68 -10.53 13.20
N GLN B 1145 -8.88 -10.79 12.71
CA GLN B 1145 -9.26 -12.13 12.26
C GLN B 1145 -9.80 -12.10 10.84
N GLY B 1146 -9.12 -11.39 9.95
CA GLY B 1146 -9.50 -11.42 8.55
C GLY B 1146 -10.86 -10.79 8.32
N PHE B 1147 -11.73 -11.52 7.62
CA PHE B 1147 -13.07 -11.03 7.31
C PHE B 1147 -14.02 -12.21 7.19
N GLN B 1148 -15.30 -11.89 7.02
CA GLN B 1148 -16.35 -12.89 6.95
C GLN B 1148 -17.33 -12.55 5.84
N PHE B 1149 -18.02 -13.58 5.36
CA PHE B 1149 -18.99 -13.46 4.27
C PHE B 1149 -20.40 -13.60 4.84
N ILE B 1150 -21.27 -12.64 4.53
CA ILE B 1150 -22.60 -12.55 5.12
C ILE B 1150 -23.63 -12.39 4.01
N GLY B 1151 -24.73 -13.13 4.11
CA GLY B 1151 -25.86 -12.97 3.21
C GLY B 1151 -27.07 -12.44 3.97
N PHE B 1152 -27.85 -11.59 3.30
CA PHE B 1152 -28.99 -10.91 3.92
C PHE B 1152 -30.26 -11.25 3.16
N ASP B 1153 -31.26 -11.75 3.88
CA ASP B 1153 -32.59 -12.03 3.33
C ASP B 1153 -33.59 -11.00 3.85
N ALA B 1154 -34.66 -10.82 3.09
CA ALA B 1154 -35.54 -9.66 3.30
C ALA B 1154 -36.80 -9.99 4.11
N GLU B 1155 -37.64 -10.92 3.63
CA GLU B 1155 -38.96 -11.06 4.25
C GLU B 1155 -38.87 -11.46 5.72
N PRO B 1156 -38.29 -12.62 6.10
CA PRO B 1156 -37.72 -12.71 7.45
C PRO B 1156 -36.29 -12.20 7.41
N TYR B 1157 -36.02 -11.07 8.06
CA TYR B 1157 -34.70 -10.44 7.95
C TYR B 1157 -33.68 -11.23 8.75
N ARG B 1158 -32.56 -11.56 8.11
CA ARG B 1158 -31.53 -12.38 8.73
C ARG B 1158 -30.16 -11.98 8.17
N MET B 1159 -29.12 -12.46 8.85
CA MET B 1159 -27.71 -12.21 8.54
C MET B 1159 -26.92 -13.50 8.54
N ILE B 1160 -27.39 -14.48 7.79
CA ILE B 1160 -26.71 -15.77 7.67
C ILE B 1160 -25.22 -15.56 7.44
N SER B 1161 -24.40 -16.19 8.28
CA SER B 1161 -22.95 -16.13 8.15
C SER B 1161 -22.50 -17.24 7.21
N LEU B 1162 -22.03 -16.85 6.03
CA LEU B 1162 -21.72 -17.82 4.98
C LEU B 1162 -20.30 -18.37 5.09
N GLY B 1163 -19.35 -17.59 5.59
CA GLY B 1163 -17.99 -18.10 5.72
C GLY B 1163 -17.10 -17.10 6.41
N ARG B 1164 -15.89 -17.57 6.73
CA ARG B 1164 -14.86 -16.75 7.35
C ARG B 1164 -13.51 -17.09 6.73
N SER B 1165 -12.63 -16.09 6.68
CA SER B 1165 -11.28 -16.32 6.19
C SER B 1165 -10.50 -17.19 7.17
N MET B 1166 -9.82 -18.22 6.65
CA MET B 1166 -9.09 -19.13 7.52
C MET B 1166 -7.82 -18.50 8.09
N SER B 1167 -7.35 -17.42 7.50
CA SER B 1167 -6.14 -16.75 7.93
C SER B 1167 -6.51 -15.45 8.64
N LYS B 1168 -6.02 -15.29 9.87
CA LYS B 1168 -6.25 -14.09 10.63
C LYS B 1168 -5.21 -13.04 10.28
N PHE B 1169 -5.66 -11.85 9.89
CA PHE B 1169 -4.77 -10.75 9.57
C PHE B 1169 -5.50 -9.44 9.83
N GLN B 1170 -4.72 -8.37 9.98
CA GLN B 1170 -5.27 -7.04 10.21
C GLN B 1170 -5.65 -6.45 8.85
N THR B 1171 -6.85 -6.82 8.37
CA THR B 1171 -7.29 -6.36 7.06
C THR B 1171 -7.48 -4.85 7.07
N MET B 1172 -7.15 -4.22 5.94
CA MET B 1172 -7.29 -2.78 5.78
C MET B 1172 -8.52 -2.41 4.97
N SER B 1173 -8.64 -2.96 3.76
CA SER B 1173 -9.76 -2.68 2.88
C SER B 1173 -10.20 -3.96 2.21
N LEU B 1174 -11.46 -3.99 1.79
CA LEU B 1174 -12.07 -5.15 1.17
C LEU B 1174 -12.76 -4.74 -0.12
N GLU B 1175 -12.91 -5.72 -1.01
CA GLU B 1175 -13.65 -5.54 -2.25
C GLU B 1175 -13.93 -6.92 -2.84
N PHE B 1176 -14.86 -6.95 -3.79
CA PHE B 1176 -15.22 -8.19 -4.48
C PHE B 1176 -14.46 -8.27 -5.79
N LEU B 1177 -13.84 -9.41 -6.05
CA LEU B 1177 -13.24 -9.73 -7.34
C LEU B 1177 -14.06 -10.87 -7.93
N VAL B 1178 -15.18 -10.50 -8.58
CA VAL B 1178 -16.19 -11.50 -8.90
C VAL B 1178 -15.66 -12.53 -9.89
N ASN B 1179 -15.09 -12.06 -11.01
CA ASN B 1179 -14.46 -12.92 -12.01
C ASN B 1179 -15.44 -13.99 -12.53
N GLY B 1180 -16.47 -13.50 -13.20
CA GLY B 1180 -17.38 -14.41 -13.88
C GLY B 1180 -18.27 -15.17 -12.92
N GLY B 1181 -18.48 -16.46 -13.22
CA GLY B 1181 -19.38 -17.28 -12.43
C GLY B 1181 -18.94 -17.46 -11.00
N ASP B 1182 -17.63 -17.55 -10.76
CA ASP B 1182 -17.11 -17.65 -9.41
C ASP B 1182 -17.25 -16.29 -8.71
N MET B 1183 -16.70 -16.21 -7.51
CA MET B 1183 -16.64 -14.94 -6.79
C MET B 1183 -15.48 -14.97 -5.83
N TYR B 1184 -14.76 -13.85 -5.74
CA TYR B 1184 -13.57 -13.74 -4.92
C TYR B 1184 -13.62 -12.46 -4.12
N PHE B 1185 -12.89 -12.45 -3.01
CA PHE B 1185 -12.72 -11.26 -2.19
C PHE B 1185 -11.27 -10.82 -2.25
N ALA B 1186 -11.05 -9.52 -2.27
CA ALA B 1186 -9.72 -8.94 -2.20
C ALA B 1186 -9.55 -8.24 -0.87
N ALA B 1187 -8.52 -8.63 -0.13
CA ALA B 1187 -8.26 -8.09 1.20
C ALA B 1187 -6.81 -7.65 1.30
N THR B 1188 -6.59 -6.50 1.93
CA THR B 1188 -5.26 -5.97 2.15
C THR B 1188 -5.00 -5.86 3.65
N ASP B 1189 -3.81 -6.29 4.07
CA ASP B 1189 -3.44 -6.28 5.48
C ASP B 1189 -2.48 -5.14 5.79
N ALA B 1190 -2.17 -5.00 7.08
CA ALA B 1190 -1.18 -4.04 7.52
C ALA B 1190 0.24 -4.43 7.10
N ASP B 1191 0.44 -5.67 6.66
CA ASP B 1191 1.73 -6.15 6.18
C ASP B 1191 1.93 -5.91 4.69
N ARG B 1192 1.15 -5.00 4.09
CA ARG B 1192 1.23 -4.63 2.69
C ARG B 1192 0.91 -5.80 1.75
N ASN B 1193 0.20 -6.81 2.25
CA ASN B 1193 -0.17 -7.95 1.41
C ASN B 1193 -1.56 -7.74 0.81
N VAL B 1194 -1.78 -8.37 -0.34
CA VAL B 1194 -3.09 -8.43 -0.98
C VAL B 1194 -3.50 -9.89 -1.01
N HIS B 1195 -4.59 -10.22 -0.32
CA HIS B 1195 -5.07 -11.59 -0.25
C HIS B 1195 -6.31 -11.75 -1.11
N VAL B 1196 -6.32 -12.80 -1.92
CA VAL B 1196 -7.50 -13.17 -2.71
C VAL B 1196 -8.08 -14.43 -2.09
N LEU B 1197 -9.33 -14.35 -1.68
CA LEU B 1197 -10.06 -15.47 -1.13
C LEU B 1197 -11.37 -15.61 -1.88
N LYS B 1198 -11.86 -16.85 -2.00
CA LYS B 1198 -13.10 -17.11 -2.69
C LYS B 1198 -14.03 -17.92 -1.79
N TYR B 1199 -15.32 -17.71 -1.98
CA TYR B 1199 -16.34 -18.48 -1.27
C TYR B 1199 -16.57 -19.76 -2.07
N ALA B 1200 -15.94 -20.85 -1.64
CA ALA B 1200 -16.02 -22.13 -2.33
C ALA B 1200 -16.77 -23.11 -1.44
N PRO B 1201 -18.08 -23.30 -1.63
CA PRO B 1201 -18.85 -24.21 -0.78
C PRO B 1201 -18.88 -25.66 -1.26
N ASP B 1202 -18.08 -26.02 -2.26
CA ASP B 1202 -18.09 -27.38 -2.80
C ASP B 1202 -16.83 -28.17 -2.49
N GLU B 1203 -15.72 -27.51 -2.18
CA GLU B 1203 -14.49 -28.22 -1.88
C GLU B 1203 -14.65 -29.02 -0.59
N PRO B 1204 -14.10 -30.23 -0.51
CA PRO B 1204 -14.30 -31.05 0.69
C PRO B 1204 -13.74 -30.43 1.97
N ASN B 1205 -12.64 -29.69 1.88
CA ASN B 1205 -11.99 -29.14 3.05
C ASN B 1205 -12.51 -27.76 3.44
N SER B 1206 -13.51 -27.25 2.74
CA SER B 1206 -14.02 -25.91 2.99
C SER B 1206 -15.08 -25.87 4.10
N LEU B 1207 -15.43 -27.02 4.69
CA LEU B 1207 -16.47 -27.11 5.71
C LEU B 1207 -17.78 -26.52 5.21
N SER B 1208 -18.16 -26.92 3.99
CA SER B 1208 -19.44 -26.51 3.38
C SER B 1208 -19.55 -24.99 3.26
N GLY B 1209 -18.45 -24.35 2.88
CA GLY B 1209 -18.44 -22.93 2.60
C GLY B 1209 -18.11 -22.04 3.78
N GLN B 1210 -18.17 -22.57 5.01
CA GLN B 1210 -17.89 -21.75 6.18
C GLN B 1210 -16.43 -21.33 6.28
N ARG B 1211 -15.55 -21.93 5.50
CA ARG B 1211 -14.14 -21.56 5.45
C ARG B 1211 -13.83 -20.96 4.09
N LEU B 1212 -13.38 -19.72 4.08
CA LEU B 1212 -13.00 -19.05 2.84
C LEU B 1212 -11.58 -19.46 2.46
N VAL B 1213 -11.44 -20.11 1.31
CA VAL B 1213 -10.16 -20.70 0.92
C VAL B 1213 -9.22 -19.60 0.45
N HIS B 1214 -8.02 -19.57 1.03
CA HIS B 1214 -7.01 -18.61 0.63
C HIS B 1214 -6.42 -19.01 -0.72
N CYS B 1215 -6.35 -18.07 -1.65
CA CYS B 1215 -5.86 -18.34 -3.00
C CYS B 1215 -4.48 -17.76 -3.23
N SER B 1216 -4.30 -16.45 -3.03
CA SER B 1216 -3.02 -15.82 -3.31
C SER B 1216 -2.74 -14.74 -2.27
N SER B 1217 -1.46 -14.49 -2.05
CA SER B 1217 -0.99 -13.43 -1.16
C SER B 1217 0.08 -12.63 -1.90
N PHE B 1218 -0.25 -11.39 -2.26
CA PHE B 1218 0.61 -10.56 -3.09
C PHE B 1218 1.07 -9.37 -2.25
N THR B 1219 2.39 -9.23 -2.10
CA THR B 1219 2.94 -8.19 -1.25
C THR B 1219 3.06 -6.89 -2.03
N LEU B 1220 2.36 -5.86 -1.56
CA LEU B 1220 2.45 -4.53 -2.15
C LEU B 1220 3.64 -3.78 -1.56
N HIS B 1221 4.00 -2.69 -2.22
CA HIS B 1221 5.13 -1.87 -1.78
C HIS B 1221 4.73 -0.77 -0.81
N SER B 1222 3.44 -0.63 -0.51
CA SER B 1222 2.99 0.33 0.48
C SER B 1222 1.63 -0.11 1.00
N THR B 1223 1.16 0.58 2.04
CA THR B 1223 -0.08 0.23 2.70
C THR B 1223 -1.28 0.67 1.87
N ASN B 1224 -2.24 -0.23 1.70
CA ASN B 1224 -3.47 0.09 1.01
C ASN B 1224 -4.42 0.84 1.94
N SER B 1225 -5.10 1.85 1.39
CA SER B 1225 -6.01 2.68 2.17
C SER B 1225 -7.46 2.55 1.77
N CYS B 1226 -7.74 2.25 0.50
CA CYS B 1226 -9.11 2.14 0.03
C CYS B 1226 -9.17 1.18 -1.14
N MET B 1227 -10.37 0.66 -1.40
CA MET B 1227 -10.62 -0.22 -2.52
C MET B 1227 -12.02 0.05 -3.05
N MET B 1228 -12.17 -0.04 -4.37
CA MET B 1228 -13.45 0.25 -5.01
C MET B 1228 -13.74 -0.82 -6.05
N LEU B 1229 -15.02 -0.92 -6.41
CA LEU B 1229 -15.47 -1.79 -7.48
C LEU B 1229 -15.76 -0.96 -8.73
N LEU B 1230 -15.15 -1.34 -9.84
CA LEU B 1230 -15.33 -0.60 -11.09
C LEU B 1230 -15.60 -1.58 -12.23
N PRO B 1231 -16.54 -1.24 -13.12
CA PRO B 1231 -16.76 -2.09 -14.29
C PRO B 1231 -15.53 -2.13 -15.19
N ARG B 1232 -15.33 -3.28 -15.84
CA ARG B 1232 -14.23 -3.46 -16.76
C ARG B 1232 -14.64 -3.08 -18.17
N ASN B 1233 -13.69 -2.52 -18.91
CA ASN B 1233 -13.89 -2.22 -20.32
C ASN B 1233 -13.44 -3.40 -21.15
N GLU B 1234 -14.38 -4.04 -21.84
CA GLU B 1234 -14.09 -5.20 -22.67
C GLU B 1234 -13.90 -4.72 -24.10
N GLU B 1235 -12.65 -4.75 -24.57
CA GLU B 1235 -12.35 -4.26 -25.91
C GLU B 1235 -12.92 -5.17 -26.99
N PHE B 1236 -12.98 -6.47 -26.74
CA PHE B 1236 -13.42 -7.43 -27.74
C PHE B 1236 -14.69 -8.18 -27.31
N GLY B 1237 -14.70 -8.75 -26.11
CA GLY B 1237 -15.86 -9.47 -25.61
C GLY B 1237 -16.86 -8.57 -24.91
N VAL B 1241 -22.48 -11.22 -19.38
CA VAL B 1241 -22.29 -11.01 -17.95
C VAL B 1241 -21.34 -9.84 -17.71
N PRO B 1242 -21.78 -8.88 -16.90
CA PRO B 1242 -20.92 -7.71 -16.62
C PRO B 1242 -19.65 -8.12 -15.89
N SER B 1243 -18.58 -7.36 -16.14
CA SER B 1243 -17.29 -7.60 -15.54
C SER B 1243 -16.90 -6.43 -14.65
N PHE B 1244 -16.16 -6.72 -13.59
CA PHE B 1244 -15.78 -5.73 -12.59
C PHE B 1244 -14.30 -5.85 -12.29
N GLN B 1245 -13.73 -4.76 -11.78
CA GLN B 1245 -12.34 -4.74 -11.36
C GLN B 1245 -12.21 -3.91 -10.09
N ASN B 1246 -11.14 -4.15 -9.35
CA ASN B 1246 -10.85 -3.43 -8.12
C ASN B 1246 -9.80 -2.37 -8.37
N VAL B 1247 -10.03 -1.18 -7.82
CA VAL B 1247 -9.09 -0.07 -7.90
C VAL B 1247 -8.79 0.38 -6.47
N GLY B 1248 -7.51 0.41 -6.11
CA GLY B 1248 -7.12 0.74 -4.76
C GLY B 1248 -6.06 1.82 -4.71
N GLY B 1249 -6.18 2.70 -3.73
CA GLY B 1249 -5.21 3.74 -3.48
C GLY B 1249 -4.21 3.34 -2.42
N GLN B 1250 -3.02 3.91 -2.49
CA GLN B 1250 -1.93 3.51 -1.62
C GLN B 1250 -1.38 4.71 -0.84
N VAL B 1251 -0.70 4.39 0.26
CA VAL B 1251 -0.12 5.43 1.10
C VAL B 1251 1.01 6.14 0.38
N ASP B 1252 1.78 5.42 -0.44
CA ASP B 1252 2.92 6.02 -1.12
C ASP B 1252 2.51 6.92 -2.27
N GLY B 1253 1.22 6.96 -2.63
CA GLY B 1253 0.74 7.78 -3.72
C GLY B 1253 0.45 7.06 -5.00
N SER B 1254 0.58 5.74 -5.03
CA SER B 1254 0.28 4.97 -6.22
C SER B 1254 -1.17 4.48 -6.18
N VAL B 1255 -1.69 4.18 -7.36
CA VAL B 1255 -3.01 3.58 -7.51
C VAL B 1255 -2.84 2.29 -8.29
N PHE B 1256 -3.45 1.22 -7.78
CA PHE B 1256 -3.33 -0.09 -8.40
C PHE B 1256 -4.70 -0.63 -8.76
N LYS B 1257 -4.72 -1.55 -9.71
CA LYS B 1257 -5.94 -2.24 -10.10
C LYS B 1257 -5.70 -3.74 -10.13
N ILE B 1258 -6.72 -4.49 -9.76
CA ILE B 1258 -6.72 -5.94 -9.92
C ILE B 1258 -7.79 -6.27 -10.95
N VAL B 1259 -7.34 -6.78 -12.10
CA VAL B 1259 -8.24 -7.11 -13.21
C VAL B 1259 -8.40 -8.63 -13.22
N PRO B 1260 -9.56 -9.17 -12.88
CA PRO B 1260 -9.74 -10.62 -12.94
C PRO B 1260 -9.59 -11.13 -14.37
N LEU B 1261 -9.02 -12.32 -14.48
CA LEU B 1261 -8.74 -12.94 -15.77
C LEU B 1261 -9.52 -14.23 -15.93
N SER B 1262 -9.61 -14.69 -17.17
CA SER B 1262 -10.18 -15.99 -17.46
C SER B 1262 -9.11 -17.06 -17.18
N GLU B 1263 -9.38 -18.30 -17.59
CA GLU B 1263 -8.41 -19.37 -17.36
C GLU B 1263 -7.34 -19.35 -18.44
N GLU B 1264 -7.75 -19.28 -19.71
CA GLU B 1264 -6.78 -19.27 -20.81
C GLU B 1264 -5.91 -18.01 -20.77
N LYS B 1265 -6.53 -16.86 -20.53
CA LYS B 1265 -5.77 -15.62 -20.41
C LYS B 1265 -4.77 -15.70 -19.26
N TYR B 1266 -5.20 -16.25 -18.12
CA TYR B 1266 -4.31 -16.37 -16.98
C TYR B 1266 -3.16 -17.31 -17.28
N ARG B 1267 -3.43 -18.43 -17.95
CA ARG B 1267 -2.35 -19.36 -18.28
C ARG B 1267 -1.35 -18.72 -19.22
N ARG B 1268 -1.83 -18.00 -20.24
CA ARG B 1268 -0.93 -17.34 -21.17
C ARG B 1268 -0.07 -16.30 -20.45
N LEU B 1269 -0.70 -15.47 -19.61
CA LEU B 1269 0.07 -14.43 -18.93
C LEU B 1269 1.01 -15.02 -17.88
N TYR B 1270 0.63 -16.11 -17.23
CA TYR B 1270 1.51 -16.75 -16.26
C TYR B 1270 2.73 -17.33 -16.94
N VAL B 1271 2.54 -18.01 -18.07
CA VAL B 1271 3.70 -18.55 -18.78
C VAL B 1271 4.58 -17.42 -19.29
N ILE B 1272 3.96 -16.31 -19.72
CA ILE B 1272 4.76 -15.16 -20.17
C ILE B 1272 5.56 -14.56 -19.01
N GLN B 1273 4.93 -14.43 -17.84
CA GLN B 1273 5.61 -13.85 -16.69
C GLN B 1273 6.77 -14.74 -16.23
N GLN B 1274 6.56 -16.05 -16.16
CA GLN B 1274 7.65 -16.92 -15.75
C GLN B 1274 8.77 -16.96 -16.79
N GLN B 1275 8.42 -16.89 -18.07
CA GLN B 1275 9.45 -16.81 -19.10
C GLN B 1275 10.24 -15.51 -19.00
N ILE B 1276 9.57 -14.40 -18.67
CA ILE B 1276 10.28 -13.15 -18.50
C ILE B 1276 11.20 -13.21 -17.29
N ILE B 1277 10.75 -13.85 -16.20
CA ILE B 1277 11.58 -13.95 -15.01
C ILE B 1277 12.81 -14.82 -15.30
N ASP B 1278 12.63 -15.94 -15.98
CA ASP B 1278 13.74 -16.86 -16.21
C ASP B 1278 14.69 -16.32 -17.29
N ARG B 1279 14.16 -16.08 -18.49
CA ARG B 1279 15.01 -15.72 -19.61
C ARG B 1279 15.61 -14.33 -19.44
N GLU B 1280 14.80 -13.35 -19.09
CA GLU B 1280 15.25 -11.97 -19.08
C GLU B 1280 15.96 -11.62 -17.76
N LEU B 1281 16.64 -10.48 -17.77
CA LEU B 1281 17.47 -10.04 -16.66
C LEU B 1281 16.76 -8.94 -15.87
N GLN B 1282 16.72 -9.10 -14.55
CA GLN B 1282 16.07 -8.14 -13.68
C GLN B 1282 17.08 -7.10 -13.20
N LEU B 1283 16.56 -5.93 -12.85
CA LEU B 1283 17.37 -4.73 -12.66
C LEU B 1283 18.47 -4.89 -11.63
N GLY B 1284 18.10 -5.04 -10.36
CA GLY B 1284 19.08 -5.08 -9.29
C GLY B 1284 19.21 -6.43 -8.65
N GLY B 1285 19.15 -7.49 -9.47
CA GLY B 1285 19.17 -8.83 -8.93
C GLY B 1285 17.98 -9.15 -8.06
N LEU B 1286 16.83 -8.54 -8.34
CA LEU B 1286 15.62 -8.71 -7.54
C LEU B 1286 14.71 -9.72 -8.21
N ASN B 1287 14.38 -10.78 -7.50
CA ASN B 1287 13.46 -11.78 -8.01
C ASN B 1287 12.03 -11.32 -7.74
N PRO B 1288 11.22 -11.06 -8.77
CA PRO B 1288 9.83 -10.64 -8.52
C PRO B 1288 9.04 -11.65 -7.72
N ARG B 1289 9.29 -12.95 -7.95
CA ARG B 1289 8.60 -13.98 -7.18
C ARG B 1289 8.88 -13.84 -5.69
N MET B 1290 10.13 -13.54 -5.34
CA MET B 1290 10.47 -13.39 -3.92
C MET B 1290 10.17 -11.99 -3.41
N GLU B 1291 10.11 -11.00 -4.29
CA GLU B 1291 9.66 -9.68 -3.87
C GLU B 1291 8.18 -9.67 -3.54
N ARG B 1292 7.39 -10.52 -4.19
CA ARG B 1292 5.93 -10.53 -4.00
C ARG B 1292 5.44 -11.66 -3.11
N LEU B 1293 5.78 -12.90 -3.44
CA LEU B 1293 5.20 -14.06 -2.77
C LEU B 1293 5.91 -14.44 -1.47
N ALA B 1294 7.08 -13.87 -1.19
CA ALA B 1294 7.83 -14.24 0.01
C ALA B 1294 7.31 -13.42 1.19
N ASN B 1295 6.13 -13.81 1.67
CA ASN B 1295 5.54 -13.19 2.84
C ASN B 1295 5.19 -14.27 3.87
N ASP B 1296 4.49 -13.88 4.94
CA ASP B 1296 4.12 -14.84 5.97
C ASP B 1296 3.00 -15.77 5.52
N PHE B 1297 2.37 -15.52 4.38
CA PHE B 1297 1.26 -16.34 3.89
C PHE B 1297 1.66 -17.19 2.69
N TYR B 1298 2.96 -17.45 2.50
CA TYR B 1298 3.40 -18.16 1.31
C TYR B 1298 2.87 -19.59 1.28
N GLN B 1299 2.95 -20.30 2.40
CA GLN B 1299 2.46 -21.68 2.47
C GLN B 1299 0.97 -21.72 2.84
N MET B 1300 0.17 -20.95 2.13
CA MET B 1300 -1.26 -20.92 2.43
C MET B 1300 -2.13 -21.07 1.19
N GLY B 1301 -1.73 -20.49 0.07
CA GLY B 1301 -2.52 -20.50 -1.14
C GLY B 1301 -1.98 -21.43 -2.20
N HIS B 1302 -2.65 -21.40 -3.36
CA HIS B 1302 -2.23 -22.21 -4.50
C HIS B 1302 -0.83 -21.80 -4.94
N SER B 1303 0.03 -22.79 -5.16
CA SER B 1303 1.41 -22.50 -5.53
C SER B 1303 1.50 -22.04 -6.99
N MET B 1304 0.69 -22.62 -7.87
CA MET B 1304 0.79 -22.36 -9.30
C MET B 1304 -0.28 -21.41 -9.81
N ARG B 1305 -0.95 -20.67 -8.91
CA ARG B 1305 -1.87 -19.61 -9.29
C ARG B 1305 -1.62 -18.37 -8.44
N PRO B 1306 -0.47 -17.72 -8.63
CA PRO B 1306 -0.19 -16.49 -7.89
C PRO B 1306 -0.84 -15.28 -8.54
N MET B 1307 -0.82 -14.17 -7.82
CA MET B 1307 -1.19 -12.90 -8.41
C MET B 1307 -0.17 -12.52 -9.48
N LEU B 1308 -0.65 -12.14 -10.66
CA LEU B 1308 0.23 -11.75 -11.76
C LEU B 1308 0.60 -10.28 -11.63
N ASP B 1309 1.85 -9.97 -11.96
CA ASP B 1309 2.35 -8.61 -11.95
C ASP B 1309 2.43 -8.12 -13.39
N PHE B 1310 1.57 -7.15 -13.74
CA PHE B 1310 1.59 -6.61 -15.09
C PHE B 1310 2.89 -5.88 -15.38
N ASN B 1311 3.55 -5.35 -14.35
CA ASN B 1311 4.85 -4.70 -14.56
C ASN B 1311 5.87 -5.68 -15.12
N VAL B 1312 5.88 -6.91 -14.61
CA VAL B 1312 6.72 -7.95 -15.19
C VAL B 1312 6.26 -8.27 -16.60
N ILE B 1313 4.95 -8.42 -16.79
CA ILE B 1313 4.40 -8.71 -18.11
C ILE B 1313 4.59 -7.52 -19.05
N ARG B 1314 4.61 -6.30 -18.51
CA ARG B 1314 4.85 -5.13 -19.35
C ARG B 1314 6.19 -5.20 -20.05
N ARG B 1315 7.16 -5.93 -19.48
CA ARG B 1315 8.45 -6.11 -20.12
C ARG B 1315 8.35 -6.96 -21.37
N PHE B 1316 7.25 -7.68 -21.56
CA PHE B 1316 7.08 -8.48 -22.78
C PHE B 1316 7.05 -7.59 -24.01
N CYS B 1317 6.44 -6.41 -23.90
CA CYS B 1317 6.34 -5.50 -25.04
C CYS B 1317 7.67 -4.84 -25.36
N GLY B 1318 8.58 -4.73 -24.39
CA GLY B 1318 9.84 -4.04 -24.62
C GLY B 1318 10.93 -4.88 -25.26
N LEU B 1319 10.69 -6.16 -25.48
CA LEU B 1319 11.69 -7.03 -26.08
C LEU B 1319 11.74 -6.84 -27.59
N ALA B 1320 12.78 -7.40 -28.20
CA ALA B 1320 12.88 -7.41 -29.65
C ALA B 1320 11.82 -8.32 -30.25
N ILE B 1321 11.46 -8.04 -31.51
CA ILE B 1321 10.35 -8.75 -32.14
C ILE B 1321 10.60 -10.24 -32.16
N ASP B 1322 11.82 -10.66 -32.51
CA ASP B 1322 12.14 -12.09 -32.52
C ASP B 1322 12.04 -12.68 -31.12
N ARG B 1323 12.56 -11.97 -30.11
CA ARG B 1323 12.49 -12.46 -28.75
C ARG B 1323 11.06 -12.51 -28.24
N ARG B 1324 10.25 -11.51 -28.61
CA ARG B 1324 8.84 -11.53 -28.23
C ARG B 1324 8.13 -12.72 -28.85
N LYS B 1325 8.43 -13.03 -30.11
CA LYS B 1325 7.83 -14.20 -30.75
C LYS B 1325 8.28 -15.48 -30.08
N SER B 1326 9.57 -15.57 -29.71
CA SER B 1326 10.08 -16.77 -29.07
C SER B 1326 9.48 -16.97 -27.69
N ILE B 1327 9.25 -15.87 -26.96
CA ILE B 1327 8.72 -15.98 -25.59
C ILE B 1327 7.34 -16.59 -25.60
N ALA B 1328 6.48 -16.17 -26.53
CA ALA B 1328 5.12 -16.69 -26.60
C ALA B 1328 5.08 -18.16 -27.00
N GLN B 1329 6.16 -18.69 -27.56
CA GLN B 1329 6.19 -20.09 -27.98
C GLN B 1329 6.27 -21.06 -26.82
N LYS B 1330 6.42 -20.57 -25.58
CA LYS B 1330 6.47 -21.46 -24.43
C LYS B 1330 5.18 -22.25 -24.27
N ALA B 1331 4.04 -21.58 -24.47
CA ALA B 1331 2.74 -22.24 -24.35
C ALA B 1331 1.76 -21.59 -25.33
N GLY B 1332 1.17 -22.41 -26.18
CA GLY B 1332 0.24 -21.92 -27.18
C GLY B 1332 0.92 -21.77 -28.53
N ARG B 1333 0.14 -22.00 -29.60
CA ARG B 1333 0.69 -21.89 -30.94
C ARG B 1333 0.74 -20.44 -31.39
N HIS B 1334 -0.41 -19.79 -31.53
CA HIS B 1334 -0.48 -18.36 -31.80
C HIS B 1334 -0.67 -17.59 -30.50
N ALA B 1335 0.26 -17.83 -29.57
CA ALA B 1335 0.20 -17.18 -28.26
C ALA B 1335 0.59 -15.71 -28.32
N HIS B 1336 1.41 -15.31 -29.29
CA HIS B 1336 1.75 -13.90 -29.44
C HIS B 1336 0.51 -13.06 -29.71
N PHE B 1337 -0.37 -13.55 -30.59
CA PHE B 1337 -1.58 -12.81 -30.95
C PHE B 1337 -2.47 -12.57 -29.75
N GLU B 1338 -2.93 -13.66 -29.11
CA GLU B 1338 -3.82 -13.52 -27.96
C GLU B 1338 -3.13 -12.87 -26.78
N ALA B 1339 -1.81 -13.05 -26.65
CA ALA B 1339 -1.06 -12.40 -25.58
C ALA B 1339 -1.11 -10.89 -25.73
N TRP B 1340 -0.84 -10.39 -26.95
CA TRP B 1340 -0.97 -8.96 -27.19
C TRP B 1340 -2.41 -8.51 -27.00
N ARG B 1341 -3.37 -9.35 -27.40
CA ARG B 1341 -4.77 -8.99 -27.27
C ARG B 1341 -5.16 -8.77 -25.81
N ASP B 1342 -4.84 -9.72 -24.93
CA ASP B 1342 -5.22 -9.57 -23.53
C ASP B 1342 -4.34 -8.57 -22.79
N ILE B 1343 -3.09 -8.35 -23.25
CA ILE B 1343 -2.30 -7.27 -22.68
C ILE B 1343 -2.96 -5.92 -22.98
N ILE B 1344 -3.43 -5.74 -24.21
CA ILE B 1344 -4.17 -4.53 -24.55
C ILE B 1344 -5.45 -4.43 -23.73
N ASN B 1345 -6.15 -5.55 -23.57
CA ASN B 1345 -7.40 -5.55 -22.81
C ASN B 1345 -7.17 -5.12 -21.37
N ILE B 1346 -6.10 -5.63 -20.74
CA ILE B 1346 -5.76 -5.21 -19.39
C ILE B 1346 -5.36 -3.74 -19.37
N GLU B 1347 -4.59 -3.30 -20.37
CA GLU B 1347 -4.15 -1.91 -20.41
C GLU B 1347 -5.34 -0.97 -20.54
N PHE B 1348 -6.34 -1.34 -21.34
CA PHE B 1348 -7.55 -0.53 -21.52
C PHE B 1348 -8.70 -0.98 -20.63
N SER B 1349 -8.39 -1.63 -19.50
CA SER B 1349 -9.44 -2.11 -18.62
C SER B 1349 -10.20 -0.97 -17.95
N MET B 1350 -9.53 0.14 -17.68
CA MET B 1350 -10.13 1.28 -17.00
C MET B 1350 -10.78 2.28 -17.96
N ARG B 1351 -10.81 1.98 -19.26
CA ARG B 1351 -11.44 2.86 -20.22
C ARG B 1351 -12.97 2.77 -20.19
N SER B 1352 -13.54 1.97 -19.27
CA SER B 1352 -14.97 1.97 -19.07
C SER B 1352 -15.46 3.31 -18.53
N LEU B 1353 -14.58 4.11 -17.96
CA LEU B 1353 -14.93 5.45 -17.52
C LEU B 1353 -15.13 6.42 -18.68
N CYS B 1354 -14.70 6.04 -19.89
CA CYS B 1354 -14.87 6.90 -21.05
C CYS B 1354 -16.25 6.78 -21.69
N GLN B 1355 -17.05 5.80 -21.28
CA GLN B 1355 -18.40 5.58 -21.82
C GLN B 1355 -19.35 5.44 -20.64
N GLY B 1356 -19.86 6.57 -20.16
CA GLY B 1356 -20.76 6.59 -19.02
C GLY B 1356 -22.13 7.12 -19.39
N LYS B 1357 -23.15 6.60 -18.72
CA LYS B 1357 -24.54 7.00 -18.95
C LYS B 1357 -24.95 6.83 -20.41
N MET C 1 -26.83 0.62 -16.85
CA MET C 1 -25.38 0.69 -17.01
C MET C 1 -24.84 1.94 -16.32
N SER C 2 -24.74 1.90 -15.00
CA SER C 2 -24.22 3.00 -14.20
C SER C 2 -22.89 2.61 -13.61
N LEU C 3 -21.86 3.42 -13.87
CA LEU C 3 -20.56 3.18 -13.26
C LEU C 3 -20.60 3.41 -11.75
N ILE C 4 -21.38 4.40 -11.32
CA ILE C 4 -21.32 4.86 -9.94
C ILE C 4 -21.99 3.86 -9.01
N HIS C 5 -23.12 3.31 -9.44
CA HIS C 5 -23.84 2.28 -8.69
C HIS C 5 -24.05 1.10 -9.63
N PRO C 6 -23.01 0.29 -9.84
CA PRO C 6 -23.13 -0.82 -10.80
C PRO C 6 -24.22 -1.80 -10.39
N ASP C 7 -24.92 -2.33 -11.40
CA ASP C 7 -25.99 -3.29 -11.16
C ASP C 7 -25.40 -4.57 -10.62
N THR C 8 -25.63 -4.85 -9.34
CA THR C 8 -25.10 -6.03 -8.67
C THR C 8 -26.17 -6.91 -8.07
N ALA C 9 -27.44 -6.49 -8.08
CA ALA C 9 -28.48 -7.24 -7.39
C ALA C 9 -28.69 -8.61 -8.02
N LYS C 10 -28.69 -8.69 -9.35
CA LYS C 10 -28.94 -9.95 -10.06
C LYS C 10 -27.67 -10.34 -10.81
N TYR C 11 -26.88 -11.24 -10.21
CA TYR C 11 -25.67 -11.73 -10.84
C TYR C 11 -25.67 -13.25 -10.84
N PRO C 12 -25.23 -13.88 -11.92
CA PRO C 12 -25.19 -15.36 -11.99
C PRO C 12 -24.04 -16.00 -11.22
N PHE C 13 -24.25 -16.17 -9.92
CA PHE C 13 -23.26 -16.84 -9.08
C PHE C 13 -23.46 -18.35 -9.14
N LYS C 14 -22.35 -19.08 -9.24
CA LYS C 14 -22.42 -20.53 -9.38
C LYS C 14 -22.80 -21.24 -8.09
N PHE C 15 -22.80 -20.54 -6.95
CA PHE C 15 -23.15 -21.14 -5.67
C PHE C 15 -24.59 -20.86 -5.27
N GLU C 16 -25.41 -20.33 -6.18
CA GLU C 16 -26.81 -20.11 -5.88
C GLU C 16 -27.55 -21.38 -5.48
N PRO C 17 -27.43 -22.53 -6.17
CA PRO C 17 -28.13 -23.73 -5.71
C PRO C 17 -27.71 -24.18 -4.31
N PHE C 18 -26.43 -24.02 -3.98
CA PHE C 18 -25.98 -24.33 -2.62
C PHE C 18 -26.58 -23.34 -1.62
N LEU C 19 -26.54 -22.06 -1.96
CA LEU C 19 -27.08 -21.04 -1.06
C LEU C 19 -28.57 -21.18 -0.87
N ARG C 20 -29.26 -21.85 -1.78
CA ARG C 20 -30.69 -22.12 -1.62
C ARG C 20 -30.95 -23.42 -0.87
N GLN C 21 -30.18 -24.47 -1.15
CA GLN C 21 -30.37 -25.74 -0.48
C GLN C 21 -30.15 -25.62 1.02
N GLU C 22 -29.09 -24.93 1.41
CA GLU C 22 -28.82 -24.64 2.82
C GLU C 22 -29.16 -23.19 3.12
N TYR C 23 -29.54 -22.94 4.37
CA TYR C 23 -29.88 -21.60 4.88
C TYR C 23 -31.08 -21.00 4.18
N SER C 24 -31.67 -21.72 3.22
CA SER C 24 -32.87 -21.28 2.50
C SER C 24 -32.71 -19.85 1.98
N PHE C 25 -31.56 -19.58 1.37
CA PHE C 25 -31.17 -18.23 0.98
C PHE C 25 -31.17 -18.10 -0.54
N SER C 26 -31.65 -16.96 -1.03
CA SER C 26 -31.68 -16.67 -2.45
C SER C 26 -31.03 -15.32 -2.72
N LEU C 27 -30.44 -15.19 -3.91
CA LEU C 27 -29.81 -13.93 -4.30
C LEU C 27 -30.80 -12.78 -4.44
N ASP C 28 -32.10 -13.08 -4.53
CA ASP C 28 -33.12 -12.05 -4.58
C ASP C 28 -33.74 -11.93 -3.20
N PRO C 29 -33.48 -10.85 -2.45
CA PRO C 29 -34.05 -10.74 -1.10
C PRO C 29 -35.56 -10.54 -1.12
N ASP C 30 -36.05 -9.63 -1.97
CA ASP C 30 -37.47 -9.30 -2.02
C ASP C 30 -38.18 -10.23 -3.01
N ARG C 31 -38.19 -11.51 -2.66
CA ARG C 31 -38.95 -12.42 -3.49
C ARG C 31 -40.28 -12.78 -2.81
N PRO C 32 -41.32 -13.07 -3.60
CA PRO C 32 -42.63 -13.33 -3.01
C PRO C 32 -42.63 -14.59 -2.14
N ILE C 33 -43.51 -14.58 -1.14
CA ILE C 33 -43.66 -15.76 -0.29
C ILE C 33 -44.18 -16.93 -1.11
N CYS C 34 -43.69 -18.13 -0.79
CA CYS C 34 -44.02 -19.30 -1.60
C CYS C 34 -45.52 -19.58 -1.60
N GLU C 35 -46.18 -19.43 -0.46
CA GLU C 35 -47.61 -19.70 -0.29
C GLU C 35 -47.97 -21.15 -0.60
N PHE C 36 -46.97 -22.04 -0.55
CA PHE C 36 -47.21 -23.47 -0.73
C PHE C 36 -46.40 -24.30 0.26
N TYR C 37 -45.82 -23.69 1.28
CA TYR C 37 -44.99 -24.36 2.26
C TYR C 37 -45.67 -24.35 3.61
N ASN C 38 -45.71 -25.51 4.26
CA ASN C 38 -46.34 -25.67 5.56
C ASN C 38 -45.28 -25.85 6.64
N SER C 39 -45.64 -25.49 7.87
CA SER C 39 -44.73 -25.60 8.99
C SER C 39 -45.50 -25.77 10.30
N PRO C 43 -42.04 -30.74 5.22
CA PRO C 43 -40.86 -30.25 4.50
C PRO C 43 -40.99 -30.39 2.99
N LYS C 44 -41.85 -31.29 2.54
CA LYS C 44 -42.09 -31.52 1.12
C LYS C 44 -43.36 -30.81 0.63
N SER C 45 -43.88 -29.86 1.41
CA SER C 45 -45.12 -29.18 1.03
C SER C 45 -44.93 -28.39 -0.27
N CYS C 46 -43.74 -27.88 -0.51
CA CYS C 46 -43.48 -27.10 -1.72
C CYS C 46 -43.49 -28.03 -2.94
N PRO C 47 -44.36 -27.79 -3.93
CA PRO C 47 -44.31 -28.61 -5.15
C PRO C 47 -43.00 -28.50 -5.89
N ARG C 48 -42.37 -27.32 -5.88
CA ARG C 48 -41.09 -27.12 -6.55
C ARG C 48 -39.90 -27.66 -5.75
N GLY C 49 -40.11 -27.99 -4.48
CA GLY C 49 -39.06 -28.55 -3.66
C GLY C 49 -38.16 -27.47 -3.06
N PRO C 50 -37.06 -27.89 -2.44
CA PRO C 50 -36.12 -26.92 -1.86
C PRO C 50 -35.49 -25.99 -2.88
N LEU C 51 -35.41 -26.39 -4.14
CA LEU C 51 -34.84 -25.55 -5.19
C LEU C 51 -35.94 -24.70 -5.85
N CYS C 52 -36.65 -23.95 -5.00
CA CYS C 52 -37.76 -23.13 -5.43
C CYS C 52 -37.41 -21.66 -5.30
N PRO C 53 -37.52 -20.87 -6.38
CA PRO C 53 -37.21 -19.44 -6.27
C PRO C 53 -38.06 -18.70 -5.25
N LYS C 54 -39.32 -19.11 -5.07
CA LYS C 54 -40.16 -18.50 -4.06
C LYS C 54 -39.63 -18.84 -2.67
N LYS C 55 -39.77 -17.87 -1.76
CA LYS C 55 -39.13 -17.95 -0.45
C LYS C 55 -39.88 -18.91 0.47
N HIS C 56 -39.13 -19.80 1.11
CA HIS C 56 -39.67 -20.64 2.17
C HIS C 56 -39.38 -20.01 3.52
N VAL C 57 -40.23 -20.30 4.50
CA VAL C 57 -40.13 -19.71 5.82
C VAL C 57 -40.07 -20.84 6.85
N LEU C 58 -39.02 -20.85 7.66
CA LEU C 58 -38.91 -21.81 8.74
C LEU C 58 -39.92 -21.49 9.84
N PRO C 59 -40.34 -22.50 10.61
CA PRO C 59 -41.29 -22.23 11.70
C PRO C 59 -40.75 -21.28 12.75
N ILE C 60 -39.43 -21.13 12.85
CA ILE C 60 -38.83 -20.20 13.81
C ILE C 60 -39.22 -18.75 13.51
N PHE C 61 -39.55 -18.44 12.25
CA PHE C 61 -39.79 -17.07 11.84
C PHE C 61 -41.26 -16.65 11.95
N GLN C 62 -42.17 -17.56 12.32
CA GLN C 62 -43.57 -17.21 12.48
C GLN C 62 -43.95 -16.92 13.93
N ASN C 63 -42.99 -16.93 14.85
CA ASN C 63 -43.27 -16.62 16.24
C ASN C 63 -43.48 -15.13 16.43
N LYS C 64 -44.03 -14.76 17.58
CA LYS C 64 -44.46 -13.38 17.83
C LYS C 64 -43.63 -12.67 18.89
N ILE C 65 -42.71 -13.35 19.57
CA ILE C 65 -41.88 -12.75 20.60
C ILE C 65 -40.42 -13.07 20.30
N VAL C 66 -39.58 -12.04 20.25
CA VAL C 66 -38.17 -12.26 19.97
C VAL C 66 -37.51 -12.93 21.18
N CYS C 67 -36.42 -13.64 20.92
CA CYS C 67 -35.74 -14.41 21.95
C CYS C 67 -34.66 -13.55 22.60
N ARG C 68 -34.76 -13.37 23.91
CA ARG C 68 -33.73 -12.64 24.64
C ARG C 68 -32.40 -13.38 24.62
N HIS C 69 -32.44 -14.72 24.62
CA HIS C 69 -31.21 -15.49 24.54
C HIS C 69 -30.56 -15.37 23.17
N TRP C 70 -31.37 -15.26 22.12
CA TRP C 70 -30.82 -15.08 20.77
C TRP C 70 -30.24 -13.69 20.59
N LEU C 71 -30.82 -12.68 21.25
CA LEU C 71 -30.28 -11.33 21.16
C LEU C 71 -28.89 -11.26 21.75
N ARG C 72 -28.67 -11.94 22.87
CA ARG C 72 -27.36 -12.00 23.51
C ARG C 72 -26.44 -13.05 22.88
N GLY C 73 -26.92 -13.80 21.90
CA GLY C 73 -26.12 -14.82 21.27
C GLY C 73 -25.95 -16.08 22.10
N LEU C 74 -26.84 -16.33 23.06
CA LEU C 74 -26.73 -17.46 23.97
C LEU C 74 -28.03 -18.25 23.99
N CYS C 75 -28.59 -18.53 22.81
CA CYS C 75 -29.78 -19.34 22.68
C CYS C 75 -29.38 -20.80 22.51
N LYS C 76 -29.72 -21.64 23.50
CA LYS C 76 -29.37 -23.05 23.42
C LYS C 76 -30.09 -23.74 22.27
N LYS C 77 -31.37 -23.42 22.06
CA LYS C 77 -32.15 -24.02 20.99
C LYS C 77 -31.90 -23.24 19.70
N ASN C 78 -31.28 -23.89 18.73
CA ASN C 78 -30.94 -23.25 17.45
C ASN C 78 -32.20 -22.81 16.70
N ASP C 79 -33.01 -23.78 16.29
CA ASP C 79 -34.23 -23.51 15.54
C ASP C 79 -35.49 -24.05 16.22
N GLN C 80 -35.35 -24.82 17.29
CA GLN C 80 -36.49 -25.34 18.03
C GLN C 80 -37.03 -24.35 19.06
N CYS C 81 -36.41 -23.17 19.18
CA CYS C 81 -36.86 -22.19 20.14
C CYS C 81 -38.27 -21.71 19.80
N GLU C 82 -39.09 -21.54 20.84
CA GLU C 82 -40.45 -21.04 20.67
C GLU C 82 -40.51 -19.54 20.46
N TYR C 83 -39.41 -18.83 20.68
CA TYR C 83 -39.38 -17.38 20.51
C TYR C 83 -38.77 -17.04 19.16
N LEU C 84 -39.14 -15.87 18.64
CA LEU C 84 -38.71 -15.47 17.30
C LEU C 84 -37.22 -15.14 17.27
N HIS C 85 -36.51 -15.74 16.32
CA HIS C 85 -35.10 -15.43 16.10
C HIS C 85 -34.97 -14.43 14.95
N GLU C 86 -35.44 -13.22 15.22
CA GLU C 86 -35.41 -12.14 14.25
C GLU C 86 -35.48 -10.82 15.00
N TYR C 87 -34.70 -9.84 14.54
CA TYR C 87 -34.52 -8.57 15.24
C TYR C 87 -35.45 -7.52 14.65
N ASN C 88 -36.68 -7.47 15.15
CA ASN C 88 -37.62 -6.40 14.82
C ASN C 88 -38.13 -5.79 16.12
N LEU C 89 -37.98 -4.47 16.26
CA LEU C 89 -38.27 -3.78 17.51
C LEU C 89 -39.75 -3.70 17.83
N ARG C 90 -40.63 -4.02 16.88
CA ARG C 90 -42.07 -3.88 17.11
C ARG C 90 -42.55 -4.83 18.21
N LYS C 91 -42.06 -6.07 18.19
CA LYS C 91 -42.57 -7.12 19.06
C LYS C 91 -41.56 -7.57 20.11
N MET C 92 -40.73 -6.64 20.59
CA MET C 92 -39.81 -6.98 21.67
C MET C 92 -40.56 -7.06 22.99
N PRO C 93 -40.46 -8.18 23.73
CA PRO C 93 -41.04 -8.43 25.04
C PRO C 93 -40.99 -7.23 25.99
N THR D 28 -26.67 4.69 35.63
CA THR D 28 -25.75 3.71 36.17
C THR D 28 -24.57 3.47 35.22
N GLN D 29 -23.64 4.42 35.20
CA GLN D 29 -22.49 4.35 34.31
C GLN D 29 -21.45 3.42 34.92
N ARG D 30 -21.21 2.29 34.26
CA ARG D 30 -20.24 1.32 34.73
C ARG D 30 -18.88 1.62 34.12
N ARG D 31 -17.92 0.70 34.28
CA ARG D 31 -16.59 0.84 33.71
C ARG D 31 -16.50 0.00 32.45
N SER D 32 -16.12 0.63 31.33
CA SER D 32 -16.07 -0.02 30.04
C SER D 32 -14.64 -0.04 29.51
N VAL D 33 -14.21 -1.19 29.02
CA VAL D 33 -12.89 -1.35 28.41
C VAL D 33 -13.13 -1.96 27.03
N ASP D 34 -13.27 -1.11 26.02
CA ASP D 34 -13.51 -1.54 24.65
C ASP D 34 -12.43 -0.99 23.74
N VAL D 35 -11.96 -1.84 22.83
CA VAL D 35 -10.80 -1.54 21.99
C VAL D 35 -11.26 -0.90 20.68
N SER D 36 -12.53 -0.48 20.63
CA SER D 36 -13.09 0.04 19.39
C SER D 36 -12.41 1.36 18.98
N SER D 37 -12.51 2.37 19.84
CA SER D 37 -11.89 3.66 19.52
C SER D 37 -10.38 3.58 19.32
N PRO D 38 -9.61 2.84 20.12
CA PRO D 38 -8.19 2.66 19.77
C PRO D 38 -7.99 2.07 18.39
N TYR D 39 -8.86 1.16 17.95
CA TYR D 39 -8.73 0.61 16.61
C TYR D 39 -9.10 1.64 15.55
N ILE D 40 -10.07 2.50 15.83
CA ILE D 40 -10.38 3.60 14.93
C ILE D 40 -9.17 4.49 14.74
N ASN D 41 -8.51 4.84 15.86
CA ASN D 41 -7.31 5.67 15.79
C ASN D 41 -6.19 4.96 15.04
N LEU D 42 -6.00 3.66 15.32
CA LEU D 42 -4.93 2.92 14.67
C LEU D 42 -5.13 2.85 13.16
N TYR D 43 -6.36 2.58 12.72
CA TYR D 43 -6.58 2.48 11.28
C TYR D 43 -6.60 3.83 10.60
N TYR D 44 -6.98 4.89 11.31
CA TYR D 44 -6.81 6.23 10.75
C TYR D 44 -5.34 6.54 10.53
N ASN D 45 -4.49 6.23 11.51
CA ASN D 45 -3.06 6.45 11.35
C ASN D 45 -2.49 5.57 10.25
N ARG D 46 -2.96 4.33 10.15
CA ARG D 46 -2.42 3.38 9.19
C ARG D 46 -2.79 3.74 7.76
N ARG D 47 -4.04 4.17 7.56
CA ARG D 47 -4.53 4.44 6.20
C ARG D 47 -3.97 5.73 5.64
N HIS D 48 -3.68 6.72 6.49
CA HIS D 48 -3.12 7.98 6.05
C HIS D 48 -1.60 7.98 6.04
N GLY D 49 -0.97 6.86 6.37
CA GLY D 49 0.47 6.79 6.40
C GLY D 49 1.11 7.47 7.58
N LEU D 50 0.33 7.91 8.56
CA LEU D 50 0.88 8.57 9.72
C LEU D 50 1.55 7.54 10.65
N PRO D 51 2.65 7.91 11.29
CA PRO D 51 3.32 6.98 12.21
C PRO D 51 2.56 6.86 13.53
N ASN D 52 2.95 5.84 14.29
CA ASN D 52 2.39 5.63 15.63
C ASN D 52 3.16 6.53 16.59
N LEU D 53 2.54 7.63 16.98
CA LEU D 53 3.22 8.62 17.81
C LEU D 53 3.54 8.05 19.19
N VAL D 54 4.73 8.39 19.69
CA VAL D 54 5.16 7.88 20.99
C VAL D 54 4.25 8.42 22.08
N VAL D 55 3.79 7.53 22.95
CA VAL D 55 2.90 7.94 24.03
C VAL D 55 3.70 8.71 25.08
N GLU D 56 3.21 9.88 25.44
CA GLU D 56 3.75 10.85 26.39
C GLU D 56 3.09 10.68 27.75
N PRO D 57 3.83 10.87 28.86
CA PRO D 57 3.23 10.65 30.19
C PRO D 57 2.18 11.68 30.56
N GLU D 58 1.03 11.65 29.88
CA GLU D 58 -0.08 12.53 30.20
C GLU D 58 -1.38 11.84 29.81
N THR D 59 -2.47 12.34 30.38
CA THR D 59 -3.77 11.68 30.21
C THR D 59 -4.27 11.77 28.78
N SER D 60 -4.05 12.91 28.11
CA SER D 60 -4.57 13.07 26.76
C SER D 60 -3.93 12.13 25.76
N TYR D 61 -2.75 11.58 26.09
CA TYR D 61 -2.05 10.68 25.20
C TYR D 61 -2.54 9.24 25.30
N THR D 62 -3.50 8.97 26.18
CA THR D 62 -4.11 7.64 26.21
C THR D 62 -4.86 7.35 24.91
N ILE D 63 -5.35 8.38 24.24
CA ILE D 63 -5.96 8.21 22.92
C ILE D 63 -4.94 7.73 21.91
N ASP D 64 -3.65 7.98 22.15
CA ASP D 64 -2.58 7.51 21.28
C ASP D 64 -2.07 6.12 21.67
N ILE D 65 -2.61 5.53 22.74
CA ILE D 65 -2.25 4.16 23.10
C ILE D 65 -2.93 3.22 22.10
N MET D 66 -2.14 2.61 21.23
CA MET D 66 -2.69 1.77 20.19
C MET D 66 -3.18 0.45 20.78
N PRO D 67 -4.05 -0.26 20.07
CA PRO D 67 -4.45 -1.59 20.53
C PRO D 67 -3.25 -2.50 20.62
N PRO D 68 -3.29 -3.49 21.52
CA PRO D 68 -2.08 -4.29 21.78
C PRO D 68 -1.52 -5.00 20.57
N ASN D 69 -2.35 -5.33 19.58
CA ASN D 69 -1.84 -5.98 18.39
C ASN D 69 -1.00 -5.05 17.51
N ALA D 70 -1.08 -3.75 17.74
CA ALA D 70 -0.31 -2.80 16.95
C ALA D 70 1.12 -2.63 17.42
N TYR D 71 1.44 -3.12 18.62
CA TYR D 71 2.75 -2.91 19.24
C TYR D 71 3.60 -4.17 19.08
N ARG D 72 4.83 -3.98 18.62
CA ARG D 72 5.78 -5.07 18.48
C ARG D 72 7.19 -4.54 18.64
N GLY D 73 8.11 -5.42 18.99
CA GLY D 73 9.50 -5.05 19.13
C GLY D 73 9.82 -4.36 20.44
N ARG D 74 10.34 -3.13 20.35
CA ARG D 74 10.78 -2.44 21.55
C ARG D 74 9.60 -1.98 22.40
N ASP D 75 8.54 -1.50 21.78
CA ASP D 75 7.39 -1.01 22.52
C ASP D 75 6.42 -2.11 22.93
N ARG D 76 6.88 -3.37 22.95
CA ARG D 76 6.09 -4.45 23.50
C ARG D 76 5.87 -4.30 25.01
N VAL D 77 6.63 -3.42 25.67
CA VAL D 77 6.45 -3.19 27.10
C VAL D 77 5.12 -2.51 27.40
N ILE D 78 4.52 -1.84 26.41
CA ILE D 78 3.22 -1.21 26.61
C ILE D 78 2.12 -2.26 26.78
N ASN D 79 2.36 -3.49 26.33
CA ASN D 79 1.38 -4.57 26.43
C ASN D 79 1.41 -5.27 27.78
N LEU D 80 2.26 -4.83 28.70
CA LEU D 80 2.36 -5.47 30.00
C LEU D 80 1.06 -5.26 30.79
N PRO D 81 0.45 -6.33 31.32
CA PRO D 81 -0.76 -6.19 32.15
C PRO D 81 -0.41 -5.85 33.60
N SER D 82 -0.03 -4.60 33.82
CA SER D 82 0.42 -4.15 35.14
C SER D 82 -0.67 -3.52 35.97
N LYS D 83 -1.75 -3.05 35.35
CA LYS D 83 -2.81 -2.35 36.05
C LYS D 83 -3.91 -3.31 36.49
N PHE D 84 -4.43 -3.09 37.69
CA PHE D 84 -5.60 -3.80 38.19
C PHE D 84 -6.84 -2.96 37.91
N THR D 85 -7.85 -3.57 37.29
CA THR D 85 -9.02 -2.83 36.84
C THR D 85 -10.35 -3.36 37.37
N HIS D 86 -10.45 -4.63 37.73
CA HIS D 86 -11.72 -5.16 38.20
C HIS D 86 -11.58 -6.48 38.96
N LEU D 87 -12.27 -6.58 40.09
CA LEU D 87 -12.38 -7.83 40.84
C LEU D 87 -13.83 -8.31 40.78
N SER D 88 -14.03 -9.54 40.34
CA SER D 88 -15.37 -10.08 40.15
C SER D 88 -15.48 -11.44 40.81
N SER D 89 -16.63 -11.69 41.45
CA SER D 89 -16.93 -12.97 42.04
C SER D 89 -18.42 -13.21 41.93
N ASN D 90 -18.79 -14.47 41.66
CA ASN D 90 -20.20 -14.81 41.47
C ASN D 90 -20.92 -14.80 42.82
N LYS D 91 -22.24 -14.99 42.75
CA LYS D 91 -23.05 -15.00 43.97
C LYS D 91 -22.68 -16.18 44.85
N VAL D 92 -22.60 -17.38 44.28
CA VAL D 92 -22.22 -18.59 45.00
C VAL D 92 -20.71 -18.73 44.83
N LYS D 93 -19.96 -18.37 45.89
CA LYS D 93 -18.51 -18.34 45.83
C LYS D 93 -17.98 -19.77 45.87
N HIS D 94 -17.98 -20.41 44.70
CA HIS D 94 -17.36 -21.72 44.54
C HIS D 94 -15.88 -21.55 44.28
N VAL D 95 -15.19 -22.65 44.02
CA VAL D 95 -13.78 -22.62 43.65
C VAL D 95 -13.70 -22.70 42.12
N ILE D 96 -12.86 -21.84 41.54
CA ILE D 96 -12.72 -21.74 40.09
C ILE D 96 -11.57 -22.65 39.67
N PRO D 97 -11.83 -23.74 38.96
CA PRO D 97 -10.74 -24.62 38.53
C PRO D 97 -10.06 -24.12 37.26
N ALA D 98 -10.80 -23.37 36.44
CA ALA D 98 -10.25 -22.88 35.18
C ALA D 98 -11.09 -21.69 34.70
N ILE D 99 -10.43 -20.79 33.98
CA ILE D 99 -11.09 -19.69 33.28
C ILE D 99 -10.61 -19.68 31.84
N GLN D 100 -11.42 -19.10 30.97
CA GLN D 100 -11.10 -19.08 29.55
C GLN D 100 -11.87 -17.94 28.89
N TRP D 101 -11.22 -17.27 27.95
CA TRP D 101 -11.85 -16.21 27.18
C TRP D 101 -12.52 -16.79 25.93
N THR D 102 -13.58 -16.13 25.48
CA THR D 102 -14.15 -16.47 24.20
C THR D 102 -13.13 -16.16 23.09
N PRO D 103 -13.17 -16.89 21.99
CA PRO D 103 -12.07 -16.81 21.01
C PRO D 103 -11.84 -15.41 20.46
N GLU D 104 -12.89 -14.58 20.36
CA GLU D 104 -12.73 -13.20 19.98
C GLU D 104 -12.75 -12.27 21.19
N GLY D 105 -12.79 -12.82 22.40
CA GLY D 105 -12.64 -12.03 23.60
C GLY D 105 -13.86 -11.26 24.04
N ARG D 106 -15.06 -11.67 23.61
CA ARG D 106 -16.26 -10.96 24.04
C ARG D 106 -16.61 -11.28 25.49
N ARG D 107 -16.48 -12.54 25.89
CA ARG D 107 -16.87 -12.97 27.23
C ARG D 107 -15.81 -13.90 27.79
N LEU D 108 -15.72 -13.93 29.13
CA LEU D 108 -14.83 -14.83 29.84
C LEU D 108 -15.67 -15.97 30.43
N VAL D 109 -15.30 -17.20 30.10
CA VAL D 109 -16.02 -18.37 30.57
C VAL D 109 -15.35 -18.85 31.85
N VAL D 110 -16.06 -18.77 32.97
CA VAL D 110 -15.55 -19.16 34.27
C VAL D 110 -16.19 -20.48 34.66
N ALA D 111 -15.35 -21.50 34.84
CA ALA D 111 -15.84 -22.79 35.31
C ALA D 111 -16.02 -22.78 36.81
N THR D 112 -17.01 -23.51 37.28
CA THR D 112 -17.30 -23.63 38.71
C THR D 112 -17.14 -25.07 39.15
N TYR D 113 -17.02 -25.25 40.47
CA TYR D 113 -16.87 -26.60 41.02
C TYR D 113 -18.13 -27.43 40.79
N SER D 114 -19.29 -26.79 40.72
CA SER D 114 -20.54 -27.50 40.50
C SER D 114 -20.73 -27.93 39.05
N GLY D 115 -19.91 -27.46 38.13
CA GLY D 115 -20.02 -27.84 36.74
C GLY D 115 -20.86 -26.89 35.91
N GLU D 116 -20.69 -25.60 36.14
CA GLU D 116 -21.45 -24.58 35.42
C GLU D 116 -20.50 -23.61 34.73
N PHE D 117 -20.94 -23.08 33.59
CA PHE D 117 -20.21 -22.06 32.86
C PHE D 117 -20.74 -20.69 33.28
N SER D 118 -19.91 -19.93 33.97
CA SER D 118 -20.26 -18.57 34.38
C SER D 118 -19.63 -17.61 33.39
N LEU D 119 -20.46 -16.97 32.57
CA LEU D 119 -19.99 -16.04 31.56
C LEU D 119 -19.86 -14.65 32.15
N TRP D 120 -18.93 -13.87 31.60
CA TRP D 120 -18.66 -12.52 32.07
C TRP D 120 -18.28 -11.65 30.87
N ASN D 121 -19.02 -10.58 30.67
CA ASN D 121 -18.79 -9.71 29.52
C ASN D 121 -17.46 -8.97 29.68
N ALA D 122 -16.68 -8.90 28.59
CA ALA D 122 -15.37 -8.28 28.65
C ALA D 122 -15.47 -6.76 28.75
N SER D 123 -16.43 -6.16 28.06
CA SER D 123 -16.55 -4.70 28.07
C SER D 123 -16.80 -4.19 29.47
N SER D 124 -17.93 -4.57 30.06
CA SER D 124 -18.23 -4.32 31.47
C SER D 124 -18.21 -5.68 32.16
N PHE D 125 -17.28 -5.86 33.09
CA PHE D 125 -17.04 -7.17 33.69
C PHE D 125 -18.17 -7.54 34.64
N THR D 126 -19.39 -7.68 34.11
CA THR D 126 -20.56 -7.97 34.93
C THR D 126 -21.41 -9.01 34.20
N PHE D 127 -21.69 -10.12 34.88
CA PHE D 127 -22.74 -11.06 34.46
C PHE D 127 -22.89 -12.11 35.55
N GLU D 128 -24.03 -12.79 35.52
CA GLU D 128 -24.31 -13.89 36.45
C GLU D 128 -25.00 -15.03 35.73
N THR D 129 -24.50 -15.39 34.54
CA THR D 129 -25.12 -16.43 33.72
C THR D 129 -24.56 -17.80 34.12
N LEU D 130 -25.21 -18.39 35.12
CA LEU D 130 -24.96 -19.80 35.39
C LEU D 130 -25.57 -20.64 34.28
N MET D 131 -24.89 -21.74 33.93
CA MET D 131 -25.31 -22.56 32.80
C MET D 131 -25.46 -24.04 33.13
N GLN D 132 -24.86 -24.53 34.20
CA GLN D 132 -24.89 -25.96 34.56
C GLN D 132 -24.40 -26.81 33.39
N ALA D 133 -23.13 -26.60 33.04
CA ALA D 133 -22.55 -27.26 31.88
C ALA D 133 -22.36 -28.75 32.13
N HIS D 134 -21.54 -29.10 33.12
CA HIS D 134 -21.22 -30.47 33.44
C HIS D 134 -21.90 -30.89 34.73
N ASP D 135 -21.75 -32.16 35.08
CA ASP D 135 -22.20 -32.68 36.37
C ASP D 135 -21.10 -32.58 37.43
N SER D 136 -19.90 -32.99 37.08
CA SER D 136 -18.75 -32.89 37.98
C SER D 136 -18.10 -31.52 37.80
N ALA D 137 -16.91 -31.34 38.37
CA ALA D 137 -16.22 -30.06 38.32
C ALA D 137 -15.52 -29.90 36.98
N VAL D 138 -15.85 -28.82 36.27
CA VAL D 138 -15.19 -28.52 35.01
C VAL D 138 -13.75 -28.10 35.29
N THR D 139 -12.80 -28.89 34.80
CA THR D 139 -11.39 -28.65 35.10
C THR D 139 -10.63 -27.94 33.98
N THR D 140 -11.17 -27.90 32.77
CA THR D 140 -10.49 -27.21 31.67
C THR D 140 -11.46 -26.99 30.53
N MET D 141 -11.33 -25.84 29.87
CA MET D 141 -12.05 -25.55 28.64
C MET D 141 -11.06 -25.07 27.58
N LYS D 142 -11.37 -25.35 26.32
CA LYS D 142 -10.52 -24.95 25.22
C LYS D 142 -11.38 -24.59 24.03
N TYR D 143 -11.06 -23.48 23.38
CA TYR D 143 -11.79 -23.02 22.20
C TYR D 143 -11.04 -23.40 20.94
N SER D 144 -11.80 -23.64 19.87
CA SER D 144 -11.23 -23.96 18.58
C SER D 144 -10.51 -22.75 17.99
N HIS D 145 -9.53 -23.03 17.12
CA HIS D 145 -8.76 -21.94 16.52
C HIS D 145 -9.61 -21.13 15.54
N ASP D 146 -10.63 -21.74 14.94
CA ASP D 146 -11.51 -21.05 14.02
C ASP D 146 -12.67 -20.34 14.72
N SER D 147 -12.68 -20.34 16.05
CA SER D 147 -13.67 -19.63 16.86
C SER D 147 -15.08 -20.17 16.69
N ASP D 148 -15.22 -21.44 16.27
CA ASP D 148 -16.52 -22.02 15.99
C ASP D 148 -16.90 -23.14 16.94
N TRP D 149 -16.02 -23.54 17.86
CA TRP D 149 -16.31 -24.66 18.74
C TRP D 149 -15.59 -24.47 20.06
N MET D 150 -16.08 -25.18 21.08
CA MET D 150 -15.45 -25.20 22.39
C MET D 150 -15.55 -26.61 22.96
N ILE D 151 -14.47 -27.07 23.58
CA ILE D 151 -14.43 -28.36 24.25
C ILE D 151 -14.15 -28.10 25.73
N SER D 152 -14.86 -28.83 26.60
CA SER D 152 -14.69 -28.68 28.04
C SER D 152 -14.66 -30.06 28.68
N GLY D 153 -13.69 -30.28 29.56
CA GLY D 153 -13.59 -31.52 30.30
C GLY D 153 -13.93 -31.33 31.76
N ASP D 154 -14.26 -32.42 32.45
CA ASP D 154 -14.66 -32.32 33.86
C ASP D 154 -13.90 -33.31 34.73
N ALA D 155 -14.31 -33.43 35.99
CA ALA D 155 -13.58 -34.22 36.97
C ALA D 155 -13.83 -35.71 36.86
N ASP D 156 -14.79 -36.16 36.05
CA ASP D 156 -15.05 -37.58 35.85
C ASP D 156 -14.74 -38.02 34.43
N GLY D 157 -13.83 -37.32 33.76
CA GLY D 157 -13.38 -37.72 32.44
C GLY D 157 -14.44 -37.66 31.36
N MET D 158 -15.33 -36.67 31.40
CA MET D 158 -16.33 -36.47 30.37
C MET D 158 -15.99 -35.20 29.58
N ILE D 159 -15.95 -35.33 28.26
CA ILE D 159 -15.65 -34.21 27.37
C ILE D 159 -16.95 -33.83 26.67
N LYS D 160 -17.30 -32.55 26.74
CA LYS D 160 -18.45 -32.01 26.02
C LYS D 160 -17.95 -31.04 24.96
N ILE D 161 -18.39 -31.24 23.73
CA ILE D 161 -18.06 -30.34 22.63
C ILE D 161 -19.20 -29.34 22.46
N TRP D 162 -18.87 -28.05 22.52
CA TRP D 162 -19.86 -27.00 22.58
C TRP D 162 -19.87 -26.18 21.31
N GLN D 163 -20.90 -25.37 21.18
CA GLN D 163 -21.07 -24.38 20.14
C GLN D 163 -20.88 -22.99 20.72
N PRO D 164 -20.59 -21.98 19.89
CA PRO D 164 -20.39 -20.63 20.42
C PRO D 164 -21.61 -20.10 21.18
N ASN D 165 -22.81 -20.55 20.85
CA ASN D 165 -24.01 -20.20 21.59
C ASN D 165 -24.25 -21.13 22.78
N PHE D 166 -23.28 -22.00 23.09
CA PHE D 166 -23.31 -22.86 24.27
C PHE D 166 -24.46 -23.87 24.20
N SER D 167 -24.50 -24.63 23.12
CA SER D 167 -25.44 -25.72 22.93
C SER D 167 -24.68 -27.03 22.77
N MET D 168 -25.31 -28.12 23.21
CA MET D 168 -24.73 -29.44 23.05
C MET D 168 -24.47 -29.77 21.58
N VAL D 169 -23.24 -30.16 21.28
CA VAL D 169 -22.93 -30.77 19.99
C VAL D 169 -22.47 -32.21 20.10
N LYS D 170 -21.81 -32.59 21.20
CA LYS D 170 -21.38 -33.95 21.46
C LYS D 170 -20.99 -34.05 22.92
N GLU D 171 -21.45 -35.12 23.56
CA GLU D 171 -21.14 -35.38 24.98
C GLU D 171 -20.62 -36.81 25.10
N ILE D 172 -19.31 -36.97 24.91
CA ILE D 172 -18.71 -38.28 25.07
C ILE D 172 -18.45 -38.55 26.54
N ASP D 173 -18.88 -39.71 27.02
CA ASP D 173 -18.75 -40.09 28.41
C ASP D 173 -17.53 -40.98 28.60
N ALA D 174 -16.80 -40.74 29.70
CA ALA D 174 -15.67 -41.58 30.11
C ALA D 174 -14.61 -41.65 29.01
N ALA D 175 -14.28 -40.50 28.41
CA ALA D 175 -13.15 -40.45 27.50
C ALA D 175 -11.84 -40.68 28.24
N HIS D 176 -11.79 -40.33 29.52
CA HIS D 176 -10.69 -40.65 30.41
C HIS D 176 -11.25 -41.20 31.71
N THR D 177 -10.43 -41.96 32.43
CA THR D 177 -10.87 -42.54 33.68
C THR D 177 -11.03 -41.46 34.77
N GLU D 178 -9.94 -40.78 35.10
CA GLU D 178 -9.95 -39.79 36.16
C GLU D 178 -10.23 -38.41 35.59
N SER D 179 -10.02 -37.37 36.41
CA SER D 179 -10.33 -36.01 36.02
C SER D 179 -9.48 -35.56 34.83
N ILE D 180 -10.11 -34.84 33.91
CA ILE D 180 -9.39 -34.28 32.77
C ILE D 180 -8.53 -33.12 33.23
N ARG D 181 -7.24 -33.17 32.90
CA ARG D 181 -6.31 -32.13 33.33
C ARG D 181 -6.18 -31.02 32.28
N ASP D 182 -5.83 -31.38 31.05
CA ASP D 182 -5.64 -30.40 30.00
C ASP D 182 -5.95 -31.03 28.65
N MET D 183 -6.26 -30.17 27.68
CA MET D 183 -6.53 -30.60 26.32
C MET D 183 -6.34 -29.40 25.39
N ALA D 184 -5.89 -29.69 24.16
CA ALA D 184 -5.54 -28.63 23.22
C ALA D 184 -5.99 -29.03 21.82
N PHE D 185 -6.32 -28.03 21.02
CA PHE D 185 -6.73 -28.22 19.64
C PHE D 185 -5.52 -28.28 18.72
N SER D 186 -5.73 -28.81 17.51
CA SER D 186 -4.71 -28.80 16.48
C SER D 186 -4.74 -27.48 15.73
N SER D 187 -3.80 -27.31 14.80
CA SER D 187 -3.77 -26.10 13.99
C SER D 187 -5.02 -25.98 13.13
N ASN D 188 -5.42 -27.09 12.50
CA ASN D 188 -6.57 -27.11 11.61
C ASN D 188 -7.89 -27.31 12.35
N ASP D 189 -7.84 -27.67 13.63
CA ASP D 189 -8.98 -27.88 14.52
C ASP D 189 -9.75 -29.16 14.25
N SER D 190 -9.25 -30.01 13.35
CA SER D 190 -9.90 -31.30 13.12
C SER D 190 -9.49 -32.33 14.16
N LYS D 191 -8.44 -32.08 14.92
CA LYS D 191 -7.95 -33.00 15.94
C LYS D 191 -7.73 -32.24 17.23
N PHE D 192 -7.80 -32.96 18.36
CA PHE D 192 -7.46 -32.39 19.64
C PHE D 192 -6.98 -33.48 20.58
N VAL D 193 -5.91 -33.18 21.32
CA VAL D 193 -5.32 -34.10 22.28
C VAL D 193 -5.81 -33.73 23.67
N THR D 194 -5.93 -34.74 24.53
CA THR D 194 -6.36 -34.51 25.92
C THR D 194 -5.47 -35.30 26.86
N CYS D 195 -5.37 -34.81 28.10
CA CYS D 195 -4.64 -35.49 29.16
C CYS D 195 -5.47 -35.45 30.44
N SER D 196 -5.24 -36.43 31.29
CA SER D 196 -5.99 -36.55 32.54
C SER D 196 -5.02 -36.96 33.65
N ASP D 197 -5.57 -37.29 34.82
CA ASP D 197 -4.76 -37.74 35.93
C ASP D 197 -4.11 -39.10 35.68
N ASP D 198 -4.53 -39.80 34.63
CA ASP D 198 -3.87 -41.03 34.20
C ASP D 198 -2.49 -40.69 33.64
N ASN D 199 -1.74 -41.71 33.20
CA ASN D 199 -0.47 -41.51 32.52
C ASN D 199 -0.61 -41.76 31.03
N ILE D 200 -1.74 -41.36 30.46
CA ILE D 200 -2.10 -41.66 29.08
C ILE D 200 -2.63 -40.40 28.41
N LEU D 201 -2.17 -40.16 27.18
CA LEU D 201 -2.70 -39.10 26.34
C LEU D 201 -3.42 -39.70 25.13
N LYS D 202 -4.48 -39.03 24.69
CA LYS D 202 -5.32 -39.53 23.62
C LYS D 202 -5.52 -38.47 22.55
N ILE D 203 -5.71 -38.92 21.31
CA ILE D 203 -6.01 -38.06 20.18
C ILE D 203 -7.42 -38.37 19.73
N TRP D 204 -8.16 -37.33 19.32
CA TRP D 204 -9.53 -37.48 18.88
C TRP D 204 -9.75 -36.76 17.57
N ASN D 205 -10.50 -37.39 16.66
CA ASN D 205 -10.98 -36.71 15.46
C ASN D 205 -12.14 -35.82 15.85
N PHE D 206 -11.96 -34.51 15.71
CA PHE D 206 -12.94 -33.57 16.27
C PHE D 206 -14.29 -33.66 15.58
N SER D 207 -14.33 -34.13 14.33
CA SER D 207 -15.58 -34.14 13.59
C SER D 207 -16.62 -35.03 14.25
N ASN D 208 -16.20 -36.19 14.75
CA ASN D 208 -17.12 -37.12 15.39
C ASN D 208 -16.70 -37.55 16.79
N GLY D 209 -15.57 -37.05 17.28
CA GLY D 209 -15.09 -37.48 18.58
C GLY D 209 -14.59 -38.92 18.60
N LYS D 210 -14.20 -39.44 17.44
CA LYS D 210 -13.73 -40.81 17.37
C LYS D 210 -12.42 -40.97 18.12
N GLN D 211 -12.29 -42.08 18.85
CA GLN D 211 -11.09 -42.36 19.62
C GLN D 211 -9.97 -42.76 18.67
N GLU D 212 -9.00 -41.86 18.48
CA GLU D 212 -7.84 -42.16 17.66
C GLU D 212 -6.75 -42.80 18.51
N ARG D 213 -5.53 -42.86 17.98
CA ARG D 213 -4.44 -43.54 18.67
C ARG D 213 -4.18 -42.93 20.05
N VAL D 214 -3.64 -43.75 20.93
CA VAL D 214 -3.38 -43.40 22.32
C VAL D 214 -1.88 -43.22 22.49
N LEU D 215 -1.47 -42.08 23.05
CA LEU D 215 -0.06 -41.78 23.27
C LEU D 215 0.43 -42.57 24.48
N SER D 216 0.63 -43.86 24.27
CA SER D 216 1.09 -44.74 25.34
C SER D 216 2.52 -44.36 25.73
N GLY D 217 2.73 -44.18 27.03
CA GLY D 217 4.01 -43.75 27.53
C GLY D 217 3.85 -43.10 28.89
N HIS D 218 4.92 -42.46 29.34
CA HIS D 218 4.96 -41.76 30.63
C HIS D 218 4.82 -42.72 31.79
N HIS D 219 5.28 -42.33 32.97
CA HIS D 219 5.26 -43.21 34.12
C HIS D 219 4.26 -42.81 35.21
N TRP D 220 3.88 -41.53 35.30
CA TRP D 220 3.04 -41.10 36.41
C TRP D 220 2.32 -39.81 36.06
N ASP D 221 1.00 -39.91 35.83
CA ASP D 221 0.07 -38.80 36.04
C ASP D 221 0.45 -37.57 35.23
N VAL D 222 0.27 -37.69 33.90
CA VAL D 222 0.49 -36.54 33.02
C VAL D 222 -0.33 -35.36 33.52
N LYS D 223 0.34 -34.21 33.69
CA LYS D 223 -0.27 -33.05 34.31
C LYS D 223 -0.70 -31.98 33.33
N SER D 224 -0.13 -31.94 32.13
CA SER D 224 -0.51 -30.94 31.14
C SER D 224 -0.17 -31.46 29.75
N CYS D 225 -0.80 -30.85 28.75
CA CYS D 225 -0.54 -31.17 27.35
C CYS D 225 -0.72 -29.91 26.52
N ASP D 226 -0.07 -29.88 25.37
CA ASP D 226 -0.20 -28.76 24.45
C ASP D 226 0.10 -29.21 23.04
N TRP D 227 -0.44 -28.48 22.07
CA TRP D 227 -0.24 -28.77 20.65
C TRP D 227 0.55 -27.62 20.04
N HIS D 228 1.49 -27.96 19.16
CA HIS D 228 2.25 -26.94 18.47
C HIS D 228 1.32 -26.11 17.58
N PRO D 229 1.47 -24.79 17.58
CA PRO D 229 0.53 -23.94 16.81
C PRO D 229 0.50 -24.24 15.32
N GLU D 230 1.65 -24.57 14.72
CA GLU D 230 1.73 -24.79 13.29
C GLU D 230 2.04 -26.24 12.93
N MET D 231 2.97 -26.86 13.63
CA MET D 231 3.43 -28.20 13.31
C MET D 231 2.65 -29.24 14.11
N GLY D 232 2.76 -30.49 13.66
CA GLY D 232 2.21 -31.59 14.42
C GLY D 232 3.18 -32.06 15.47
N LEU D 233 2.97 -31.63 16.70
CA LEU D 233 3.92 -31.91 17.78
C LEU D 233 3.20 -31.72 19.11
N ILE D 234 3.21 -32.76 19.95
CA ILE D 234 2.51 -32.75 21.22
C ILE D 234 3.54 -32.67 22.33
N ALA D 235 3.34 -31.73 23.26
CA ALA D 235 4.17 -31.58 24.44
C ALA D 235 3.35 -31.94 25.68
N SER D 236 3.95 -32.72 26.58
CA SER D 236 3.26 -33.19 27.76
C SER D 236 4.15 -33.03 28.99
N ALA D 237 3.51 -32.92 30.15
CA ALA D 237 4.18 -32.86 31.44
C ALA D 237 3.53 -33.86 32.37
N SER D 238 4.34 -34.56 33.15
CA SER D 238 3.85 -35.59 34.05
C SER D 238 4.56 -35.47 35.40
N LYS D 239 4.15 -36.32 36.34
CA LYS D 239 4.79 -36.41 37.64
C LYS D 239 6.09 -37.21 37.60
N ASP D 240 6.43 -37.79 36.45
CA ASP D 240 7.65 -38.59 36.31
C ASP D 240 8.90 -37.74 36.11
N ASN D 241 8.82 -36.44 36.40
CA ASN D 241 9.95 -35.52 36.23
C ASN D 241 10.46 -35.53 34.78
N LEU D 242 9.53 -35.51 33.83
CA LEU D 242 9.89 -35.59 32.42
C LEU D 242 8.91 -34.77 31.60
N VAL D 243 9.44 -34.01 30.65
CA VAL D 243 8.64 -33.35 29.62
C VAL D 243 8.89 -34.09 28.32
N LYS D 244 7.83 -34.62 27.73
CA LYS D 244 7.94 -35.49 26.57
C LYS D 244 7.33 -34.82 25.35
N LEU D 245 7.99 -34.96 24.21
CA LEU D 245 7.47 -34.53 22.92
C LEU D 245 6.95 -35.76 22.19
N TRP D 246 5.72 -35.69 21.69
CA TRP D 246 5.04 -36.82 21.10
C TRP D 246 4.82 -36.60 19.61
N ASP D 247 4.12 -37.56 19.01
CA ASP D 247 3.82 -37.56 17.58
C ASP D 247 2.31 -37.67 17.38
N PRO D 248 1.65 -36.65 16.82
CA PRO D 248 0.21 -36.78 16.54
C PRO D 248 -0.13 -37.83 15.51
N ARG D 249 0.84 -38.30 14.72
CA ARG D 249 0.59 -39.28 13.67
C ARG D 249 1.17 -40.64 14.02
N SER D 250 2.47 -40.72 14.34
CA SER D 250 3.05 -42.01 14.70
C SER D 250 2.66 -42.45 16.11
N GLY D 251 2.33 -41.52 16.99
CA GLY D 251 1.88 -41.87 18.32
C GLY D 251 2.93 -42.35 19.27
N ASN D 252 4.21 -42.24 18.91
CA ASN D 252 5.30 -42.68 19.77
C ASN D 252 6.10 -41.47 20.23
N CYS D 253 6.67 -41.57 21.43
CA CYS D 253 7.46 -40.49 21.99
C CYS D 253 8.69 -40.23 21.12
N ILE D 254 8.72 -39.09 20.44
CA ILE D 254 9.85 -38.76 19.59
C ILE D 254 11.01 -38.18 20.38
N SER D 255 10.75 -37.56 21.53
CA SER D 255 11.81 -36.99 22.35
C SER D 255 11.29 -36.81 23.76
N SER D 256 12.22 -36.67 24.69
CA SER D 256 11.90 -36.44 26.10
C SER D 256 12.92 -35.50 26.70
N ILE D 257 12.48 -34.65 27.62
CA ILE D 257 13.34 -33.67 28.26
C ILE D 257 13.48 -34.08 29.72
N LEU D 258 14.72 -34.32 30.15
CA LEU D 258 15.04 -34.65 31.54
C LEU D 258 15.85 -33.51 32.14
N LYS D 259 15.14 -32.49 32.62
CA LYS D 259 15.79 -31.34 33.24
C LYS D 259 15.06 -30.85 34.48
N PHE D 260 13.99 -31.53 34.92
CA PHE D 260 13.22 -31.15 36.09
C PHE D 260 13.37 -32.23 37.16
N LYS D 261 13.57 -31.79 38.40
CA LYS D 261 13.79 -32.70 39.52
C LYS D 261 12.51 -33.03 40.28
N HIS D 262 11.35 -32.61 39.77
CA HIS D 262 10.08 -32.93 40.39
C HIS D 262 9.00 -32.88 39.31
N THR D 263 7.75 -33.05 39.73
CA THR D 263 6.64 -33.10 38.77
C THR D 263 6.52 -31.79 38.02
N VAL D 264 6.37 -31.89 36.70
CA VAL D 264 6.22 -30.72 35.84
C VAL D 264 4.73 -30.36 35.78
N LEU D 265 4.38 -29.17 36.26
CA LEU D 265 2.98 -28.82 36.42
C LEU D 265 2.33 -28.50 35.08
N LYS D 266 3.01 -27.74 34.22
CA LYS D 266 2.39 -27.27 32.99
C LYS D 266 3.43 -27.15 31.89
N THR D 267 2.98 -27.29 30.65
CA THR D 267 3.78 -27.03 29.46
C THR D 267 2.92 -26.27 28.46
N ARG D 268 3.53 -25.28 27.80
CA ARG D 268 2.84 -24.48 26.80
C ARG D 268 3.81 -24.09 25.70
N PHE D 269 3.37 -24.26 24.46
CA PHE D 269 4.10 -23.71 23.32
C PHE D 269 3.80 -22.22 23.18
N GLN D 270 4.65 -21.53 22.46
CA GLN D 270 4.39 -20.12 22.16
C GLN D 270 3.23 -20.04 21.18
N PRO D 271 2.14 -19.35 21.51
CA PRO D 271 0.91 -19.51 20.72
C PRO D 271 1.03 -19.07 19.27
N THR D 272 1.80 -18.02 18.99
CA THR D 272 1.86 -17.49 17.63
C THR D 272 2.83 -18.26 16.76
N LYS D 273 4.11 -18.28 17.13
CA LYS D 273 5.14 -18.89 16.29
C LYS D 273 5.46 -20.32 16.72
N GLY D 274 5.37 -20.64 18.00
CA GLY D 274 5.66 -21.97 18.46
C GLY D 274 7.13 -22.32 18.57
N ASN D 275 8.03 -21.34 18.36
CA ASN D 275 9.45 -21.62 18.42
C ASN D 275 9.94 -21.94 19.82
N LEU D 276 9.12 -21.68 20.84
CA LEU D 276 9.51 -21.86 22.23
C LEU D 276 8.54 -22.80 22.92
N LEU D 277 8.99 -23.35 24.05
CA LEU D 277 8.18 -24.24 24.87
C LEU D 277 8.54 -24.03 26.32
N MET D 278 7.57 -23.65 27.14
CA MET D 278 7.79 -23.50 28.57
C MET D 278 7.40 -24.78 29.31
N ALA D 279 7.86 -24.86 30.56
CA ALA D 279 7.49 -25.93 31.47
C ALA D 279 7.90 -25.50 32.87
N ILE D 280 7.00 -25.69 33.83
CA ILE D 280 7.26 -25.37 35.23
C ILE D 280 7.08 -26.63 36.05
N SER D 281 7.98 -26.84 37.00
CA SER D 281 7.97 -28.03 37.84
C SER D 281 7.76 -27.64 39.29
N LYS D 282 7.63 -28.67 40.14
CA LYS D 282 7.53 -28.45 41.58
C LYS D 282 8.86 -28.20 42.23
N ASP D 283 9.96 -28.29 41.48
CA ASP D 283 11.28 -27.90 41.98
C ASP D 283 11.51 -26.39 41.89
N LYS D 284 10.43 -25.62 41.70
CA LYS D 284 10.47 -24.16 41.72
C LYS D 284 11.32 -23.59 40.58
N SER D 285 11.39 -24.27 39.45
CA SER D 285 12.18 -23.82 38.32
C SER D 285 11.31 -23.73 37.07
N CYS D 286 11.49 -22.64 36.33
CA CYS D 286 10.84 -22.45 35.04
C CYS D 286 11.90 -22.46 33.95
N ARG D 287 11.73 -23.30 32.94
CA ARG D 287 12.70 -23.47 31.88
C ARG D 287 12.04 -23.25 30.53
N VAL D 288 12.74 -22.53 29.65
CA VAL D 288 12.27 -22.24 28.30
C VAL D 288 13.17 -22.97 27.32
N PHE D 289 12.57 -23.76 26.45
CA PHE D 289 13.31 -24.58 25.49
C PHE D 289 13.05 -24.08 24.08
N ASP D 290 14.13 -23.81 23.34
CA ASP D 290 14.04 -23.42 21.93
C ASP D 290 14.06 -24.69 21.08
N ILE D 291 12.91 -25.04 20.51
CA ILE D 291 12.81 -26.27 19.75
C ILE D 291 13.58 -26.20 18.43
N ARG D 292 13.97 -25.00 18.01
CA ARG D 292 14.67 -24.85 16.74
C ARG D 292 16.02 -25.54 16.76
N TYR D 293 16.74 -25.46 17.87
CA TYR D 293 18.07 -26.06 18.00
C TYR D 293 18.06 -27.09 19.12
N SER D 294 17.63 -28.30 18.79
CA SER D 294 17.73 -29.49 19.64
C SER D 294 17.42 -29.18 21.11
N MET D 295 16.18 -28.73 21.34
CA MET D 295 15.68 -28.47 22.70
C MET D 295 16.59 -27.52 23.46
N LYS D 296 17.05 -26.47 22.79
CA LYS D 296 17.99 -25.54 23.40
C LYS D 296 17.32 -24.80 24.56
N GLU D 297 17.84 -25.02 25.77
CA GLU D 297 17.35 -24.32 26.94
C GLU D 297 17.84 -22.87 26.91
N LEU D 298 16.91 -21.94 27.14
CA LEU D 298 17.24 -20.52 27.13
C LEU D 298 17.15 -19.87 28.51
N MET D 299 16.25 -20.32 29.37
CA MET D 299 16.09 -19.78 30.70
C MET D 299 16.02 -20.89 31.73
N CYS D 300 16.49 -20.57 32.94
CA CYS D 300 16.28 -21.43 34.11
C CYS D 300 16.19 -20.49 35.31
N VAL D 301 14.97 -20.12 35.68
CA VAL D 301 14.71 -19.22 36.78
C VAL D 301 14.16 -20.03 37.95
N ARG D 302 14.86 -19.98 39.08
CA ARG D 302 14.47 -20.72 40.28
C ARG D 302 13.96 -19.75 41.32
N ASP D 303 12.75 -19.99 41.82
CA ASP D 303 12.10 -19.14 42.80
C ASP D 303 12.04 -19.85 44.14
N GLU D 304 11.72 -19.07 45.18
CA GLU D 304 11.50 -19.62 46.51
C GLU D 304 10.06 -20.13 46.70
N THR D 305 9.13 -19.66 45.89
CA THR D 305 7.74 -20.08 45.95
C THR D 305 7.39 -20.92 44.72
N ASP D 306 6.47 -21.85 44.90
CA ASP D 306 6.12 -22.78 43.83
C ASP D 306 5.40 -22.06 42.69
N TYR D 307 5.82 -22.34 41.47
CA TYR D 307 5.07 -21.91 40.30
C TYR D 307 3.85 -22.81 40.13
N MET D 308 2.69 -22.19 39.90
CA MET D 308 1.44 -22.93 39.76
C MET D 308 0.99 -23.04 38.32
N THR D 309 0.87 -21.93 37.60
CA THR D 309 0.45 -21.95 36.21
C THR D 309 1.18 -20.86 35.45
N LEU D 310 1.23 -21.02 34.14
CA LEU D 310 1.92 -20.10 33.25
C LEU D 310 1.00 -19.75 32.08
N GLU D 311 1.36 -18.69 31.36
CA GLU D 311 0.60 -18.26 30.19
C GLU D 311 1.47 -17.34 29.35
N TRP D 312 1.66 -17.70 28.08
CA TRP D 312 2.35 -16.81 27.15
C TRP D 312 1.48 -15.61 26.83
N HIS D 313 2.13 -14.52 26.43
CA HIS D 313 1.40 -13.38 25.89
C HIS D 313 0.84 -13.74 24.52
N PRO D 314 -0.42 -13.39 24.25
CA PRO D 314 -1.03 -13.80 22.97
C PRO D 314 -0.49 -13.05 21.76
N ILE D 315 0.13 -11.89 21.94
CA ILE D 315 0.60 -11.06 20.84
C ILE D 315 2.12 -11.04 20.77
N ASN D 316 2.79 -10.61 21.84
CA ASN D 316 4.22 -10.42 21.85
C ASN D 316 4.90 -11.71 22.32
N GLU D 317 5.77 -12.27 21.48
CA GLU D 317 6.54 -13.42 21.88
C GLU D 317 7.58 -13.01 22.94
N SER D 318 8.22 -14.03 23.52
CA SER D 318 9.27 -13.85 24.52
C SER D 318 8.72 -13.22 25.79
N MET D 319 7.41 -13.00 25.86
CA MET D 319 6.77 -12.43 27.04
C MET D 319 5.78 -13.44 27.60
N PHE D 320 5.84 -13.68 28.90
CA PHE D 320 4.94 -14.62 29.55
C PHE D 320 4.79 -14.25 31.01
N THR D 321 3.77 -14.81 31.65
CA THR D 321 3.46 -14.56 33.03
C THR D 321 3.47 -15.88 33.81
N LEU D 322 4.07 -15.85 35.00
CA LEU D 322 4.09 -16.99 35.90
C LEU D 322 3.30 -16.67 37.16
N ALA D 323 2.46 -17.62 37.58
CA ALA D 323 1.65 -17.49 38.78
C ALA D 323 2.23 -18.36 39.88
N CYS D 324 2.40 -17.77 41.06
CA CYS D 324 3.05 -18.45 42.17
C CYS D 324 2.02 -18.92 43.20
N TYR D 325 2.50 -19.71 44.16
CA TYR D 325 1.65 -20.27 45.21
C TYR D 325 1.22 -19.23 46.24
N ASP D 326 1.80 -18.04 46.22
CA ASP D 326 1.46 -16.98 47.15
C ASP D 326 0.98 -15.73 46.40
N GLY D 327 0.24 -15.95 45.32
CA GLY D 327 -0.06 -14.87 44.40
C GLY D 327 1.16 -14.54 43.58
N SER D 328 1.65 -13.31 43.69
CA SER D 328 2.95 -12.92 43.15
C SER D 328 3.05 -13.22 41.65
N LEU D 329 2.20 -12.53 40.89
CA LEU D 329 2.30 -12.60 39.44
C LEU D 329 3.66 -12.07 38.98
N LYS D 330 4.33 -12.85 38.13
CA LYS D 330 5.66 -12.51 37.65
C LYS D 330 5.66 -12.52 36.13
N HIS D 331 5.92 -11.36 35.53
CA HIS D 331 5.98 -11.20 34.09
C HIS D 331 7.44 -11.23 33.66
N PHE D 332 7.75 -12.13 32.72
CA PHE D 332 9.10 -12.31 32.24
C PHE D 332 9.22 -11.83 30.80
N ASP D 333 10.46 -11.57 30.39
CA ASP D 333 10.77 -11.16 29.02
C ASP D 333 12.08 -11.82 28.63
N LEU D 334 12.06 -12.65 27.59
CA LEU D 334 13.26 -13.37 27.18
C LEU D 334 14.35 -12.40 26.71
N LEU D 335 13.96 -11.33 26.03
CA LEU D 335 14.91 -10.37 25.47
C LEU D 335 15.36 -9.31 26.46
N GLN D 336 14.73 -9.25 27.64
CA GLN D 336 15.11 -8.26 28.64
C GLN D 336 15.89 -8.85 29.81
N ASN D 337 15.49 -10.04 30.29
CA ASN D 337 16.15 -10.65 31.43
C ASN D 337 15.92 -12.15 31.39
N LEU D 338 17.01 -12.91 31.46
CA LEU D 338 16.95 -14.36 31.46
C LEU D 338 17.12 -14.96 32.85
N ASN D 339 17.06 -14.14 33.90
CA ASN D 339 17.26 -14.64 35.25
C ASN D 339 16.19 -14.15 36.21
N GLU D 340 15.60 -13.00 35.93
CA GLU D 340 14.63 -12.37 36.82
C GLU D 340 13.46 -11.84 36.01
N PRO D 341 12.27 -11.79 36.62
CA PRO D 341 11.13 -11.19 35.92
C PRO D 341 11.31 -9.69 35.74
N ILE D 342 10.73 -9.17 34.65
CA ILE D 342 10.78 -7.73 34.40
C ILE D 342 9.71 -6.98 35.17
N LEU D 343 8.73 -7.68 35.72
CA LEU D 343 7.69 -7.05 36.54
C LEU D 343 7.13 -8.09 37.50
N THR D 344 7.05 -7.73 38.77
CA THR D 344 6.51 -8.60 39.80
C THR D 344 5.37 -7.88 40.51
N ILE D 345 4.21 -8.52 40.54
CA ILE D 345 3.08 -8.05 41.33
C ILE D 345 2.98 -8.96 42.55
N PRO D 346 3.67 -8.64 43.65
CA PRO D 346 3.87 -9.63 44.71
C PRO D 346 2.59 -10.12 45.37
N TYR D 347 1.50 -9.37 45.31
CA TYR D 347 0.26 -9.73 45.99
C TYR D 347 -0.92 -9.59 45.05
N ALA D 348 -0.77 -10.14 43.84
CA ALA D 348 -1.84 -10.08 42.85
C ALA D 348 -3.10 -10.81 43.32
N HIS D 349 -2.96 -11.76 44.24
CA HIS D 349 -4.11 -12.48 44.77
C HIS D 349 -3.86 -12.81 46.23
N ASP D 350 -4.96 -13.04 46.95
CA ASP D 350 -4.85 -13.37 48.37
C ASP D 350 -4.31 -14.78 48.58
N LYS D 351 -4.69 -15.73 47.74
CA LYS D 351 -4.21 -17.09 47.85
C LYS D 351 -3.52 -17.52 46.56
N CYS D 352 -3.15 -18.79 46.45
CA CYS D 352 -2.43 -19.28 45.28
C CYS D 352 -3.25 -19.09 44.02
N ILE D 353 -2.62 -18.56 42.98
CA ILE D 353 -3.28 -18.31 41.71
C ILE D 353 -3.34 -19.61 40.92
N THR D 354 -4.54 -19.96 40.44
CA THR D 354 -4.75 -21.24 39.78
C THR D 354 -5.01 -21.13 38.29
N SER D 355 -5.42 -19.97 37.79
CA SER D 355 -5.78 -19.84 36.39
C SER D 355 -5.38 -18.47 35.88
N LEU D 356 -4.67 -18.45 34.76
CA LEU D 356 -4.32 -17.22 34.04
C LEU D 356 -4.93 -17.29 32.64
N SER D 357 -5.58 -16.21 32.22
CA SER D 357 -6.17 -16.17 30.89
C SER D 357 -5.92 -14.80 30.28
N TYR D 358 -5.39 -14.80 29.06
CA TYR D 358 -5.18 -13.58 28.29
C TYR D 358 -6.33 -13.38 27.32
N ASN D 359 -6.82 -12.15 27.25
CA ASN D 359 -7.77 -11.80 26.22
C ASN D 359 -7.12 -11.99 24.86
N PRO D 360 -7.77 -12.67 23.91
CA PRO D 360 -7.15 -12.82 22.58
C PRO D 360 -6.87 -11.49 21.91
N VAL D 361 -7.67 -10.46 22.19
CA VAL D 361 -7.34 -9.12 21.72
C VAL D 361 -6.06 -8.62 22.39
N GLY D 362 -5.80 -9.07 23.62
CA GLY D 362 -4.57 -8.75 24.31
C GLY D 362 -4.65 -7.57 25.26
N HIS D 363 -5.81 -6.94 25.40
CA HIS D 363 -5.95 -5.75 26.23
C HIS D 363 -6.39 -6.06 27.66
N ILE D 364 -6.77 -7.29 27.96
CA ILE D 364 -7.23 -7.67 29.29
C ILE D 364 -6.55 -8.96 29.71
N PHE D 365 -6.08 -9.00 30.96
CA PHE D 365 -5.53 -10.20 31.56
C PHE D 365 -6.43 -10.62 32.72
N ALA D 366 -6.88 -11.88 32.70
CA ALA D 366 -7.78 -12.40 33.72
C ALA D 366 -7.06 -13.44 34.56
N THR D 367 -7.12 -13.29 35.88
CA THR D 367 -6.47 -14.20 36.81
C THR D 367 -7.49 -14.68 37.83
N ALA D 368 -7.42 -15.97 38.15
CA ALA D 368 -8.27 -16.58 39.16
C ALA D 368 -7.40 -17.32 40.16
N ALA D 369 -7.81 -17.29 41.42
CA ALA D 369 -7.04 -17.95 42.48
C ALA D 369 -7.96 -18.79 43.37
N LYS D 370 -7.40 -19.31 44.46
CA LYS D 370 -8.17 -20.15 45.38
C LYS D 370 -8.98 -19.35 46.39
N ASP D 371 -8.88 -18.02 46.37
CA ASP D 371 -9.72 -17.18 47.21
C ASP D 371 -11.11 -16.97 46.63
N ARG D 372 -11.49 -17.77 45.63
CA ARG D 372 -12.83 -17.72 45.03
C ARG D 372 -13.12 -16.35 44.44
N THR D 373 -12.12 -15.75 43.80
CA THR D 373 -12.29 -14.44 43.16
C THR D 373 -11.61 -14.45 41.80
N ILE D 374 -12.10 -13.58 40.92
CA ILE D 374 -11.57 -13.41 39.57
C ILE D 374 -11.13 -11.96 39.43
N ARG D 375 -9.87 -11.77 39.03
CA ARG D 375 -9.29 -10.44 38.90
C ARG D 375 -8.88 -10.19 37.46
N PHE D 376 -9.13 -8.97 36.98
CA PHE D 376 -8.85 -8.58 35.62
C PHE D 376 -7.76 -7.53 35.60
N TRP D 377 -6.85 -7.65 34.63
CA TRP D 377 -5.71 -6.75 34.51
C TRP D 377 -5.66 -6.17 33.10
N THR D 378 -5.39 -4.87 33.02
CA THR D 378 -5.27 -4.17 31.76
C THR D 378 -3.88 -3.55 31.63
N ARG D 379 -3.62 -2.94 30.49
CA ARG D 379 -2.35 -2.28 30.26
C ARG D 379 -2.26 -0.98 31.06
N ALA D 380 -1.04 -0.56 31.32
CA ALA D 380 -0.82 0.65 32.11
C ALA D 380 -1.21 1.90 31.32
N ARG D 381 -1.58 2.94 32.05
CA ARG D 381 -1.89 4.25 31.53
C ARG D 381 -0.65 5.14 31.61
N PRO D 382 -0.58 6.21 30.79
CA PRO D 382 0.60 7.08 30.84
C PRO D 382 0.89 7.62 32.23
N ILE D 383 -0.12 8.17 32.91
CA ILE D 383 0.01 8.55 34.31
C ILE D 383 -1.24 8.14 35.09
N ASP D 384 -1.04 7.41 36.18
CA ASP D 384 -2.09 7.15 37.15
C ASP D 384 -1.51 7.11 38.55
N PRO D 385 -2.20 7.68 39.55
CA PRO D 385 -1.59 7.81 40.88
C PRO D 385 -1.21 6.50 41.53
N ASN D 386 -2.00 5.44 41.35
CA ASN D 386 -1.68 4.17 41.99
C ASN D 386 -0.41 3.55 41.41
N ALA D 387 -0.35 3.46 40.08
CA ALA D 387 0.80 2.90 39.35
C ALA D 387 1.11 1.52 39.93
N TYR D 388 2.38 1.20 40.21
CA TYR D 388 2.75 -0.06 40.84
C TYR D 388 2.75 0.04 42.36
N ASP D 389 1.65 0.55 42.92
CA ASP D 389 1.50 0.69 44.37
C ASP D 389 -0.02 0.70 44.63
N ASP D 390 -0.53 -0.46 45.03
CA ASP D 390 -1.97 -0.65 45.18
C ASP D 390 -2.18 -1.87 46.07
N PRO D 391 -3.43 -2.12 46.50
CA PRO D 391 -3.70 -3.34 47.28
C PRO D 391 -3.28 -4.64 46.57
N THR D 392 -2.88 -4.52 45.30
CA THR D 392 -2.29 -5.66 44.59
C THR D 392 -0.77 -5.64 44.69
N TYR D 393 -0.16 -4.46 44.52
CA TYR D 393 1.29 -4.36 44.65
C TYR D 393 1.71 -4.33 46.12
N ASN D 394 0.89 -3.76 47.00
CA ASN D 394 1.12 -3.83 48.43
C ASN D 394 -0.09 -4.48 49.10
N ASN D 395 -0.14 -4.48 50.43
CA ASN D 395 -1.27 -5.06 51.16
C ASN D 395 -1.96 -3.96 51.94
N LYS D 396 -3.10 -3.48 51.41
CA LYS D 396 -3.97 -2.56 52.15
C LYS D 396 -5.40 -2.84 51.70
N LYS D 397 -6.07 -3.73 52.42
CA LYS D 397 -7.45 -4.15 52.12
C LYS D 397 -7.51 -4.61 50.66
N ILE D 398 -8.67 -4.47 50.02
CA ILE D 398 -8.84 -4.77 48.61
C ILE D 398 -10.11 -4.11 48.10
N ASN D 399 -10.07 -3.61 46.86
CA ASN D 399 -11.20 -2.95 46.23
C ASN D 399 -10.86 -2.74 44.76
N GLY D 400 -11.90 -2.52 43.96
CA GLY D 400 -11.71 -2.25 42.54
C GLY D 400 -12.31 -0.92 42.12
N TRP D 401 -13.04 -0.27 43.02
CA TRP D 401 -13.66 1.03 42.77
C TRP D 401 -14.61 0.96 41.56
N PHE D 402 -15.66 0.15 41.73
CA PHE D 402 -16.66 -0.04 40.67
C PHE D 402 -17.76 1.02 40.74
N PHE D 403 -17.34 2.29 40.82
CA PHE D 403 -18.28 3.40 40.80
C PHE D 403 -17.78 4.58 39.98
N GLY D 404 -16.63 4.45 39.31
CA GLY D 404 -16.04 5.55 38.58
C GLY D 404 -16.38 5.52 37.10
N ILE D 405 -15.86 6.54 36.40
CA ILE D 405 -16.05 6.69 34.96
C ILE D 405 -14.71 6.81 34.24
N ASN D 406 -13.65 6.25 34.80
CA ASN D 406 -12.33 6.33 34.20
C ASN D 406 -11.52 5.13 34.66
N ASN D 407 -10.27 5.06 34.19
CA ASN D 407 -9.33 4.02 34.58
C ASN D 407 -8.38 4.48 35.68
N ASP D 408 -7.79 5.66 35.52
CA ASP D 408 -6.90 6.22 36.53
C ASP D 408 -7.72 6.75 37.70
N ILE D 409 -7.36 6.33 38.91
CA ILE D 409 -8.05 6.75 40.13
C ILE D 409 -7.10 7.63 40.94
N ASN D 410 -7.56 8.81 41.31
CA ASN D 410 -6.73 9.75 42.06
C ASN D 410 -6.44 9.22 43.45
N ALA D 411 -5.16 9.25 43.83
CA ALA D 411 -4.70 8.80 45.15
C ALA D 411 -5.17 7.39 45.47
#